data_2YQE
#
_entry.id   2YQE
#
_entity_poly.entity_id   1
_entity_poly.type   'polypeptide(L)'
_entity_poly.pdbx_seq_one_letter_code
;GSSGSSGTRVKLNYLDQIAKFWEIQGSSLKIPNVERKILDLYSLSKIVIEEGGYEAICKDRRWARVAQRLHYPPGKNIGS
LLRSHYERIIYPYEMFQSGA
;
_entity_poly.pdbx_strand_id   A
#
# COMPACT_ATOMS: atom_id res chain seq x y z
N GLY A 1 -30.82 15.84 -3.36
CA GLY A 1 -30.42 17.18 -3.00
C GLY A 1 -29.10 17.59 -3.63
N SER A 2 -28.00 17.29 -2.94
CA SER A 2 -26.68 17.63 -3.44
C SER A 2 -25.73 16.44 -3.34
N SER A 3 -24.72 16.42 -4.20
CA SER A 3 -23.75 15.33 -4.22
C SER A 3 -22.32 15.87 -4.25
N GLY A 4 -21.36 14.99 -3.98
CA GLY A 4 -19.97 15.41 -3.98
C GLY A 4 -19.12 14.56 -4.91
N SER A 5 -17.93 14.19 -4.45
CA SER A 5 -17.01 13.38 -5.25
C SER A 5 -15.84 12.91 -4.41
N SER A 6 -15.48 11.63 -4.56
CA SER A 6 -14.38 11.05 -3.81
C SER A 6 -13.09 11.84 -4.05
N GLY A 7 -12.32 12.05 -2.99
CA GLY A 7 -11.08 12.79 -3.09
C GLY A 7 -10.01 12.26 -2.16
N THR A 8 -9.31 13.18 -1.49
CA THR A 8 -8.25 12.79 -0.57
C THR A 8 -8.77 12.70 0.86
N ARG A 9 -9.98 12.19 1.02
CA ARG A 9 -10.60 12.05 2.32
C ARG A 9 -10.05 10.82 3.05
N VAL A 10 -10.49 9.64 2.62
CA VAL A 10 -10.04 8.39 3.21
C VAL A 10 -8.55 8.17 3.00
N LYS A 11 -8.08 8.50 1.81
CA LYS A 11 -6.67 8.35 1.47
C LYS A 11 -5.79 8.75 2.63
N LEU A 12 -6.29 9.65 3.48
CA LEU A 12 -5.54 10.11 4.64
C LEU A 12 -5.68 9.15 5.80
N ASN A 13 -6.89 8.64 6.00
CA ASN A 13 -7.17 7.71 7.08
C ASN A 13 -6.09 6.63 7.14
N TYR A 14 -5.67 6.15 5.98
CA TYR A 14 -4.64 5.11 5.90
C TYR A 14 -3.34 5.58 6.53
N LEU A 15 -2.94 6.81 6.23
CA LEU A 15 -1.71 7.38 6.78
C LEU A 15 -1.83 7.55 8.28
N ASP A 16 -2.91 8.20 8.73
CA ASP A 16 -3.14 8.44 10.14
C ASP A 16 -3.25 7.12 10.90
N GLN A 17 -3.83 6.11 10.25
CA GLN A 17 -3.99 4.80 10.87
C GLN A 17 -2.65 4.11 11.06
N ILE A 18 -1.98 3.82 9.95
CA ILE A 18 -0.68 3.16 9.99
C ILE A 18 0.30 3.94 10.85
N ALA A 19 0.18 5.27 10.83
CA ALA A 19 1.05 6.14 11.61
C ALA A 19 0.79 5.99 13.10
N LYS A 20 -0.45 6.25 13.50
CA LYS A 20 -0.83 6.15 14.91
C LYS A 20 -0.30 4.85 15.52
N PHE A 21 -0.07 3.85 14.67
CA PHE A 21 0.43 2.56 15.14
C PHE A 21 1.96 2.58 15.23
N TRP A 22 2.59 3.17 14.23
CA TRP A 22 4.05 3.25 14.19
C TRP A 22 4.57 4.27 15.22
N GLU A 23 4.13 5.51 15.09
CA GLU A 23 4.54 6.57 16.00
C GLU A 23 4.61 6.06 17.43
N ILE A 24 3.74 5.10 17.75
CA ILE A 24 3.70 4.52 19.09
C ILE A 24 4.88 3.58 19.33
N GLN A 25 5.05 2.64 18.41
CA GLN A 25 6.15 1.67 18.51
C GLN A 25 7.47 2.39 18.79
N GLY A 26 7.67 3.52 18.14
CA GLY A 26 8.90 4.28 18.33
C GLY A 26 9.48 4.78 17.01
N SER A 27 9.53 3.92 16.02
CA SER A 27 10.06 4.27 14.71
C SER A 27 9.02 5.01 13.88
N SER A 28 9.32 6.25 13.51
CA SER A 28 8.40 7.06 12.72
C SER A 28 8.05 6.36 11.41
N LEU A 29 6.86 6.65 10.90
CA LEU A 29 6.40 6.04 9.65
C LEU A 29 7.05 6.71 8.45
N LYS A 30 7.81 5.93 7.68
CA LYS A 30 8.49 6.44 6.49
C LYS A 30 8.02 5.72 5.24
N ILE A 31 7.88 6.47 4.15
CA ILE A 31 7.44 5.89 2.88
C ILE A 31 8.59 5.81 1.89
N PRO A 32 8.78 4.62 1.31
CA PRO A 32 9.84 4.38 0.33
C PRO A 32 9.59 5.09 -1.00
N ASN A 33 10.66 5.39 -1.73
CA ASN A 33 10.54 6.06 -3.01
C ASN A 33 10.70 5.08 -4.17
N VAL A 34 9.61 4.85 -4.90
CA VAL A 34 9.63 3.93 -6.02
C VAL A 34 9.28 4.64 -7.32
N GLU A 35 10.04 4.38 -8.37
CA GLU A 35 9.81 5.00 -9.67
C GLU A 35 9.94 6.51 -9.58
N ARG A 36 11.07 6.97 -9.05
CA ARG A 36 11.32 8.40 -8.91
C ARG A 36 10.04 9.14 -8.53
N LYS A 37 9.26 8.55 -7.63
CA LYS A 37 8.02 9.15 -7.18
C LYS A 37 7.55 8.53 -5.88
N ILE A 38 6.81 9.29 -5.09
CA ILE A 38 6.29 8.81 -3.81
C ILE A 38 5.35 7.64 -4.01
N LEU A 39 5.45 6.63 -3.14
CA LEU A 39 4.61 5.46 -3.22
C LEU A 39 3.31 5.66 -2.45
N ASP A 40 2.19 5.36 -3.10
CA ASP A 40 0.88 5.51 -2.48
C ASP A 40 0.46 4.23 -1.76
N LEU A 41 1.08 3.96 -0.62
CA LEU A 41 0.78 2.77 0.16
C LEU A 41 -0.72 2.60 0.34
N TYR A 42 -1.46 3.69 0.18
CA TYR A 42 -2.91 3.67 0.32
C TYR A 42 -3.56 2.94 -0.85
N SER A 43 -3.11 3.25 -2.06
CA SER A 43 -3.65 2.62 -3.27
C SER A 43 -3.32 1.13 -3.29
N LEU A 44 -2.04 0.81 -3.13
CA LEU A 44 -1.60 -0.58 -3.13
C LEU A 44 -2.46 -1.43 -2.21
N SER A 45 -2.47 -1.08 -0.93
CA SER A 45 -3.24 -1.82 0.06
C SER A 45 -4.71 -1.89 -0.34
N LYS A 46 -5.30 -0.72 -0.63
CA LYS A 46 -6.70 -0.66 -1.04
C LYS A 46 -7.00 -1.68 -2.13
N ILE A 47 -6.33 -1.55 -3.26
CA ILE A 47 -6.52 -2.46 -4.38
C ILE A 47 -6.54 -3.91 -3.91
N VAL A 48 -5.42 -4.37 -3.38
CA VAL A 48 -5.31 -5.74 -2.88
C VAL A 48 -6.59 -6.17 -2.16
N ILE A 49 -6.89 -5.49 -1.05
CA ILE A 49 -8.09 -5.81 -0.28
C ILE A 49 -9.29 -6.05 -1.19
N GLU A 50 -9.47 -5.17 -2.16
CA GLU A 50 -10.58 -5.29 -3.11
C GLU A 50 -10.42 -6.55 -3.97
N GLU A 51 -9.28 -6.68 -4.62
CA GLU A 51 -9.01 -7.82 -5.48
C GLU A 51 -9.55 -9.10 -4.84
N GLY A 52 -9.18 -9.33 -3.59
CA GLY A 52 -9.64 -10.52 -2.88
C GLY A 52 -8.72 -10.91 -1.75
N GLY A 53 -8.13 -9.92 -1.09
CA GLY A 53 -7.22 -10.19 0.02
C GLY A 53 -5.78 -10.29 -0.43
N TYR A 54 -4.90 -10.58 0.50
CA TYR A 54 -3.47 -10.70 0.19
C TYR A 54 -3.14 -12.13 -0.24
N GLU A 55 -3.60 -13.11 0.53
CA GLU A 55 -3.35 -14.51 0.22
C GLU A 55 -3.86 -14.86 -1.17
N ALA A 56 -5.04 -14.33 -1.52
CA ALA A 56 -5.64 -14.60 -2.82
C ALA A 56 -4.77 -14.05 -3.94
N ILE A 57 -4.69 -12.73 -4.03
CA ILE A 57 -3.89 -12.08 -5.06
C ILE A 57 -2.46 -12.62 -5.08
N CYS A 58 -1.98 -13.03 -3.91
CA CYS A 58 -0.63 -13.57 -3.79
C CYS A 58 -0.53 -14.94 -4.45
N LYS A 59 -1.56 -15.77 -4.23
CA LYS A 59 -1.60 -17.11 -4.80
C LYS A 59 -1.70 -17.06 -6.32
N ASP A 60 -2.46 -16.08 -6.82
CA ASP A 60 -2.64 -15.92 -8.26
C ASP A 60 -1.61 -14.96 -8.82
N ARG A 61 -0.50 -14.79 -8.11
CA ARG A 61 0.57 -13.89 -8.55
C ARG A 61 -0.01 -12.67 -9.26
N ARG A 62 -1.09 -12.14 -8.72
CA ARG A 62 -1.74 -10.96 -9.30
C ARG A 62 -0.89 -9.72 -9.09
N TRP A 63 0.09 -9.81 -8.20
CA TRP A 63 0.97 -8.70 -7.91
C TRP A 63 1.30 -7.92 -9.18
N ALA A 64 1.46 -8.63 -10.28
CA ALA A 64 1.76 -8.00 -11.57
C ALA A 64 0.69 -6.99 -11.96
N ARG A 65 -0.56 -7.43 -11.94
CA ARG A 65 -1.69 -6.57 -12.29
C ARG A 65 -1.86 -5.46 -11.27
N VAL A 66 -1.68 -5.80 -9.99
CA VAL A 66 -1.82 -4.84 -8.92
C VAL A 66 -0.87 -3.65 -9.11
N ALA A 67 0.32 -3.94 -9.64
CA ALA A 67 1.31 -2.90 -9.87
C ALA A 67 0.93 -2.05 -11.08
N GLN A 68 0.61 -2.70 -12.19
CA GLN A 68 0.23 -2.01 -13.41
C GLN A 68 -0.97 -1.10 -13.17
N ARG A 69 -1.78 -1.46 -12.18
CA ARG A 69 -2.97 -0.68 -11.84
C ARG A 69 -2.60 0.77 -11.52
N LEU A 70 -1.48 0.95 -10.83
CA LEU A 70 -1.01 2.27 -10.44
C LEU A 70 -0.25 2.93 -11.59
N HIS A 71 -0.41 2.38 -12.79
CA HIS A 71 0.26 2.91 -13.98
C HIS A 71 1.77 2.80 -13.83
N TYR A 72 2.23 1.64 -13.38
CA TYR A 72 3.66 1.41 -13.20
C TYR A 72 4.30 0.94 -14.49
N PRO A 73 5.63 1.16 -14.62
CA PRO A 73 6.38 0.76 -15.81
C PRO A 73 6.53 -0.75 -15.92
N PRO A 74 5.85 -1.34 -16.92
CA PRO A 74 5.89 -2.79 -17.17
C PRO A 74 7.24 -3.25 -17.69
N GLY A 75 7.98 -3.95 -16.84
CA GLY A 75 9.29 -4.44 -17.23
C GLY A 75 10.27 -4.48 -16.08
N LYS A 76 10.15 -3.53 -15.16
CA LYS A 76 11.03 -3.46 -14.00
C LYS A 76 10.52 -4.36 -12.89
N ASN A 77 11.45 -4.93 -12.12
CA ASN A 77 11.10 -5.81 -11.01
C ASN A 77 10.36 -5.04 -9.91
N ILE A 78 9.11 -4.68 -10.19
CA ILE A 78 8.30 -3.95 -9.22
C ILE A 78 7.51 -4.90 -8.32
N GLY A 79 6.82 -5.85 -8.95
CA GLY A 79 6.04 -6.81 -8.19
C GLY A 79 6.70 -7.20 -6.88
N SER A 80 7.98 -7.59 -6.96
CA SER A 80 8.73 -7.99 -5.78
C SER A 80 8.79 -6.85 -4.76
N LEU A 81 9.17 -5.68 -5.23
CA LEU A 81 9.27 -4.51 -4.37
C LEU A 81 8.00 -4.31 -3.56
N LEU A 82 6.87 -4.24 -4.25
CA LEU A 82 5.59 -4.06 -3.59
C LEU A 82 5.36 -5.12 -2.52
N ARG A 83 5.24 -6.37 -2.94
CA ARG A 83 5.03 -7.48 -2.02
C ARG A 83 5.88 -7.31 -0.77
N SER A 84 7.13 -6.88 -0.96
CA SER A 84 8.04 -6.69 0.16
C SER A 84 7.57 -5.54 1.05
N HIS A 85 7.65 -4.32 0.53
CA HIS A 85 7.24 -3.13 1.28
C HIS A 85 6.01 -3.43 2.12
N TYR A 86 5.09 -4.22 1.56
CA TYR A 86 3.86 -4.56 2.25
C TYR A 86 4.16 -5.43 3.47
N GLU A 87 4.82 -6.55 3.25
CA GLU A 87 5.17 -7.47 4.33
C GLU A 87 6.26 -6.87 5.22
N ARG A 88 6.84 -5.77 4.76
CA ARG A 88 7.90 -5.09 5.51
C ARG A 88 7.31 -4.05 6.46
N ILE A 89 6.42 -3.22 5.94
CA ILE A 89 5.79 -2.18 6.73
C ILE A 89 4.30 -2.46 6.92
N ILE A 90 3.65 -2.90 5.85
CA ILE A 90 2.22 -3.20 5.90
C ILE A 90 1.98 -4.55 6.55
N TYR A 91 3.04 -5.19 7.02
CA TYR A 91 2.94 -6.49 7.66
C TYR A 91 2.32 -6.37 9.05
N PRO A 92 2.97 -5.60 9.93
CA PRO A 92 2.50 -5.38 11.29
C PRO A 92 1.24 -4.52 11.35
N TYR A 93 1.20 -3.49 10.50
CA TYR A 93 0.06 -2.59 10.45
C TYR A 93 -1.24 -3.37 10.20
N GLU A 94 -1.16 -4.36 9.32
CA GLU A 94 -2.32 -5.17 8.99
C GLU A 94 -2.61 -6.18 10.10
N MET A 95 -1.69 -7.13 10.27
CA MET A 95 -1.85 -8.16 11.30
C MET A 95 -2.35 -7.56 12.60
N PHE A 96 -1.85 -6.37 12.94
CA PHE A 96 -2.25 -5.69 14.16
C PHE A 96 -3.68 -5.16 14.04
N GLN A 97 -3.93 -4.41 12.97
CA GLN A 97 -5.25 -3.84 12.74
C GLN A 97 -6.17 -4.85 12.04
N SER A 98 -6.09 -6.10 12.47
CA SER A 98 -6.91 -7.16 11.89
C SER A 98 -7.74 -7.85 12.97
N GLY A 99 -9.06 -7.81 12.80
CA GLY A 99 -9.95 -8.44 13.76
C GLY A 99 -10.37 -7.50 14.87
N ALA A 100 -11.63 -7.10 14.86
CA ALA A 100 -12.15 -6.19 15.88
C ALA A 100 -12.46 -6.93 17.17
N GLY A 1 -1.06 29.91 -3.28
CA GLY A 1 -1.68 28.63 -3.58
C GLY A 1 -2.66 28.71 -4.74
N SER A 2 -3.92 28.41 -4.47
CA SER A 2 -4.95 28.45 -5.50
C SER A 2 -4.53 27.64 -6.73
N SER A 3 -3.93 26.48 -6.48
CA SER A 3 -3.47 25.63 -7.56
C SER A 3 -3.78 24.16 -7.27
N GLY A 4 -3.70 23.33 -8.30
CA GLY A 4 -3.98 21.91 -8.13
C GLY A 4 -5.46 21.59 -8.21
N SER A 5 -5.80 20.31 -8.11
CA SER A 5 -7.20 19.89 -8.18
C SER A 5 -7.54 18.95 -7.03
N SER A 6 -8.68 19.21 -6.39
CA SER A 6 -9.12 18.39 -5.26
C SER A 6 -8.96 16.91 -5.57
N GLY A 7 -8.23 16.21 -4.71
CA GLY A 7 -8.01 14.78 -4.90
C GLY A 7 -7.64 14.08 -3.61
N THR A 8 -6.38 14.13 -3.24
CA THR A 8 -5.91 13.48 -2.02
C THR A 8 -6.79 13.85 -0.83
N ARG A 9 -7.75 12.99 -0.53
CA ARG A 9 -8.66 13.22 0.59
C ARG A 9 -8.53 12.12 1.63
N VAL A 10 -8.72 10.87 1.22
CA VAL A 10 -8.63 9.74 2.12
C VAL A 10 -7.20 9.21 2.19
N LYS A 11 -6.49 9.28 1.07
CA LYS A 11 -5.10 8.82 1.02
C LYS A 11 -4.35 9.21 2.28
N LEU A 12 -4.78 10.31 2.90
CA LEU A 12 -4.15 10.79 4.13
C LEU A 12 -4.51 9.91 5.31
N ASN A 13 -5.81 9.74 5.55
CA ASN A 13 -6.29 8.93 6.66
C ASN A 13 -5.46 7.66 6.80
N TYR A 14 -5.47 6.83 5.75
CA TYR A 14 -4.72 5.58 5.76
C TYR A 14 -3.36 5.77 6.43
N LEU A 15 -2.80 6.95 6.27
CA LEU A 15 -1.50 7.27 6.86
C LEU A 15 -1.61 7.55 8.34
N ASP A 16 -2.64 8.31 8.71
CA ASP A 16 -2.88 8.65 10.12
C ASP A 16 -3.00 7.39 10.97
N GLN A 17 -3.70 6.40 10.44
CA GLN A 17 -3.90 5.14 11.16
C GLN A 17 -2.58 4.40 11.32
N ILE A 18 -1.98 4.00 10.20
CA ILE A 18 -0.72 3.29 10.21
C ILE A 18 0.32 4.03 11.04
N ALA A 19 0.33 5.35 10.92
CA ALA A 19 1.28 6.17 11.67
C ALA A 19 1.03 6.09 13.17
N LYS A 20 -0.24 6.14 13.54
CA LYS A 20 -0.63 6.07 14.95
C LYS A 20 -0.13 4.77 15.58
N PHE A 21 -0.01 3.72 14.77
CA PHE A 21 0.45 2.42 15.24
C PHE A 21 1.96 2.42 15.44
N TRP A 22 2.67 3.06 14.50
CA TRP A 22 4.13 3.14 14.57
C TRP A 22 4.57 4.09 15.67
N GLU A 23 4.14 5.34 15.58
CA GLU A 23 4.50 6.35 16.57
C GLU A 23 4.51 5.75 17.98
N ILE A 24 3.56 4.85 18.23
CA ILE A 24 3.45 4.21 19.53
C ILE A 24 4.62 3.25 19.77
N GLN A 25 4.90 2.42 18.77
CA GLN A 25 5.99 1.46 18.87
C GLN A 25 7.30 2.15 19.27
N GLY A 26 7.48 3.36 18.76
CA GLY A 26 8.69 4.11 19.07
C GLY A 26 9.35 4.68 17.83
N SER A 27 9.24 3.96 16.72
CA SER A 27 9.83 4.39 15.46
C SER A 27 8.83 5.17 14.63
N SER A 28 9.31 6.17 13.90
CA SER A 28 8.45 7.00 13.05
C SER A 28 8.13 6.29 11.75
N LEU A 29 7.05 6.72 11.10
CA LEU A 29 6.62 6.12 9.84
C LEU A 29 7.27 6.84 8.66
N LYS A 30 7.72 6.06 7.68
CA LYS A 30 8.35 6.62 6.48
C LYS A 30 7.80 5.97 5.22
N ILE A 31 7.68 6.75 4.16
CA ILE A 31 7.18 6.25 2.88
C ILE A 31 8.28 6.18 1.84
N PRO A 32 8.47 4.99 1.25
CA PRO A 32 9.50 4.76 0.23
C PRO A 32 9.17 5.46 -1.08
N ASN A 33 10.20 5.71 -1.89
CA ASN A 33 10.01 6.37 -3.17
C ASN A 33 10.19 5.38 -4.33
N VAL A 34 9.17 5.24 -5.15
CA VAL A 34 9.21 4.32 -6.29
C VAL A 34 9.10 5.08 -7.61
N GLU A 35 9.87 4.65 -8.60
CA GLU A 35 9.85 5.29 -9.91
C GLU A 35 9.88 6.81 -9.77
N ARG A 36 10.88 7.31 -9.03
CA ARG A 36 11.02 8.74 -8.81
C ARG A 36 9.68 9.37 -8.43
N LYS A 37 8.88 8.65 -7.66
CA LYS A 37 7.58 9.14 -7.24
C LYS A 37 7.16 8.48 -5.93
N ILE A 38 6.36 9.20 -5.14
CA ILE A 38 5.89 8.69 -3.86
C ILE A 38 5.02 7.45 -4.06
N LEU A 39 5.18 6.47 -3.17
CA LEU A 39 4.42 5.23 -3.24
C LEU A 39 3.11 5.35 -2.46
N ASP A 40 1.99 5.15 -3.15
CA ASP A 40 0.69 5.23 -2.52
C ASP A 40 0.34 3.92 -1.81
N LEU A 41 0.89 3.74 -0.61
CA LEU A 41 0.63 2.53 0.16
C LEU A 41 -0.85 2.36 0.44
N TYR A 42 -1.59 3.47 0.41
CA TYR A 42 -3.03 3.44 0.66
C TYR A 42 -3.75 2.66 -0.44
N SER A 43 -3.55 3.08 -1.68
CA SER A 43 -4.19 2.42 -2.81
C SER A 43 -3.81 0.94 -2.87
N LEU A 44 -2.52 0.67 -2.99
CA LEU A 44 -2.03 -0.70 -3.05
C LEU A 44 -2.86 -1.62 -2.18
N SER A 45 -2.77 -1.43 -0.87
CA SER A 45 -3.52 -2.25 0.08
C SER A 45 -4.99 -2.35 -0.33
N LYS A 46 -5.62 -1.19 -0.51
CA LYS A 46 -7.02 -1.15 -0.90
C LYS A 46 -7.30 -2.11 -2.06
N ILE A 47 -6.54 -1.95 -3.14
CA ILE A 47 -6.70 -2.82 -4.31
C ILE A 47 -6.67 -4.29 -3.92
N VAL A 48 -5.61 -4.69 -3.22
CA VAL A 48 -5.45 -6.08 -2.79
C VAL A 48 -6.69 -6.54 -2.02
N ILE A 49 -6.98 -5.86 -0.91
CA ILE A 49 -8.13 -6.21 -0.08
C ILE A 49 -9.36 -6.50 -0.94
N GLU A 50 -9.59 -5.66 -1.94
CA GLU A 50 -10.73 -5.83 -2.83
C GLU A 50 -10.55 -7.07 -3.72
N GLU A 51 -9.37 -7.18 -4.33
CA GLU A 51 -9.07 -8.31 -5.20
C GLU A 51 -9.52 -9.62 -4.56
N GLY A 52 -9.25 -9.76 -3.27
CA GLY A 52 -9.63 -10.97 -2.56
C GLY A 52 -8.62 -11.36 -1.50
N GLY A 53 -8.05 -10.37 -0.82
CA GLY A 53 -7.07 -10.64 0.21
C GLY A 53 -5.66 -10.69 -0.33
N TYR A 54 -4.69 -10.94 0.54
CA TYR A 54 -3.29 -11.02 0.15
C TYR A 54 -2.94 -12.43 -0.32
N GLU A 55 -3.44 -13.43 0.40
CA GLU A 55 -3.17 -14.83 0.06
C GLU A 55 -3.74 -15.16 -1.32
N ALA A 56 -4.86 -14.55 -1.65
CA ALA A 56 -5.51 -14.78 -2.94
C ALA A 56 -4.66 -14.24 -4.09
N ILE A 57 -4.56 -12.92 -4.18
CA ILE A 57 -3.78 -12.28 -5.23
C ILE A 57 -2.37 -12.85 -5.30
N CYS A 58 -1.84 -13.25 -4.14
CA CYS A 58 -0.51 -13.82 -4.06
C CYS A 58 -0.46 -15.20 -4.72
N LYS A 59 -1.50 -16.00 -4.47
CA LYS A 59 -1.58 -17.35 -5.03
C LYS A 59 -1.74 -17.29 -6.54
N ASP A 60 -2.35 -16.20 -7.03
CA ASP A 60 -2.56 -16.04 -8.46
C ASP A 60 -1.53 -15.09 -9.06
N ARG A 61 -0.47 -14.82 -8.31
CA ARG A 61 0.59 -13.94 -8.76
C ARG A 61 0.02 -12.75 -9.52
N ARG A 62 -0.96 -12.07 -8.92
CA ARG A 62 -1.59 -10.93 -9.56
C ARG A 62 -0.79 -9.66 -9.30
N TRP A 63 0.28 -9.78 -8.51
CA TRP A 63 1.13 -8.64 -8.19
C TRP A 63 1.45 -7.83 -9.43
N ALA A 64 1.68 -8.54 -10.55
CA ALA A 64 2.00 -7.88 -11.81
C ALA A 64 0.90 -6.91 -12.22
N ARG A 65 -0.33 -7.40 -12.27
CA ARG A 65 -1.47 -6.58 -12.66
C ARG A 65 -1.71 -5.48 -11.63
N VAL A 66 -1.70 -5.85 -10.35
CA VAL A 66 -1.92 -4.90 -9.27
C VAL A 66 -1.01 -3.68 -9.43
N ALA A 67 0.22 -3.91 -9.89
CA ALA A 67 1.18 -2.84 -10.08
C ALA A 67 0.80 -1.98 -11.28
N GLN A 68 0.53 -2.63 -12.41
CA GLN A 68 0.15 -1.92 -13.63
C GLN A 68 -1.10 -1.08 -13.41
N ARG A 69 -1.91 -1.48 -12.43
CA ARG A 69 -3.14 -0.76 -12.12
C ARG A 69 -2.84 0.66 -11.67
N LEU A 70 -1.68 0.85 -11.04
CA LEU A 70 -1.27 2.16 -10.54
C LEU A 70 -0.44 2.89 -11.58
N HIS A 71 -0.66 2.56 -12.85
CA HIS A 71 0.06 3.19 -13.94
C HIS A 71 1.57 3.01 -13.78
N TYR A 72 1.99 1.77 -13.57
CA TYR A 72 3.40 1.46 -13.38
C TYR A 72 4.00 0.85 -14.65
N PRO A 73 5.30 1.06 -14.85
CA PRO A 73 6.02 0.54 -16.02
C PRO A 73 6.18 -0.97 -15.98
N PRO A 74 5.45 -1.66 -16.88
CA PRO A 74 5.49 -3.12 -16.97
C PRO A 74 6.83 -3.64 -17.49
N GLY A 75 7.39 -4.63 -16.80
CA GLY A 75 8.67 -5.19 -17.21
C GLY A 75 9.64 -5.33 -16.05
N LYS A 76 9.89 -4.21 -15.36
CA LYS A 76 10.82 -4.21 -14.24
C LYS A 76 10.34 -5.16 -13.14
N ASN A 77 11.10 -5.24 -12.06
CA ASN A 77 10.76 -6.12 -10.95
C ASN A 77 9.97 -5.36 -9.88
N ILE A 78 9.04 -4.53 -10.32
CA ILE A 78 8.22 -3.75 -9.42
C ILE A 78 7.43 -4.65 -8.46
N GLY A 79 6.75 -5.64 -9.04
CA GLY A 79 5.97 -6.57 -8.23
C GLY A 79 6.63 -6.87 -6.90
N SER A 80 7.85 -7.41 -6.96
CA SER A 80 8.59 -7.75 -5.74
C SER A 80 8.64 -6.57 -4.78
N LEU A 81 9.23 -5.47 -5.24
CA LEU A 81 9.34 -4.27 -4.42
C LEU A 81 8.08 -4.05 -3.60
N LEU A 82 6.93 -4.09 -4.27
CA LEU A 82 5.65 -3.91 -3.59
C LEU A 82 5.44 -4.95 -2.51
N ARG A 83 5.31 -6.21 -2.92
CA ARG A 83 5.11 -7.30 -1.98
C ARG A 83 5.93 -7.09 -0.71
N SER A 84 7.16 -6.61 -0.88
CA SER A 84 8.06 -6.36 0.24
C SER A 84 7.53 -5.23 1.12
N HIS A 85 7.50 -4.02 0.57
CA HIS A 85 7.02 -2.86 1.29
C HIS A 85 5.74 -3.18 2.07
N TYR A 86 4.97 -4.12 1.53
CA TYR A 86 3.71 -4.52 2.16
C TYR A 86 3.97 -5.48 3.31
N GLU A 87 4.98 -6.33 3.16
CA GLU A 87 5.33 -7.30 4.18
C GLU A 87 6.32 -6.70 5.18
N ARG A 88 6.85 -5.53 4.86
CA ARG A 88 7.81 -4.86 5.71
C ARG A 88 7.15 -3.73 6.50
N ILE A 89 6.26 -3.00 5.83
CA ILE A 89 5.55 -1.89 6.46
C ILE A 89 4.07 -2.23 6.66
N ILE A 90 3.43 -2.71 5.61
CA ILE A 90 2.02 -3.07 5.67
C ILE A 90 1.83 -4.43 6.34
N TYR A 91 2.93 -5.01 6.80
CA TYR A 91 2.88 -6.31 7.46
C TYR A 91 2.27 -6.20 8.85
N PRO A 92 2.91 -5.39 9.72
CA PRO A 92 2.44 -5.17 11.09
C PRO A 92 1.15 -4.36 11.14
N TYR A 93 1.13 -3.24 10.42
CA TYR A 93 -0.05 -2.38 10.39
C TYR A 93 -1.32 -3.19 10.12
N GLU A 94 -1.19 -4.19 9.25
CA GLU A 94 -2.33 -5.04 8.91
C GLU A 94 -2.64 -6.01 10.04
N MET A 95 -1.69 -6.89 10.33
CA MET A 95 -1.85 -7.89 11.39
C MET A 95 -2.36 -7.23 12.66
N PHE A 96 -1.97 -5.98 12.88
CA PHE A 96 -2.38 -5.24 14.06
C PHE A 96 -3.84 -4.80 13.95
N GLN A 97 -4.20 -4.24 12.80
CA GLN A 97 -5.56 -3.78 12.58
C GLN A 97 -6.57 -4.90 12.78
N SER A 98 -6.24 -6.08 12.25
CA SER A 98 -7.12 -7.23 12.38
C SER A 98 -7.07 -7.80 13.79
N GLY A 99 -8.02 -7.39 14.63
CA GLY A 99 -8.07 -7.86 16.00
C GLY A 99 -9.14 -7.18 16.81
N ALA A 100 -8.75 -6.21 17.62
CA ALA A 100 -9.70 -5.47 18.45
C ALA A 100 -10.37 -4.34 17.66
N GLY A 1 -23.68 23.12 -4.15
CA GLY A 1 -22.55 24.00 -3.96
C GLY A 1 -21.68 24.13 -5.19
N SER A 2 -21.22 25.34 -5.47
CA SER A 2 -20.38 25.59 -6.64
C SER A 2 -18.91 25.67 -6.24
N SER A 3 -18.03 25.65 -7.24
CA SER A 3 -16.59 25.73 -6.99
C SER A 3 -16.20 24.88 -5.78
N GLY A 4 -16.79 23.70 -5.68
CA GLY A 4 -16.49 22.81 -4.57
C GLY A 4 -16.37 21.37 -5.00
N SER A 5 -15.13 20.87 -5.05
CA SER A 5 -14.87 19.49 -5.45
C SER A 5 -14.05 18.76 -4.40
N SER A 6 -13.97 17.45 -4.53
CA SER A 6 -13.22 16.63 -3.58
C SER A 6 -12.67 15.38 -4.26
N GLY A 7 -11.81 14.66 -3.55
CA GLY A 7 -11.22 13.45 -4.10
C GLY A 7 -10.34 12.73 -3.10
N THR A 8 -9.46 13.46 -2.43
CA THR A 8 -8.57 12.88 -1.44
C THR A 8 -9.17 12.94 -0.05
N ARG A 9 -9.79 11.85 0.38
CA ARG A 9 -10.41 11.78 1.69
C ARG A 9 -9.88 10.59 2.48
N VAL A 10 -10.14 9.39 1.97
CA VAL A 10 -9.68 8.17 2.64
C VAL A 10 -8.17 8.00 2.51
N LYS A 11 -7.65 8.27 1.32
CA LYS A 11 -6.22 8.16 1.06
C LYS A 11 -5.41 8.57 2.29
N LEU A 12 -5.95 9.52 3.05
CA LEU A 12 -5.29 10.01 4.26
C LEU A 12 -5.53 9.07 5.43
N ASN A 13 -6.79 8.69 5.63
CA ASN A 13 -7.16 7.80 6.72
C ASN A 13 -6.17 6.66 6.85
N TYR A 14 -5.83 6.04 5.73
CA TYR A 14 -4.88 4.93 5.72
C TYR A 14 -3.54 5.35 6.31
N LEU A 15 -3.14 6.59 6.01
CA LEU A 15 -1.87 7.12 6.51
C LEU A 15 -1.98 7.46 7.99
N ASP A 16 -2.90 8.36 8.32
CA ASP A 16 -3.10 8.78 9.70
C ASP A 16 -3.23 7.57 10.63
N GLN A 17 -3.73 6.47 10.08
CA GLN A 17 -3.89 5.24 10.85
C GLN A 17 -2.56 4.53 11.05
N ILE A 18 -2.00 4.01 9.95
CA ILE A 18 -0.73 3.30 10.01
C ILE A 18 0.29 4.08 10.83
N ALA A 19 0.22 5.40 10.75
CA ALA A 19 1.14 6.26 11.48
C ALA A 19 0.87 6.20 12.99
N LYS A 20 -0.41 6.31 13.35
CA LYS A 20 -0.80 6.26 14.75
C LYS A 20 -0.30 4.99 15.42
N PHE A 21 -0.05 3.96 14.61
CA PHE A 21 0.43 2.69 15.12
C PHE A 21 1.96 2.70 15.29
N TRP A 22 2.65 3.19 14.27
CA TRP A 22 4.10 3.27 14.30
C TRP A 22 4.58 4.28 15.33
N GLU A 23 4.03 5.49 15.26
CA GLU A 23 4.40 6.55 16.19
C GLU A 23 4.42 6.03 17.62
N ILE A 24 3.56 5.06 17.92
CA ILE A 24 3.47 4.48 19.24
C ILE A 24 4.65 3.54 19.50
N GLN A 25 4.93 2.69 18.53
CA GLN A 25 6.03 1.73 18.65
C GLN A 25 7.34 2.45 18.94
N GLY A 26 7.52 3.62 18.33
CA GLY A 26 8.73 4.39 18.52
C GLY A 26 9.24 5.04 17.24
N SER A 27 9.39 4.22 16.20
CA SER A 27 9.86 4.72 14.91
C SER A 27 8.71 5.31 14.10
N SER A 28 8.82 6.59 13.77
CA SER A 28 7.80 7.28 13.00
C SER A 28 7.52 6.55 11.68
N LEU A 29 6.51 7.01 10.97
CA LEU A 29 6.14 6.41 9.69
C LEU A 29 7.01 6.94 8.56
N LYS A 30 7.52 6.03 7.74
CA LYS A 30 8.36 6.40 6.62
C LYS A 30 7.92 5.70 5.34
N ILE A 31 7.83 6.47 4.25
CA ILE A 31 7.42 5.92 2.97
C ILE A 31 8.58 5.87 1.98
N PRO A 32 8.81 4.69 1.39
CA PRO A 32 9.89 4.48 0.43
C PRO A 32 9.64 5.20 -0.89
N ASN A 33 10.68 5.30 -1.72
CA ASN A 33 10.56 5.96 -3.01
C ASN A 33 10.73 4.95 -4.15
N VAL A 34 9.72 4.89 -5.02
CA VAL A 34 9.76 3.97 -6.16
C VAL A 34 9.56 4.71 -7.47
N GLU A 35 10.18 4.20 -8.53
CA GLU A 35 10.07 4.83 -9.85
C GLU A 35 10.18 6.35 -9.74
N ARG A 36 11.23 6.81 -9.09
CA ARG A 36 11.45 8.25 -8.92
C ARG A 36 10.16 8.95 -8.49
N LYS A 37 9.43 8.32 -7.56
CA LYS A 37 8.18 8.88 -7.08
C LYS A 37 7.75 8.19 -5.78
N ILE A 38 7.01 8.92 -4.94
CA ILE A 38 6.54 8.38 -3.68
C ILE A 38 5.61 7.19 -3.90
N LEU A 39 5.71 6.21 -3.03
CA LEU A 39 4.88 5.01 -3.13
C LEU A 39 3.60 5.17 -2.31
N ASP A 40 2.47 4.82 -2.93
CA ASP A 40 1.17 4.93 -2.26
C ASP A 40 0.78 3.60 -1.63
N LEU A 41 0.97 3.49 -0.32
CA LEU A 41 0.64 2.27 0.41
C LEU A 41 -0.88 2.11 0.53
N TYR A 42 -1.59 3.23 0.51
CA TYR A 42 -3.04 3.21 0.62
C TYR A 42 -3.66 2.43 -0.53
N SER A 43 -3.35 2.84 -1.76
CA SER A 43 -3.88 2.18 -2.94
C SER A 43 -3.44 0.72 -3.00
N LEU A 44 -2.13 0.51 -2.98
CA LEU A 44 -1.57 -0.84 -3.03
C LEU A 44 -2.38 -1.80 -2.16
N SER A 45 -2.44 -1.52 -0.87
CA SER A 45 -3.19 -2.34 0.07
C SER A 45 -4.65 -2.44 -0.34
N LYS A 46 -5.28 -1.30 -0.59
CA LYS A 46 -6.68 -1.26 -0.99
C LYS A 46 -6.96 -2.26 -2.11
N ILE A 47 -6.09 -2.27 -3.11
CA ILE A 47 -6.23 -3.18 -4.25
C ILE A 47 -6.10 -4.63 -3.80
N VAL A 48 -5.18 -4.88 -2.87
CA VAL A 48 -4.95 -6.22 -2.36
C VAL A 48 -6.18 -6.75 -1.63
N ILE A 49 -6.58 -6.05 -0.58
CA ILE A 49 -7.74 -6.44 0.21
C ILE A 49 -9.00 -6.47 -0.65
N GLU A 50 -9.16 -5.46 -1.49
CA GLU A 50 -10.33 -5.37 -2.37
C GLU A 50 -10.41 -6.59 -3.28
N GLU A 51 -9.34 -6.82 -4.04
CA GLU A 51 -9.29 -7.96 -4.95
C GLU A 51 -9.82 -9.22 -4.29
N GLY A 52 -9.29 -9.52 -3.11
CA GLY A 52 -9.72 -10.71 -2.38
C GLY A 52 -8.71 -11.16 -1.35
N GLY A 53 -8.02 -10.20 -0.74
CA GLY A 53 -7.02 -10.52 0.25
C GLY A 53 -5.62 -10.60 -0.33
N TYR A 54 -4.66 -11.00 0.51
CA TYR A 54 -3.27 -11.11 0.07
C TYR A 54 -3.00 -12.49 -0.53
N GLU A 55 -3.45 -13.53 0.16
CA GLU A 55 -3.26 -14.90 -0.31
C GLU A 55 -3.87 -15.10 -1.69
N ALA A 56 -5.02 -14.46 -1.91
CA ALA A 56 -5.70 -14.56 -3.20
C ALA A 56 -4.88 -13.93 -4.31
N ILE A 57 -4.79 -12.61 -4.29
CA ILE A 57 -4.03 -11.87 -5.31
C ILE A 57 -2.63 -12.46 -5.48
N CYS A 58 -2.06 -12.95 -4.38
CA CYS A 58 -0.73 -13.55 -4.41
C CYS A 58 -0.73 -14.86 -5.19
N LYS A 59 -1.74 -15.69 -4.93
CA LYS A 59 -1.87 -16.97 -5.61
C LYS A 59 -2.08 -16.78 -7.11
N ASP A 60 -2.91 -15.80 -7.46
CA ASP A 60 -3.20 -15.51 -8.86
C ASP A 60 -2.15 -14.57 -9.45
N ARG A 61 -0.97 -14.57 -8.86
CA ARG A 61 0.12 -13.72 -9.32
C ARG A 61 -0.42 -12.38 -9.83
N ARG A 62 -1.42 -11.86 -9.13
CA ARG A 62 -2.02 -10.58 -9.51
C ARG A 62 -1.03 -9.44 -9.30
N TRP A 63 -0.06 -9.64 -8.43
CA TRP A 63 0.94 -8.63 -8.15
C TRP A 63 1.28 -7.83 -9.40
N ALA A 64 1.44 -8.53 -10.52
CA ALA A 64 1.75 -7.87 -11.78
C ALA A 64 0.72 -6.82 -12.14
N ARG A 65 -0.55 -7.20 -12.06
CA ARG A 65 -1.65 -6.29 -12.37
C ARG A 65 -1.76 -5.19 -11.32
N VAL A 66 -1.62 -5.57 -10.06
CA VAL A 66 -1.70 -4.62 -8.96
C VAL A 66 -0.73 -3.47 -9.16
N ALA A 67 0.42 -3.75 -9.75
CA ALA A 67 1.44 -2.74 -10.00
C ALA A 67 1.06 -1.88 -11.20
N GLN A 68 0.77 -2.53 -12.33
CA GLN A 68 0.40 -1.82 -13.54
C GLN A 68 -0.80 -0.90 -13.30
N ARG A 69 -1.62 -1.27 -12.33
CA ARG A 69 -2.80 -0.48 -12.00
C ARG A 69 -2.40 0.88 -11.44
N LEU A 70 -1.23 0.95 -10.83
CA LEU A 70 -0.73 2.19 -10.24
C LEU A 70 0.06 2.98 -11.28
N HIS A 71 -0.21 2.73 -12.56
CA HIS A 71 0.48 3.42 -13.64
C HIS A 71 1.98 3.16 -13.59
N TYR A 72 2.36 1.91 -13.39
CA TYR A 72 3.76 1.54 -13.32
C TYR A 72 4.26 1.00 -14.65
N PRO A 73 5.54 1.26 -14.95
CA PRO A 73 6.17 0.82 -16.20
C PRO A 73 6.35 -0.70 -16.25
N PRO A 74 5.83 -1.33 -17.31
CA PRO A 74 5.93 -2.77 -17.51
C PRO A 74 7.35 -3.22 -17.82
N GLY A 75 8.07 -3.66 -16.79
CA GLY A 75 9.43 -4.12 -16.98
C GLY A 75 10.19 -4.24 -15.67
N LYS A 76 10.59 -3.09 -15.11
CA LYS A 76 11.32 -3.08 -13.85
C LYS A 76 10.68 -4.00 -12.83
N ASN A 77 11.51 -4.74 -12.09
CA ASN A 77 11.02 -5.65 -11.08
C ASN A 77 10.28 -4.91 -9.97
N ILE A 78 9.05 -4.49 -10.28
CA ILE A 78 8.23 -3.77 -9.31
C ILE A 78 7.44 -4.73 -8.43
N GLY A 79 6.77 -5.68 -9.07
CA GLY A 79 5.98 -6.66 -8.33
C GLY A 79 6.62 -7.04 -7.01
N SER A 80 7.84 -7.57 -7.07
CA SER A 80 8.56 -7.98 -5.88
C SER A 80 8.64 -6.83 -4.87
N LEU A 81 9.17 -5.71 -5.31
CA LEU A 81 9.29 -4.53 -4.45
C LEU A 81 8.02 -4.31 -3.64
N LEU A 82 6.89 -4.25 -4.32
CA LEU A 82 5.61 -4.04 -3.66
C LEU A 82 5.39 -5.07 -2.56
N ARG A 83 5.26 -6.33 -2.97
CA ARG A 83 5.04 -7.41 -2.01
C ARG A 83 5.89 -7.22 -0.75
N SER A 84 7.16 -6.90 -0.95
CA SER A 84 8.08 -6.68 0.16
C SER A 84 7.59 -5.55 1.05
N HIS A 85 7.59 -4.34 0.51
CA HIS A 85 7.15 -3.16 1.25
C HIS A 85 5.92 -3.48 2.09
N TYR A 86 5.06 -4.35 1.56
CA TYR A 86 3.84 -4.75 2.26
C TYR A 86 4.16 -5.56 3.50
N GLU A 87 4.64 -6.79 3.28
CA GLU A 87 4.98 -7.68 4.39
C GLU A 87 6.09 -7.08 5.25
N ARG A 88 6.69 -6.00 4.75
CA ARG A 88 7.76 -5.33 5.48
C ARG A 88 7.20 -4.33 6.49
N ILE A 89 6.37 -3.41 6.01
CA ILE A 89 5.77 -2.41 6.88
C ILE A 89 4.28 -2.65 7.05
N ILE A 90 3.63 -3.09 5.98
CA ILE A 90 2.20 -3.37 6.02
C ILE A 90 1.91 -4.68 6.75
N TYR A 91 2.97 -5.39 7.12
CA TYR A 91 2.84 -6.65 7.82
C TYR A 91 2.36 -6.43 9.26
N PRO A 92 3.14 -5.66 10.03
CA PRO A 92 2.83 -5.36 11.43
C PRO A 92 1.64 -4.42 11.55
N TYR A 93 1.56 -3.43 10.66
CA TYR A 93 0.47 -2.47 10.67
C TYR A 93 -0.87 -3.16 10.38
N GLU A 94 -0.81 -4.22 9.59
CA GLU A 94 -2.02 -4.96 9.22
C GLU A 94 -2.51 -5.80 10.40
N MET A 95 -1.66 -6.67 10.91
CA MET A 95 -2.01 -7.52 12.05
C MET A 95 -2.49 -6.69 13.23
N PHE A 96 -1.98 -5.46 13.33
CA PHE A 96 -2.35 -4.57 14.41
C PHE A 96 -3.78 -4.05 14.23
N GLN A 97 -4.04 -3.45 13.07
CA GLN A 97 -5.36 -2.91 12.78
C GLN A 97 -6.43 -3.99 12.92
N SER A 98 -6.19 -5.14 12.30
CA SER A 98 -7.14 -6.25 12.36
C SER A 98 -7.48 -6.60 13.80
N GLY A 99 -6.44 -6.86 14.60
CA GLY A 99 -6.64 -7.20 15.99
C GLY A 99 -5.92 -8.48 16.39
N ALA A 100 -4.99 -8.36 17.31
CA ALA A 100 -4.22 -9.52 17.78
C ALA A 100 -5.11 -10.49 18.55
N GLY A 1 -20.73 3.38 -8.58
CA GLY A 1 -20.67 4.42 -7.57
C GLY A 1 -20.73 5.81 -8.17
N SER A 2 -21.90 6.45 -8.09
CA SER A 2 -22.09 7.78 -8.64
C SER A 2 -21.06 8.74 -8.05
N SER A 3 -20.99 8.79 -6.73
CA SER A 3 -20.07 9.68 -6.04
C SER A 3 -18.64 9.48 -6.55
N GLY A 4 -17.90 10.58 -6.69
CA GLY A 4 -16.54 10.50 -7.17
C GLY A 4 -15.53 10.81 -6.08
N SER A 5 -14.49 11.58 -6.44
CA SER A 5 -13.45 11.94 -5.50
C SER A 5 -13.19 13.44 -5.53
N SER A 6 -13.50 14.13 -4.43
CA SER A 6 -13.30 15.56 -4.34
C SER A 6 -11.82 15.91 -4.29
N GLY A 7 -11.07 15.15 -3.49
CA GLY A 7 -9.64 15.39 -3.37
C GLY A 7 -8.95 14.34 -2.53
N THR A 8 -7.81 14.70 -1.95
CA THR A 8 -7.05 13.78 -1.11
C THR A 8 -7.56 13.78 0.33
N ARG A 9 -8.45 12.84 0.63
CA ARG A 9 -9.02 12.73 1.96
C ARG A 9 -8.69 11.37 2.59
N VAL A 10 -9.27 10.31 2.04
CA VAL A 10 -9.04 8.97 2.53
C VAL A 10 -7.55 8.66 2.61
N LYS A 11 -6.84 8.95 1.52
CA LYS A 11 -5.40 8.70 1.47
C LYS A 11 -4.72 9.18 2.74
N LEU A 12 -5.36 10.09 3.44
CA LEU A 12 -4.81 10.63 4.69
C LEU A 12 -5.22 9.78 5.89
N ASN A 13 -6.42 9.21 5.82
CA ASN A 13 -6.94 8.37 6.90
C ASN A 13 -6.08 7.12 7.06
N TYR A 14 -5.64 6.56 5.94
CA TYR A 14 -4.81 5.36 5.95
C TYR A 14 -3.41 5.67 6.47
N LEU A 15 -2.98 6.92 6.29
CA LEU A 15 -1.66 7.34 6.74
C LEU A 15 -1.68 7.66 8.23
N ASP A 16 -2.45 8.66 8.61
CA ASP A 16 -2.55 9.06 10.01
C ASP A 16 -2.70 7.84 10.92
N GLN A 17 -3.35 6.80 10.39
CA GLN A 17 -3.56 5.57 11.15
C GLN A 17 -2.25 4.80 11.31
N ILE A 18 -1.77 4.22 10.22
CA ILE A 18 -0.54 3.45 10.25
C ILE A 18 0.54 4.17 11.05
N ALA A 19 0.54 5.49 10.98
CA ALA A 19 1.51 6.31 11.71
C ALA A 19 1.27 6.22 13.22
N LYS A 20 0.03 6.46 13.62
CA LYS A 20 -0.34 6.41 15.04
C LYS A 20 0.12 5.11 15.68
N PHE A 21 0.20 4.05 14.88
CA PHE A 21 0.62 2.75 15.37
C PHE A 21 2.13 2.70 15.54
N TRP A 22 2.85 3.34 14.61
CA TRP A 22 4.31 3.36 14.65
C TRP A 22 4.80 4.34 15.71
N GLU A 23 4.42 5.61 15.56
CA GLU A 23 4.82 6.64 16.51
C GLU A 23 4.91 6.07 17.92
N ILE A 24 3.95 5.23 18.28
CA ILE A 24 3.91 4.63 19.61
C ILE A 24 5.08 3.68 19.80
N GLN A 25 5.23 2.73 18.89
CA GLN A 25 6.32 1.76 18.97
C GLN A 25 7.65 2.45 19.27
N GLY A 26 7.92 3.55 18.56
CA GLY A 26 9.15 4.28 18.76
C GLY A 26 9.92 4.48 17.47
N SER A 27 9.20 4.82 16.40
CA SER A 27 9.82 5.04 15.10
C SER A 27 8.85 5.71 14.14
N SER A 28 9.12 6.97 13.82
CA SER A 28 8.27 7.73 12.91
C SER A 28 7.88 6.88 11.70
N LEU A 29 6.85 7.32 10.99
CA LEU A 29 6.36 6.60 9.81
C LEU A 29 7.01 7.14 8.54
N LYS A 30 7.86 6.34 7.92
CA LYS A 30 8.54 6.73 6.70
C LYS A 30 7.97 5.99 5.49
N ILE A 31 8.00 6.64 4.33
CA ILE A 31 7.49 6.04 3.10
C ILE A 31 8.58 5.93 2.05
N PRO A 32 8.73 4.74 1.47
CA PRO A 32 9.73 4.47 0.43
C PRO A 32 9.41 5.18 -0.88
N ASN A 33 10.43 5.35 -1.72
CA ASN A 33 10.25 6.01 -3.01
C ASN A 33 10.42 5.01 -4.16
N VAL A 34 9.42 4.96 -5.04
CA VAL A 34 9.45 4.05 -6.18
C VAL A 34 9.33 4.82 -7.49
N GLU A 35 10.03 4.34 -8.52
CA GLU A 35 10.01 4.99 -9.82
C GLU A 35 10.06 6.51 -9.68
N ARG A 36 11.07 7.00 -8.98
CA ARG A 36 11.24 8.42 -8.77
C ARG A 36 9.90 9.08 -8.42
N LYS A 37 9.11 8.39 -7.60
CA LYS A 37 7.82 8.91 -7.19
C LYS A 37 7.37 8.28 -5.88
N ILE A 38 6.55 9.00 -5.12
CA ILE A 38 6.05 8.51 -3.84
C ILE A 38 5.19 7.26 -4.03
N LEU A 39 5.31 6.31 -3.12
CA LEU A 39 4.55 5.08 -3.18
C LEU A 39 3.18 5.24 -2.52
N ASP A 40 2.14 4.78 -3.20
CA ASP A 40 0.79 4.87 -2.68
C ASP A 40 0.41 3.61 -1.89
N LEU A 41 0.97 3.50 -0.69
CA LEU A 41 0.69 2.35 0.16
C LEU A 41 -0.80 2.17 0.37
N TYR A 42 -1.55 3.27 0.33
CA TYR A 42 -2.99 3.23 0.51
C TYR A 42 -3.65 2.38 -0.56
N SER A 43 -3.59 2.85 -1.80
CA SER A 43 -4.19 2.13 -2.92
C SER A 43 -3.73 0.68 -2.94
N LEU A 44 -2.41 0.47 -2.92
CA LEU A 44 -1.85 -0.87 -2.94
C LEU A 44 -2.66 -1.82 -2.06
N SER A 45 -2.73 -1.50 -0.76
CA SER A 45 -3.47 -2.32 0.18
C SER A 45 -4.91 -2.51 -0.27
N LYS A 46 -5.67 -1.41 -0.28
CA LYS A 46 -7.06 -1.45 -0.69
C LYS A 46 -7.25 -2.35 -1.91
N ILE A 47 -6.65 -1.95 -3.02
CA ILE A 47 -6.74 -2.73 -4.25
C ILE A 47 -6.64 -4.23 -3.98
N VAL A 48 -5.49 -4.65 -3.46
CA VAL A 48 -5.27 -6.05 -3.14
C VAL A 48 -6.52 -6.68 -2.52
N ILE A 49 -6.96 -6.11 -1.40
CA ILE A 49 -8.14 -6.61 -0.71
C ILE A 49 -9.30 -6.82 -1.67
N GLU A 50 -9.48 -5.86 -2.59
CA GLU A 50 -10.56 -5.94 -3.57
C GLU A 50 -10.33 -7.10 -4.53
N GLU A 51 -9.13 -7.18 -5.09
CA GLU A 51 -8.79 -8.25 -6.02
C GLU A 51 -9.21 -9.61 -5.47
N GLY A 52 -9.01 -9.81 -4.17
CA GLY A 52 -9.37 -11.07 -3.53
C GLY A 52 -8.41 -11.46 -2.44
N GLY A 53 -8.01 -10.48 -1.63
CA GLY A 53 -7.08 -10.75 -0.54
C GLY A 53 -5.64 -10.77 -1.00
N TYR A 54 -4.72 -10.90 -0.05
CA TYR A 54 -3.29 -10.91 -0.36
C TYR A 54 -2.83 -12.32 -0.71
N GLU A 55 -3.38 -13.32 -0.01
CA GLU A 55 -3.02 -14.70 -0.25
C GLU A 55 -3.46 -15.16 -1.64
N ALA A 56 -4.65 -14.73 -2.04
CA ALA A 56 -5.19 -15.09 -3.34
C ALA A 56 -4.37 -14.45 -4.47
N ILE A 57 -4.37 -13.13 -4.51
CA ILE A 57 -3.62 -12.40 -5.54
C ILE A 57 -2.19 -12.92 -5.65
N CYS A 58 -1.61 -13.27 -4.50
CA CYS A 58 -0.24 -13.78 -4.47
C CYS A 58 -0.14 -15.09 -5.24
N LYS A 59 -1.02 -16.03 -4.93
CA LYS A 59 -1.02 -17.32 -5.60
C LYS A 59 -1.29 -17.17 -7.09
N ASP A 60 -2.10 -16.19 -7.45
CA ASP A 60 -2.44 -15.93 -8.84
C ASP A 60 -1.47 -14.94 -9.46
N ARG A 61 -0.33 -14.74 -8.79
CA ARG A 61 0.68 -13.81 -9.28
C ARG A 61 0.04 -12.59 -9.92
N ARG A 62 -0.98 -12.04 -9.26
CA ARG A 62 -1.68 -10.88 -9.76
C ARG A 62 -0.87 -9.60 -9.51
N TRP A 63 0.15 -9.71 -8.66
CA TRP A 63 1.00 -8.57 -8.33
C TRP A 63 1.28 -7.73 -9.56
N ALA A 64 1.50 -8.40 -10.69
CA ALA A 64 1.79 -7.70 -11.94
C ALA A 64 0.66 -6.73 -12.30
N ARG A 65 -0.58 -7.20 -12.17
CA ARG A 65 -1.74 -6.38 -12.48
C ARG A 65 -1.97 -5.33 -11.41
N VAL A 66 -1.87 -5.75 -10.14
CA VAL A 66 -2.07 -4.85 -9.02
C VAL A 66 -1.11 -3.67 -9.08
N ALA A 67 0.02 -3.87 -9.77
CA ALA A 67 1.03 -2.82 -9.92
C ALA A 67 0.68 -1.90 -11.08
N GLN A 68 0.52 -2.48 -12.26
CA GLN A 68 0.20 -1.72 -13.46
C GLN A 68 -1.05 -0.86 -13.24
N ARG A 69 -1.94 -1.35 -12.39
CA ARG A 69 -3.19 -0.65 -12.10
C ARG A 69 -2.90 0.78 -11.65
N LEU A 70 -1.82 0.96 -10.90
CA LEU A 70 -1.44 2.28 -10.41
C LEU A 70 -0.65 3.04 -11.46
N HIS A 71 -0.71 2.57 -12.70
CA HIS A 71 -0.01 3.21 -13.80
C HIS A 71 1.50 3.07 -13.65
N TYR A 72 1.94 1.85 -13.30
CA TYR A 72 3.36 1.58 -13.12
C TYR A 72 3.99 1.07 -14.41
N PRO A 73 5.32 1.20 -14.52
CA PRO A 73 6.07 0.76 -15.70
C PRO A 73 6.11 -0.77 -15.80
N PRO A 74 5.41 -1.31 -16.81
CA PRO A 74 5.36 -2.75 -17.06
C PRO A 74 6.69 -3.31 -17.55
N GLY A 75 7.40 -4.01 -16.67
CA GLY A 75 8.69 -4.58 -17.04
C GLY A 75 9.61 -4.74 -15.85
N LYS A 76 9.91 -3.63 -15.18
CA LYS A 76 10.79 -3.66 -14.01
C LYS A 76 10.20 -4.52 -12.90
N ASN A 77 11.06 -5.13 -12.10
CA ASN A 77 10.62 -5.97 -11.00
C ASN A 77 9.91 -5.15 -9.93
N ILE A 78 8.63 -4.88 -10.16
CA ILE A 78 7.83 -4.09 -9.22
C ILE A 78 7.05 -5.00 -8.28
N GLY A 79 6.31 -5.95 -8.87
CA GLY A 79 5.52 -6.86 -8.06
C GLY A 79 6.23 -7.25 -6.78
N SER A 80 7.46 -7.73 -6.89
CA SER A 80 8.24 -8.14 -5.74
C SER A 80 8.38 -6.99 -4.73
N LEU A 81 8.95 -5.88 -5.20
CA LEU A 81 9.14 -4.72 -4.35
C LEU A 81 7.90 -4.44 -3.51
N LEU A 82 6.74 -4.40 -4.16
CA LEU A 82 5.48 -4.15 -3.46
C LEU A 82 5.28 -5.15 -2.33
N ARG A 83 5.11 -6.42 -2.70
CA ARG A 83 4.90 -7.48 -1.71
C ARG A 83 5.76 -7.25 -0.48
N SER A 84 7.05 -7.01 -0.69
CA SER A 84 7.98 -6.77 0.40
C SER A 84 7.51 -5.61 1.28
N HIS A 85 7.56 -4.40 0.72
CA HIS A 85 7.13 -3.21 1.46
C HIS A 85 5.89 -3.51 2.30
N TYR A 86 4.95 -4.23 1.71
CA TYR A 86 3.71 -4.57 2.42
C TYR A 86 4.00 -5.39 3.67
N GLU A 87 4.52 -6.60 3.47
CA GLU A 87 4.84 -7.48 4.59
C GLU A 87 5.93 -6.88 5.46
N ARG A 88 6.54 -5.80 4.97
CA ARG A 88 7.60 -5.12 5.71
C ARG A 88 7.02 -4.11 6.70
N ILE A 89 6.18 -3.21 6.19
CA ILE A 89 5.56 -2.20 7.03
C ILE A 89 4.07 -2.47 7.20
N ILE A 90 3.43 -2.90 6.13
CA ILE A 90 1.99 -3.20 6.17
C ILE A 90 1.73 -4.53 6.87
N TYR A 91 2.80 -5.19 7.28
CA TYR A 91 2.68 -6.48 7.96
C TYR A 91 2.14 -6.29 9.38
N PRO A 92 2.89 -5.53 10.20
CA PRO A 92 2.50 -5.26 11.59
C PRO A 92 1.29 -4.34 11.69
N TYR A 93 1.24 -3.33 10.83
CA TYR A 93 0.14 -2.38 10.82
C TYR A 93 -1.17 -3.09 10.46
N GLU A 94 -1.07 -4.16 9.68
CA GLU A 94 -2.24 -4.92 9.28
C GLU A 94 -2.75 -5.80 10.42
N MET A 95 -1.89 -6.69 10.91
CA MET A 95 -2.27 -7.58 11.99
C MET A 95 -2.73 -6.80 13.21
N PHE A 96 -2.28 -5.55 13.31
CA PHE A 96 -2.65 -4.70 14.44
C PHE A 96 -4.05 -4.12 14.24
N GLN A 97 -4.29 -3.56 13.05
CA GLN A 97 -5.59 -2.97 12.73
C GLN A 97 -6.71 -3.98 12.99
N SER A 98 -6.55 -5.19 12.49
CA SER A 98 -7.55 -6.23 12.66
C SER A 98 -7.79 -6.52 14.14
N GLY A 99 -8.81 -5.89 14.71
CA GLY A 99 -9.12 -6.09 16.11
C GLY A 99 -10.14 -7.20 16.33
N ALA A 100 -11.37 -6.97 15.86
CA ALA A 100 -12.43 -7.95 16.01
C ALA A 100 -12.59 -8.78 14.74
N GLY A 1 -30.56 18.46 -9.68
CA GLY A 1 -29.11 18.41 -9.78
C GLY A 1 -28.58 16.99 -9.74
N SER A 2 -27.28 16.85 -9.44
CA SER A 2 -26.66 15.54 -9.37
C SER A 2 -25.80 15.41 -8.11
N SER A 3 -25.56 14.17 -7.69
CA SER A 3 -24.76 13.92 -6.50
C SER A 3 -23.59 13.00 -6.81
N GLY A 4 -22.50 13.17 -6.07
CA GLY A 4 -21.32 12.35 -6.29
C GLY A 4 -20.05 13.16 -6.31
N SER A 5 -19.05 12.73 -5.55
CA SER A 5 -17.77 13.44 -5.49
C SER A 5 -16.63 12.47 -5.16
N SER A 6 -15.42 12.84 -5.54
CA SER A 6 -14.25 12.01 -5.29
C SER A 6 -13.01 12.87 -5.03
N GLY A 7 -12.03 12.31 -4.34
CA GLY A 7 -10.82 13.03 -4.04
C GLY A 7 -10.03 12.41 -2.89
N THR A 8 -9.12 13.18 -2.32
CA THR A 8 -8.31 12.70 -1.21
C THR A 8 -9.05 12.84 0.12
N ARG A 9 -9.76 11.78 0.50
CA ARG A 9 -10.52 11.78 1.74
C ARG A 9 -10.04 10.67 2.67
N VAL A 10 -10.08 9.44 2.19
CA VAL A 10 -9.64 8.29 2.97
C VAL A 10 -8.12 8.15 2.94
N LYS A 11 -7.53 8.50 1.80
CA LYS A 11 -6.08 8.40 1.64
C LYS A 11 -5.36 8.87 2.90
N LEU A 12 -6.00 9.76 3.65
CA LEU A 12 -5.43 10.29 4.87
C LEU A 12 -5.65 9.32 6.04
N ASN A 13 -6.91 8.97 6.26
CA ASN A 13 -7.26 8.05 7.35
C ASN A 13 -6.28 6.89 7.42
N TYR A 14 -5.78 6.48 6.25
CA TYR A 14 -4.83 5.37 6.19
C TYR A 14 -3.51 5.75 6.85
N LEU A 15 -3.02 6.94 6.53
CA LEU A 15 -1.76 7.43 7.10
C LEU A 15 -1.93 7.80 8.57
N ASP A 16 -2.98 8.56 8.87
CA ASP A 16 -3.26 8.97 10.24
C ASP A 16 -3.31 7.77 11.18
N GLN A 17 -3.72 6.63 10.63
CA GLN A 17 -3.82 5.40 11.43
C GLN A 17 -2.47 4.70 11.51
N ILE A 18 -1.97 4.25 10.36
CA ILE A 18 -0.69 3.56 10.30
C ILE A 18 0.40 4.36 11.01
N ALA A 19 0.24 5.68 11.02
CA ALA A 19 1.21 6.57 11.67
C ALA A 19 1.06 6.53 13.18
N LYS A 20 -0.17 6.38 13.64
CA LYS A 20 -0.46 6.32 15.07
C LYS A 20 0.08 5.03 15.69
N PHE A 21 0.21 4.00 14.87
CA PHE A 21 0.72 2.71 15.33
C PHE A 21 2.24 2.71 15.38
N TRP A 22 2.87 3.15 14.28
CA TRP A 22 4.32 3.20 14.21
C TRP A 22 4.89 4.17 15.22
N GLU A 23 4.33 5.38 15.26
CA GLU A 23 4.79 6.40 16.20
C GLU A 23 4.95 5.83 17.60
N ILE A 24 4.07 4.90 17.96
CA ILE A 24 4.11 4.27 19.27
C ILE A 24 5.32 3.34 19.40
N GLN A 25 5.55 2.54 18.35
CA GLN A 25 6.66 1.61 18.35
C GLN A 25 7.99 2.34 18.55
N GLY A 26 8.09 3.54 17.98
CA GLY A 26 9.30 4.33 18.10
C GLY A 26 9.79 4.85 16.77
N SER A 27 9.69 4.04 15.73
CA SER A 27 10.13 4.42 14.40
C SER A 27 9.00 5.11 13.63
N SER A 28 9.14 6.41 13.43
CA SER A 28 8.13 7.18 12.71
C SER A 28 7.76 6.51 11.40
N LEU A 29 6.66 6.97 10.80
CA LEU A 29 6.19 6.40 9.53
C LEU A 29 6.90 7.06 8.35
N LYS A 30 7.56 6.24 7.54
CA LYS A 30 8.28 6.74 6.37
C LYS A 30 7.86 5.98 5.11
N ILE A 31 7.60 6.72 4.03
CA ILE A 31 7.19 6.11 2.77
C ILE A 31 8.38 5.98 1.82
N PRO A 32 8.51 4.80 1.20
CA PRO A 32 9.60 4.52 0.24
C PRO A 32 9.45 5.30 -1.06
N ASN A 33 10.55 5.45 -1.78
CA ASN A 33 10.54 6.19 -3.04
C ASN A 33 10.81 5.24 -4.22
N VAL A 34 9.75 4.90 -4.95
CA VAL A 34 9.87 4.02 -6.10
C VAL A 34 9.74 4.79 -7.40
N GLU A 35 10.58 4.44 -8.37
CA GLU A 35 10.56 5.10 -9.67
C GLU A 35 10.66 6.62 -9.51
N ARG A 36 11.61 7.06 -8.70
CA ARG A 36 11.81 8.48 -8.46
C ARG A 36 10.48 9.18 -8.14
N LYS A 37 9.58 8.45 -7.50
CA LYS A 37 8.27 8.99 -7.15
C LYS A 37 7.74 8.34 -5.88
N ILE A 38 6.83 9.03 -5.20
CA ILE A 38 6.23 8.52 -3.96
C ILE A 38 5.45 7.23 -4.23
N LEU A 39 5.57 6.28 -3.31
CA LEU A 39 4.87 5.01 -3.45
C LEU A 39 3.44 5.11 -2.91
N ASP A 40 2.51 4.44 -3.58
CA ASP A 40 1.11 4.46 -3.18
C ASP A 40 0.80 3.28 -2.27
N LEU A 41 0.90 3.50 -0.96
CA LEU A 41 0.62 2.45 0.01
C LEU A 41 -0.88 2.34 0.28
N TYR A 42 -1.61 3.39 -0.04
CA TYR A 42 -3.06 3.41 0.17
C TYR A 42 -3.76 2.48 -0.82
N SER A 43 -3.71 2.83 -2.09
CA SER A 43 -4.34 2.03 -3.14
C SER A 43 -3.93 0.57 -3.03
N LEU A 44 -2.62 0.34 -3.03
CA LEU A 44 -2.08 -1.01 -2.93
C LEU A 44 -2.87 -1.83 -1.91
N SER A 45 -3.04 -1.28 -0.72
CA SER A 45 -3.77 -1.96 0.35
C SER A 45 -5.19 -2.31 -0.10
N LYS A 46 -5.96 -1.28 -0.42
CA LYS A 46 -7.34 -1.47 -0.86
C LYS A 46 -7.40 -2.40 -2.07
N ILE A 47 -6.81 -1.97 -3.18
CA ILE A 47 -6.78 -2.77 -4.40
C ILE A 47 -6.65 -4.25 -4.08
N VAL A 48 -5.58 -4.61 -3.40
CA VAL A 48 -5.34 -6.00 -3.02
C VAL A 48 -6.56 -6.61 -2.35
N ILE A 49 -7.04 -5.95 -1.29
CA ILE A 49 -8.20 -6.44 -0.56
C ILE A 49 -9.41 -6.56 -1.48
N GLU A 50 -9.46 -5.73 -2.51
CA GLU A 50 -10.56 -5.76 -3.46
C GLU A 50 -10.45 -6.96 -4.39
N GLU A 51 -9.32 -7.07 -5.08
CA GLU A 51 -9.09 -8.18 -5.99
C GLU A 51 -9.55 -9.50 -5.39
N GLY A 52 -9.11 -9.77 -4.16
CA GLY A 52 -9.49 -10.99 -3.49
C GLY A 52 -8.55 -11.34 -2.35
N GLY A 53 -8.02 -10.32 -1.68
CA GLY A 53 -7.11 -10.54 -0.56
C GLY A 53 -5.67 -10.63 -1.02
N TYR A 54 -4.76 -10.70 -0.05
CA TYR A 54 -3.33 -10.78 -0.35
C TYR A 54 -2.96 -12.20 -0.75
N GLU A 55 -3.45 -13.18 0.00
CA GLU A 55 -3.15 -14.58 -0.27
C GLU A 55 -3.64 -14.97 -1.67
N ALA A 56 -4.81 -14.47 -2.06
CA ALA A 56 -5.37 -14.76 -3.37
C ALA A 56 -4.52 -14.17 -4.48
N ILE A 57 -4.43 -12.85 -4.51
CA ILE A 57 -3.64 -12.15 -5.52
C ILE A 57 -2.20 -12.65 -5.53
N CYS A 58 -1.70 -13.03 -4.37
CA CYS A 58 -0.34 -13.53 -4.25
C CYS A 58 -0.20 -14.91 -4.91
N LYS A 59 -1.20 -15.76 -4.69
CA LYS A 59 -1.19 -17.10 -5.27
C LYS A 59 -1.29 -17.04 -6.78
N ASP A 60 -2.06 -16.07 -7.28
CA ASP A 60 -2.24 -15.90 -8.72
C ASP A 60 -1.24 -14.90 -9.28
N ARG A 61 -0.12 -14.73 -8.58
CA ARG A 61 0.91 -13.80 -9.01
C ARG A 61 0.30 -12.58 -9.71
N ARG A 62 -0.86 -12.15 -9.22
CA ARG A 62 -1.55 -11.00 -9.79
C ARG A 62 -0.80 -9.71 -9.47
N TRP A 63 0.28 -9.83 -8.72
CA TRP A 63 1.09 -8.67 -8.35
C TRP A 63 1.39 -7.80 -9.57
N ALA A 64 1.67 -8.46 -10.70
CA ALA A 64 1.98 -7.74 -11.93
C ALA A 64 0.86 -6.77 -12.31
N ARG A 65 -0.37 -7.26 -12.27
CA ARG A 65 -1.52 -6.43 -12.60
C ARG A 65 -1.70 -5.32 -11.58
N VAL A 66 -1.59 -5.66 -10.31
CA VAL A 66 -1.74 -4.68 -9.23
C VAL A 66 -0.76 -3.53 -9.39
N ALA A 67 0.46 -3.85 -9.79
CA ALA A 67 1.49 -2.85 -10.00
C ALA A 67 1.13 -1.91 -11.16
N GLN A 68 0.93 -2.49 -12.34
CA GLN A 68 0.59 -1.70 -13.52
C GLN A 68 -0.62 -0.82 -13.25
N ARG A 69 -1.49 -1.27 -12.35
CA ARG A 69 -2.70 -0.51 -12.01
C ARG A 69 -2.32 0.85 -11.42
N LEU A 70 -1.17 0.92 -10.77
CA LEU A 70 -0.70 2.15 -10.16
C LEU A 70 0.09 2.99 -11.16
N HIS A 71 -0.01 2.63 -12.43
CA HIS A 71 0.69 3.34 -13.49
C HIS A 71 2.19 3.07 -13.44
N TYR A 72 2.54 1.84 -13.07
CA TYR A 72 3.95 1.46 -12.98
C TYR A 72 4.51 1.08 -14.35
N PRO A 73 5.84 1.22 -14.50
CA PRO A 73 6.52 0.91 -15.76
C PRO A 73 6.54 -0.59 -16.05
N PRO A 74 6.00 -0.97 -17.22
CA PRO A 74 5.95 -2.38 -17.64
C PRO A 74 7.32 -2.93 -17.99
N GLY A 75 7.73 -3.98 -17.27
CA GLY A 75 9.03 -4.59 -17.51
C GLY A 75 9.78 -4.86 -16.23
N LYS A 76 10.14 -3.81 -15.51
CA LYS A 76 10.87 -3.94 -14.25
C LYS A 76 10.08 -4.77 -13.24
N ASN A 77 10.78 -5.59 -12.48
CA ASN A 77 10.14 -6.44 -11.47
C ASN A 77 9.73 -5.60 -10.26
N ILE A 78 8.55 -5.02 -10.33
CA ILE A 78 8.03 -4.19 -9.23
C ILE A 78 7.20 -5.04 -8.27
N GLY A 79 6.49 -6.02 -8.82
CA GLY A 79 5.66 -6.88 -7.98
C GLY A 79 6.32 -7.25 -6.69
N SER A 80 7.57 -7.71 -6.77
CA SER A 80 8.33 -8.10 -5.59
C SER A 80 8.43 -6.95 -4.59
N LEU A 81 8.86 -5.79 -5.08
CA LEU A 81 9.00 -4.61 -4.23
C LEU A 81 7.74 -4.38 -3.41
N LEU A 82 6.60 -4.31 -4.09
CA LEU A 82 5.33 -4.09 -3.41
C LEU A 82 5.11 -5.12 -2.30
N ARG A 83 4.96 -6.38 -2.70
CA ARG A 83 4.76 -7.46 -1.75
C ARG A 83 5.59 -7.24 -0.48
N SER A 84 6.85 -6.89 -0.67
CA SER A 84 7.76 -6.66 0.46
C SER A 84 7.25 -5.50 1.32
N HIS A 85 7.36 -4.28 0.79
CA HIS A 85 6.92 -3.10 1.52
C HIS A 85 5.65 -3.38 2.31
N TYR A 86 4.78 -4.23 1.74
CA TYR A 86 3.53 -4.59 2.39
C TYR A 86 3.78 -5.46 3.62
N GLU A 87 4.45 -6.59 3.42
CA GLU A 87 4.76 -7.51 4.51
C GLU A 87 5.82 -6.92 5.43
N ARG A 88 6.42 -5.82 5.01
CA ARG A 88 7.45 -5.16 5.79
C ARG A 88 6.88 -3.98 6.58
N ILE A 89 5.93 -3.27 5.96
CA ILE A 89 5.31 -2.12 6.60
C ILE A 89 3.83 -2.40 6.90
N ILE A 90 3.11 -2.89 5.89
CA ILE A 90 1.69 -3.20 6.05
C ILE A 90 1.50 -4.50 6.81
N TYR A 91 2.61 -5.13 7.19
CA TYR A 91 2.56 -6.39 7.92
C TYR A 91 2.11 -6.17 9.37
N PRO A 92 2.90 -5.38 10.11
CA PRO A 92 2.61 -5.07 11.51
C PRO A 92 1.39 -4.16 11.66
N TYR A 93 1.27 -3.18 10.78
CA TYR A 93 0.14 -2.25 10.81
C TYR A 93 -1.17 -2.99 10.62
N GLU A 94 -1.16 -4.01 9.78
CA GLU A 94 -2.36 -4.80 9.52
C GLU A 94 -2.72 -5.67 10.73
N MET A 95 -1.81 -6.58 11.08
CA MET A 95 -2.03 -7.47 12.21
C MET A 95 -2.36 -6.68 13.47
N PHE A 96 -1.69 -5.54 13.63
CA PHE A 96 -1.91 -4.70 14.80
C PHE A 96 -3.32 -4.13 14.81
N GLN A 97 -3.78 -3.67 13.65
CA GLN A 97 -5.12 -3.10 13.52
C GLN A 97 -6.10 -4.14 13.00
N SER A 98 -5.95 -5.37 13.47
CA SER A 98 -6.81 -6.47 13.06
C SER A 98 -7.11 -7.40 14.22
N GLY A 99 -8.38 -7.51 14.59
CA GLY A 99 -8.77 -8.38 15.68
C GLY A 99 -10.16 -8.06 16.21
N ALA A 100 -10.38 -6.81 16.57
CA ALA A 100 -11.67 -6.37 17.09
C ALA A 100 -12.64 -6.05 15.95
N GLY A 1 1.20 16.56 -4.40
CA GLY A 1 -0.12 17.08 -4.10
C GLY A 1 -0.29 18.51 -4.59
N SER A 2 -0.58 18.66 -5.88
CA SER A 2 -0.77 19.98 -6.47
C SER A 2 -2.25 20.36 -6.50
N SER A 3 -2.56 21.56 -6.02
CA SER A 3 -3.94 22.04 -5.98
C SER A 3 -4.60 21.86 -7.33
N GLY A 4 -5.89 21.51 -7.32
CA GLY A 4 -6.62 21.31 -8.56
C GLY A 4 -7.30 19.96 -8.61
N SER A 5 -8.63 19.96 -8.64
CA SER A 5 -9.39 18.72 -8.69
C SER A 5 -8.87 17.71 -7.67
N SER A 6 -8.33 18.22 -6.57
CA SER A 6 -7.78 17.37 -5.52
C SER A 6 -8.90 16.57 -4.84
N GLY A 7 -8.68 15.27 -4.68
CA GLY A 7 -9.66 14.42 -4.03
C GLY A 7 -9.05 13.50 -2.99
N THR A 8 -8.50 14.10 -1.94
CA THR A 8 -7.88 13.33 -0.88
C THR A 8 -8.72 13.39 0.41
N ARG A 9 -9.44 12.31 0.68
CA ARG A 9 -10.28 12.25 1.87
C ARG A 9 -9.92 11.03 2.72
N VAL A 10 -9.93 9.86 2.10
CA VAL A 10 -9.61 8.61 2.79
C VAL A 10 -8.10 8.40 2.85
N LYS A 11 -7.42 8.65 1.73
CA LYS A 11 -5.98 8.48 1.65
C LYS A 11 -5.31 8.90 2.96
N LEU A 12 -5.92 9.85 3.65
CA LEU A 12 -5.39 10.34 4.92
C LEU A 12 -5.57 9.30 6.02
N ASN A 13 -6.83 8.95 6.30
CA ASN A 13 -7.14 7.96 7.33
C ASN A 13 -6.10 6.84 7.35
N TYR A 14 -5.92 6.20 6.20
CA TYR A 14 -4.96 5.10 6.10
C TYR A 14 -3.59 5.52 6.64
N LEU A 15 -3.16 6.72 6.28
CA LEU A 15 -1.87 7.24 6.72
C LEU A 15 -1.91 7.55 8.22
N ASP A 16 -2.71 8.54 8.60
CA ASP A 16 -2.84 8.93 9.99
C ASP A 16 -2.96 7.70 10.89
N GLN A 17 -3.44 6.60 10.32
CA GLN A 17 -3.61 5.37 11.07
C GLN A 17 -2.28 4.61 11.20
N ILE A 18 -1.73 4.21 10.06
CA ILE A 18 -0.46 3.49 10.05
C ILE A 18 0.64 4.30 10.74
N ALA A 19 0.49 5.61 10.74
CA ALA A 19 1.47 6.49 11.36
C ALA A 19 1.31 6.49 12.87
N LYS A 20 0.11 6.81 13.34
CA LYS A 20 -0.17 6.85 14.77
C LYS A 20 0.24 5.54 15.44
N PHE A 21 0.10 4.44 14.71
CA PHE A 21 0.45 3.13 15.23
C PHE A 21 1.96 2.99 15.41
N TRP A 22 2.71 3.27 14.34
CA TRP A 22 4.15 3.19 14.37
C TRP A 22 4.72 4.03 15.51
N GLU A 23 4.37 5.30 15.53
CA GLU A 23 4.84 6.21 16.57
C GLU A 23 4.66 5.60 17.96
N ILE A 24 3.49 5.00 18.18
CA ILE A 24 3.19 4.37 19.46
C ILE A 24 4.16 3.24 19.76
N GLN A 25 4.40 2.39 18.76
CA GLN A 25 5.32 1.26 18.92
C GLN A 25 6.68 1.73 19.41
N GLY A 26 7.15 2.86 18.87
CA GLY A 26 8.44 3.39 19.26
C GLY A 26 9.34 3.63 18.07
N SER A 27 8.79 4.18 17.00
CA SER A 27 9.56 4.47 15.79
C SER A 27 8.80 5.44 14.88
N SER A 28 9.48 5.93 13.85
CA SER A 28 8.87 6.86 12.91
C SER A 28 8.46 6.14 11.64
N LEU A 29 7.42 6.66 10.97
CA LEU A 29 6.93 6.08 9.74
C LEU A 29 7.50 6.79 8.52
N LYS A 30 8.26 6.06 7.72
CA LYS A 30 8.87 6.62 6.52
C LYS A 30 8.29 5.99 5.26
N ILE A 31 8.19 6.78 4.19
CA ILE A 31 7.65 6.29 2.94
C ILE A 31 8.73 6.22 1.86
N PRO A 32 8.90 5.03 1.26
CA PRO A 32 9.90 4.80 0.21
C PRO A 32 9.54 5.50 -1.08
N ASN A 33 10.56 5.82 -1.88
CA ASN A 33 10.35 6.50 -3.15
C ASN A 33 10.50 5.52 -4.32
N VAL A 34 9.43 5.38 -5.09
CA VAL A 34 9.44 4.48 -6.25
C VAL A 34 8.98 5.20 -7.51
N GLU A 35 9.69 4.97 -8.60
CA GLU A 35 9.37 5.60 -9.88
C GLU A 35 9.47 7.12 -9.78
N ARG A 36 10.58 7.60 -9.23
CA ARG A 36 10.80 9.03 -9.09
C ARG A 36 9.53 9.73 -8.59
N LYS A 37 8.82 9.07 -7.69
CA LYS A 37 7.58 9.63 -7.15
C LYS A 37 7.17 8.90 -5.88
N ILE A 38 6.43 9.59 -5.01
CA ILE A 38 5.97 9.01 -3.76
C ILE A 38 5.14 7.75 -4.01
N LEU A 39 5.15 6.84 -3.04
CA LEU A 39 4.39 5.59 -3.16
C LEU A 39 3.05 5.70 -2.44
N ASP A 40 1.97 5.42 -3.17
CA ASP A 40 0.64 5.48 -2.60
C ASP A 40 0.28 4.17 -1.92
N LEU A 41 0.83 3.94 -0.74
CA LEU A 41 0.57 2.71 0.01
C LEU A 41 -0.93 2.49 0.18
N TYR A 42 -1.68 3.58 0.21
CA TYR A 42 -3.14 3.51 0.38
C TYR A 42 -3.76 2.68 -0.73
N SER A 43 -3.45 3.03 -1.98
CA SER A 43 -3.98 2.31 -3.13
C SER A 43 -3.52 0.87 -3.14
N LEU A 44 -2.20 0.67 -3.19
CA LEU A 44 -1.63 -0.67 -3.20
C LEU A 44 -2.46 -1.63 -2.35
N SER A 45 -2.45 -1.40 -1.04
CA SER A 45 -3.20 -2.25 -0.11
C SER A 45 -4.67 -2.33 -0.53
N LYS A 46 -5.33 -1.18 -0.56
CA LYS A 46 -6.74 -1.11 -0.93
C LYS A 46 -7.05 -2.10 -2.05
N ILE A 47 -6.23 -2.08 -3.10
CA ILE A 47 -6.42 -2.97 -4.23
C ILE A 47 -6.27 -4.43 -3.81
N VAL A 48 -5.24 -4.71 -3.02
CA VAL A 48 -4.99 -6.07 -2.55
C VAL A 48 -6.24 -6.67 -1.92
N ILE A 49 -6.68 -6.09 -0.81
CA ILE A 49 -7.87 -6.58 -0.12
C ILE A 49 -9.05 -6.69 -1.07
N GLU A 50 -9.33 -5.61 -1.79
CA GLU A 50 -10.44 -5.59 -2.73
C GLU A 50 -10.43 -6.84 -3.61
N GLU A 51 -9.26 -7.16 -4.18
CA GLU A 51 -9.12 -8.32 -5.03
C GLU A 51 -9.62 -9.58 -4.32
N GLY A 52 -9.17 -9.77 -3.10
CA GLY A 52 -9.58 -10.94 -2.33
C GLY A 52 -8.57 -11.34 -1.27
N GLY A 53 -7.90 -10.34 -0.70
CA GLY A 53 -6.90 -10.61 0.32
C GLY A 53 -5.50 -10.65 -0.25
N TYR A 54 -4.52 -10.93 0.62
CA TYR A 54 -3.13 -11.00 0.19
C TYR A 54 -2.77 -12.40 -0.28
N GLU A 55 -3.35 -13.41 0.35
CA GLU A 55 -3.10 -14.80 -0.01
C GLU A 55 -3.71 -15.12 -1.36
N ALA A 56 -4.90 -14.59 -1.61
CA ALA A 56 -5.60 -14.82 -2.86
C ALA A 56 -4.85 -14.20 -4.03
N ILE A 57 -4.63 -12.89 -3.96
CA ILE A 57 -3.93 -12.17 -5.01
C ILE A 57 -2.55 -12.77 -5.25
N CYS A 58 -1.91 -13.22 -4.19
CA CYS A 58 -0.58 -13.82 -4.29
C CYS A 58 -0.63 -15.15 -5.03
N LYS A 59 -1.72 -15.89 -4.83
CA LYS A 59 -1.90 -17.19 -5.48
C LYS A 59 -2.03 -17.02 -6.98
N ASP A 60 -2.85 -16.06 -7.40
CA ASP A 60 -3.06 -15.80 -8.82
C ASP A 60 -2.03 -14.81 -9.35
N ARG A 61 -0.88 -14.74 -8.68
CA ARG A 61 0.18 -13.82 -9.08
C ARG A 61 -0.39 -12.53 -9.65
N ARG A 62 -1.29 -11.91 -8.90
CA ARG A 62 -1.92 -10.66 -9.33
C ARG A 62 -0.95 -9.50 -9.22
N TRP A 63 0.04 -9.64 -8.34
CA TRP A 63 1.03 -8.59 -8.13
C TRP A 63 1.32 -7.85 -9.43
N ALA A 64 1.50 -8.62 -10.51
CA ALA A 64 1.78 -8.03 -11.82
C ALA A 64 0.73 -7.00 -12.20
N ARG A 65 -0.54 -7.43 -12.21
CA ARG A 65 -1.64 -6.54 -12.56
C ARG A 65 -1.80 -5.44 -11.52
N VAL A 66 -1.65 -5.79 -10.25
CA VAL A 66 -1.77 -4.84 -9.16
C VAL A 66 -0.84 -3.64 -9.37
N ALA A 67 0.36 -3.91 -9.86
CA ALA A 67 1.33 -2.86 -10.10
C ALA A 67 0.94 -2.02 -11.32
N GLN A 68 0.68 -2.68 -12.43
CA GLN A 68 0.29 -1.99 -13.66
C GLN A 68 -0.91 -1.08 -13.42
N ARG A 69 -1.74 -1.47 -12.45
CA ARG A 69 -2.94 -0.69 -12.12
C ARG A 69 -2.57 0.72 -11.67
N LEU A 70 -1.43 0.83 -10.98
CA LEU A 70 -0.96 2.12 -10.49
C LEU A 70 -0.15 2.84 -11.57
N HIS A 71 -0.42 2.51 -12.83
CA HIS A 71 0.28 3.13 -13.94
C HIS A 71 1.79 2.90 -13.84
N TYR A 72 2.17 1.73 -13.32
CA TYR A 72 3.58 1.40 -13.16
C TYR A 72 4.16 0.87 -14.47
N PRO A 73 5.47 1.03 -14.65
CA PRO A 73 6.19 0.58 -15.85
C PRO A 73 6.27 -0.94 -15.93
N PRO A 74 5.59 -1.52 -16.93
CA PRO A 74 5.57 -2.97 -17.14
C PRO A 74 6.92 -3.50 -17.62
N GLY A 75 7.74 -3.97 -16.68
CA GLY A 75 9.04 -4.50 -17.03
C GLY A 75 9.88 -4.83 -15.81
N LYS A 76 10.34 -3.80 -15.11
CA LYS A 76 11.16 -3.99 -13.92
C LYS A 76 10.50 -4.98 -12.97
N ASN A 77 11.25 -5.41 -11.95
CA ASN A 77 10.75 -6.36 -10.98
C ASN A 77 9.96 -5.65 -9.88
N ILE A 78 9.11 -4.70 -10.29
CA ILE A 78 8.29 -3.95 -9.35
C ILE A 78 7.48 -4.89 -8.46
N GLY A 79 6.79 -5.84 -9.09
CA GLY A 79 5.98 -6.78 -8.34
C GLY A 79 6.63 -7.19 -7.03
N SER A 80 7.88 -7.63 -7.10
CA SER A 80 8.61 -8.06 -5.91
C SER A 80 8.78 -6.91 -4.94
N LEU A 81 9.21 -5.76 -5.45
CA LEU A 81 9.42 -4.57 -4.63
C LEU A 81 8.18 -4.27 -3.80
N LEU A 82 7.02 -4.30 -4.44
CA LEU A 82 5.76 -4.02 -3.77
C LEU A 82 5.52 -5.02 -2.64
N ARG A 83 5.33 -6.28 -3.00
CA ARG A 83 5.09 -7.33 -2.01
C ARG A 83 5.94 -7.11 -0.77
N SER A 84 7.23 -6.86 -0.96
CA SER A 84 8.15 -6.64 0.15
C SER A 84 7.67 -5.47 1.01
N HIS A 85 7.74 -4.26 0.45
CA HIS A 85 7.33 -3.05 1.16
C HIS A 85 6.09 -3.34 2.01
N TYR A 86 5.12 -4.03 1.42
CA TYR A 86 3.88 -4.35 2.13
C TYR A 86 4.17 -5.20 3.37
N GLU A 87 4.78 -6.35 3.16
CA GLU A 87 5.11 -7.26 4.26
C GLU A 87 6.18 -6.65 5.15
N ARG A 88 6.76 -5.54 4.70
CA ARG A 88 7.80 -4.87 5.46
C ARG A 88 7.19 -3.87 6.45
N ILE A 89 6.36 -2.97 5.93
CA ILE A 89 5.71 -1.96 6.76
C ILE A 89 4.22 -2.26 6.91
N ILE A 90 3.59 -2.68 5.82
CA ILE A 90 2.17 -3.00 5.83
C ILE A 90 1.91 -4.35 6.48
N TYR A 91 2.98 -5.00 6.93
CA TYR A 91 2.87 -6.30 7.58
C TYR A 91 2.25 -6.17 8.98
N PRO A 92 2.93 -5.41 9.85
CA PRO A 92 2.48 -5.19 11.22
C PRO A 92 1.23 -4.31 11.28
N TYR A 93 1.22 -3.25 10.48
CA TYR A 93 0.09 -2.32 10.44
C TYR A 93 -1.20 -3.07 10.11
N GLU A 94 -1.11 -4.02 9.19
CA GLU A 94 -2.27 -4.80 8.78
C GLU A 94 -2.69 -5.78 9.87
N MET A 95 -1.81 -6.75 10.15
CA MET A 95 -2.08 -7.75 11.17
C MET A 95 -2.57 -7.09 12.46
N PHE A 96 -1.94 -5.99 12.84
CA PHE A 96 -2.30 -5.27 14.04
C PHE A 96 -3.64 -4.55 13.86
N GLN A 97 -3.70 -3.68 12.85
CA GLN A 97 -4.92 -2.92 12.58
C GLN A 97 -5.97 -3.81 11.90
N SER A 98 -6.21 -4.97 12.48
CA SER A 98 -7.18 -5.91 11.95
C SER A 98 -8.36 -6.09 12.90
N GLY A 99 -8.80 -4.98 13.50
CA GLY A 99 -9.91 -5.04 14.43
C GLY A 99 -9.79 -6.17 15.42
N ALA A 100 -8.99 -5.95 16.46
CA ALA A 100 -8.78 -6.97 17.49
C ALA A 100 -9.60 -6.67 18.73
N GLY A 1 -3.95 29.69 -7.21
CA GLY A 1 -3.62 28.29 -7.45
C GLY A 1 -4.73 27.55 -8.14
N SER A 2 -4.39 26.86 -9.23
CA SER A 2 -5.37 26.10 -10.00
C SER A 2 -5.22 24.60 -9.73
N SER A 3 -6.19 24.04 -9.02
CA SER A 3 -6.16 22.62 -8.69
C SER A 3 -7.57 22.09 -8.44
N GLY A 4 -7.96 21.08 -9.20
CA GLY A 4 -9.28 20.50 -9.05
C GLY A 4 -9.24 19.03 -8.69
N SER A 5 -8.96 18.19 -9.66
CA SER A 5 -8.90 16.75 -9.44
C SER A 5 -7.88 16.42 -8.34
N SER A 6 -8.36 16.34 -7.11
CA SER A 6 -7.50 16.04 -5.98
C SER A 6 -8.26 15.25 -4.91
N GLY A 7 -7.57 14.29 -4.30
CA GLY A 7 -8.19 13.47 -3.27
C GLY A 7 -7.22 13.06 -2.19
N THR A 8 -6.34 13.99 -1.80
CA THR A 8 -5.35 13.71 -0.77
C THR A 8 -6.02 13.53 0.59
N ARG A 9 -7.04 14.34 0.86
CA ARG A 9 -7.76 14.27 2.13
C ARG A 9 -7.87 12.83 2.61
N VAL A 10 -8.21 11.93 1.69
CA VAL A 10 -8.35 10.51 2.02
C VAL A 10 -6.98 9.85 2.15
N LYS A 11 -6.20 9.88 1.07
CA LYS A 11 -4.88 9.28 1.06
C LYS A 11 -4.19 9.45 2.42
N LEU A 12 -4.51 10.54 3.10
CA LEU A 12 -3.93 10.81 4.42
C LEU A 12 -4.50 9.87 5.47
N ASN A 13 -5.82 9.71 5.47
CA ASN A 13 -6.48 8.83 6.43
C ASN A 13 -5.66 7.58 6.67
N TYR A 14 -5.22 6.95 5.60
CA TYR A 14 -4.42 5.72 5.69
C TYR A 14 -3.09 6.01 6.38
N LEU A 15 -2.46 7.12 6.02
CA LEU A 15 -1.18 7.50 6.60
C LEU A 15 -1.32 7.77 8.09
N ASP A 16 -2.22 8.69 8.44
CA ASP A 16 -2.45 9.03 9.85
C ASP A 16 -2.85 7.80 10.64
N GLN A 17 -3.41 6.81 9.96
CA GLN A 17 -3.85 5.58 10.61
C GLN A 17 -2.67 4.67 10.90
N ILE A 18 -1.97 4.25 9.85
CA ILE A 18 -0.82 3.38 9.98
C ILE A 18 0.29 4.05 10.78
N ALA A 19 0.36 5.38 10.68
CA ALA A 19 1.38 6.14 11.41
C ALA A 19 1.11 6.12 12.91
N LYS A 20 -0.11 6.46 13.30
CA LYS A 20 -0.49 6.47 14.70
C LYS A 20 -0.05 5.19 15.41
N PHE A 21 0.04 4.11 14.64
CA PHE A 21 0.47 2.82 15.19
C PHE A 21 1.98 2.75 15.32
N TRP A 22 2.69 3.22 14.30
CA TRP A 22 4.15 3.21 14.32
C TRP A 22 4.69 4.22 15.32
N GLU A 23 4.27 5.48 15.19
CA GLU A 23 4.71 6.54 16.08
C GLU A 23 4.77 6.03 17.52
N ILE A 24 3.77 5.26 17.92
CA ILE A 24 3.71 4.72 19.27
C ILE A 24 4.81 3.68 19.49
N GLN A 25 4.87 2.69 18.62
CA GLN A 25 5.87 1.64 18.73
C GLN A 25 7.25 2.23 18.99
N GLY A 26 7.49 3.42 18.45
CA GLY A 26 8.77 4.07 18.64
C GLY A 26 9.38 4.54 17.32
N SER A 27 9.22 3.74 16.28
CA SER A 27 9.76 4.07 14.97
C SER A 27 8.75 4.89 14.16
N SER A 28 9.18 6.09 13.75
CA SER A 28 8.32 6.98 12.98
C SER A 28 7.89 6.32 11.67
N LEU A 29 6.99 6.97 10.95
CA LEU A 29 6.50 6.45 9.67
C LEU A 29 7.24 7.12 8.51
N LYS A 30 7.78 6.29 7.62
CA LYS A 30 8.50 6.79 6.45
C LYS A 30 8.01 6.11 5.17
N ILE A 31 7.66 6.92 4.18
CA ILE A 31 7.19 6.40 2.91
C ILE A 31 8.31 6.30 1.89
N PRO A 32 8.52 5.08 1.36
CA PRO A 32 9.56 4.83 0.37
C PRO A 32 9.26 5.47 -0.99
N ASN A 33 10.32 5.89 -1.68
CA ASN A 33 10.15 6.53 -2.98
C ASN A 33 10.34 5.52 -4.11
N VAL A 34 9.26 5.26 -4.84
CA VAL A 34 9.30 4.31 -5.95
C VAL A 34 9.05 5.01 -7.28
N GLU A 35 9.77 4.59 -8.32
CA GLU A 35 9.62 5.17 -9.65
C GLU A 35 9.63 6.69 -9.57
N ARG A 36 10.67 7.24 -8.95
CA ARG A 36 10.81 8.69 -8.81
C ARG A 36 9.47 9.33 -8.43
N LYS A 37 8.77 8.68 -7.50
CA LYS A 37 7.47 9.18 -7.04
C LYS A 37 7.07 8.52 -5.72
N ILE A 38 6.26 9.21 -4.94
CA ILE A 38 5.80 8.68 -3.66
C ILE A 38 4.95 7.44 -3.86
N LEU A 39 5.08 6.49 -2.94
CA LEU A 39 4.32 5.24 -3.01
C LEU A 39 3.00 5.37 -2.27
N ASP A 40 1.91 5.10 -2.98
CA ASP A 40 0.57 5.20 -2.39
C ASP A 40 0.20 3.88 -1.71
N LEU A 41 0.88 3.58 -0.61
CA LEU A 41 0.62 2.34 0.14
C LEU A 41 -0.87 2.16 0.37
N TYR A 42 -1.59 3.28 0.52
CA TYR A 42 -3.03 3.23 0.76
C TYR A 42 -3.74 2.46 -0.35
N SER A 43 -3.69 3.01 -1.56
CA SER A 43 -4.33 2.39 -2.71
C SER A 43 -3.91 0.93 -2.84
N LEU A 44 -2.61 0.68 -2.71
CA LEU A 44 -2.07 -0.67 -2.80
C LEU A 44 -2.90 -1.66 -1.99
N SER A 45 -2.88 -1.49 -0.67
CA SER A 45 -3.64 -2.36 0.21
C SER A 45 -5.07 -2.53 -0.28
N LYS A 46 -5.73 -1.42 -0.54
CA LYS A 46 -7.11 -1.43 -1.02
C LYS A 46 -7.27 -2.42 -2.16
N ILE A 47 -6.52 -2.20 -3.24
CA ILE A 47 -6.59 -3.08 -4.40
C ILE A 47 -6.43 -4.55 -4.00
N VAL A 48 -5.39 -4.82 -3.21
CA VAL A 48 -5.13 -6.18 -2.75
C VAL A 48 -6.39 -6.81 -2.16
N ILE A 49 -6.89 -6.24 -1.08
CA ILE A 49 -8.09 -6.74 -0.43
C ILE A 49 -9.22 -6.92 -1.43
N GLU A 50 -9.46 -5.91 -2.24
CA GLU A 50 -10.52 -5.95 -3.24
C GLU A 50 -10.39 -7.20 -4.11
N GLU A 51 -9.23 -7.35 -4.75
CA GLU A 51 -8.97 -8.48 -5.62
C GLU A 51 -9.42 -9.79 -4.95
N GLY A 52 -8.99 -9.98 -3.71
CA GLY A 52 -9.35 -11.18 -2.97
C GLY A 52 -8.35 -11.52 -1.89
N GLY A 53 -7.81 -10.49 -1.24
CA GLY A 53 -6.84 -10.72 -0.19
C GLY A 53 -5.40 -10.68 -0.70
N TYR A 54 -4.45 -10.78 0.21
CA TYR A 54 -3.04 -10.75 -0.15
C TYR A 54 -2.57 -12.14 -0.60
N GLU A 55 -3.03 -13.17 0.11
CA GLU A 55 -2.65 -14.53 -0.22
C GLU A 55 -3.16 -14.93 -1.60
N ALA A 56 -4.38 -14.51 -1.92
CA ALA A 56 -4.99 -14.81 -3.21
C ALA A 56 -4.17 -14.21 -4.35
N ILE A 57 -4.11 -12.89 -4.40
CA ILE A 57 -3.37 -12.18 -5.43
C ILE A 57 -1.92 -12.67 -5.49
N CYS A 58 -1.36 -13.00 -4.33
CA CYS A 58 0.01 -13.49 -4.25
C CYS A 58 0.15 -14.84 -4.93
N LYS A 59 -0.87 -15.68 -4.79
CA LYS A 59 -0.86 -17.00 -5.39
C LYS A 59 -1.00 -16.92 -6.90
N ASP A 60 -1.90 -16.04 -7.36
CA ASP A 60 -2.12 -15.86 -8.80
C ASP A 60 -1.18 -14.82 -9.37
N ARG A 61 -0.05 -14.60 -8.70
CA ARG A 61 0.94 -13.64 -9.14
C ARG A 61 0.27 -12.44 -9.80
N ARG A 62 -0.81 -11.96 -9.19
CA ARG A 62 -1.55 -10.82 -9.71
C ARG A 62 -0.78 -9.52 -9.47
N TRP A 63 0.29 -9.61 -8.69
CA TRP A 63 1.11 -8.44 -8.37
C TRP A 63 1.38 -7.62 -9.62
N ALA A 64 1.79 -8.29 -10.69
CA ALA A 64 2.09 -7.61 -11.95
C ALA A 64 0.98 -6.63 -12.32
N ARG A 65 -0.24 -7.13 -12.42
CA ARG A 65 -1.39 -6.29 -12.76
C ARG A 65 -1.69 -5.30 -11.64
N VAL A 66 -1.93 -5.82 -10.44
CA VAL A 66 -2.23 -4.98 -9.29
C VAL A 66 -1.31 -3.77 -9.24
N ALA A 67 -0.11 -3.92 -9.77
CA ALA A 67 0.86 -2.83 -9.79
C ALA A 67 0.59 -1.86 -10.94
N GLN A 68 0.41 -2.42 -12.14
CA GLN A 68 0.15 -1.62 -13.32
C GLN A 68 -1.13 -0.80 -13.15
N ARG A 69 -2.05 -1.31 -12.33
CA ARG A 69 -3.31 -0.63 -12.08
C ARG A 69 -3.07 0.75 -11.46
N LEU A 70 -1.95 0.89 -10.78
CA LEU A 70 -1.60 2.15 -10.13
C LEU A 70 -0.81 3.05 -11.08
N HIS A 71 -0.77 2.67 -12.36
CA HIS A 71 -0.05 3.45 -13.36
C HIS A 71 1.46 3.30 -13.17
N TYR A 72 1.92 2.05 -13.04
CA TYR A 72 3.33 1.78 -12.85
C TYR A 72 3.98 1.34 -14.15
N PRO A 73 5.31 1.48 -14.24
CA PRO A 73 6.08 1.10 -15.42
C PRO A 73 6.13 -0.41 -15.63
N PRO A 74 5.47 -0.89 -16.68
CA PRO A 74 5.43 -2.32 -17.01
C PRO A 74 6.77 -2.85 -17.49
N GLY A 75 7.55 -3.41 -16.58
CA GLY A 75 8.85 -3.94 -16.94
C GLY A 75 9.69 -4.30 -15.72
N LYS A 76 10.19 -3.29 -15.03
CA LYS A 76 11.01 -3.51 -13.85
C LYS A 76 10.28 -4.38 -12.83
N ASN A 77 11.02 -5.21 -12.12
CA ASN A 77 10.44 -6.10 -11.12
C ASN A 77 9.82 -5.29 -9.97
N ILE A 78 8.60 -4.80 -10.20
CA ILE A 78 7.90 -4.02 -9.19
C ILE A 78 7.10 -4.91 -8.26
N GLY A 79 6.37 -5.86 -8.84
CA GLY A 79 5.57 -6.77 -8.05
C GLY A 79 6.25 -7.17 -6.75
N SER A 80 7.53 -7.52 -6.84
CA SER A 80 8.30 -7.92 -5.66
C SER A 80 8.35 -6.80 -4.64
N LEU A 81 8.74 -5.61 -5.09
CA LEU A 81 8.84 -4.45 -4.21
C LEU A 81 7.55 -4.27 -3.40
N LEU A 82 6.43 -4.31 -4.10
CA LEU A 82 5.13 -4.15 -3.45
C LEU A 82 4.93 -5.21 -2.35
N ARG A 83 4.85 -6.47 -2.76
CA ARG A 83 4.66 -7.57 -1.82
C ARG A 83 5.48 -7.33 -0.55
N SER A 84 6.75 -6.95 -0.72
CA SER A 84 7.63 -6.70 0.40
C SER A 84 7.07 -5.59 1.29
N HIS A 85 7.07 -4.37 0.77
CA HIS A 85 6.57 -3.22 1.51
C HIS A 85 5.29 -3.58 2.26
N TYR A 86 4.59 -4.59 1.77
CA TYR A 86 3.35 -5.03 2.40
C TYR A 86 3.63 -5.87 3.64
N GLU A 87 4.49 -6.86 3.50
CA GLU A 87 4.85 -7.74 4.60
C GLU A 87 5.91 -7.10 5.49
N ARG A 88 6.46 -5.98 5.02
CA ARG A 88 7.50 -5.27 5.77
C ARG A 88 6.89 -4.13 6.58
N ILE A 89 5.95 -3.41 5.97
CA ILE A 89 5.29 -2.30 6.63
C ILE A 89 3.82 -2.60 6.89
N ILE A 90 3.12 -3.08 5.86
CA ILE A 90 1.71 -3.42 5.98
C ILE A 90 1.52 -4.74 6.70
N TYR A 91 2.62 -5.29 7.20
CA TYR A 91 2.57 -6.57 7.91
C TYR A 91 2.00 -6.40 9.31
N PRO A 92 2.69 -5.60 10.15
CA PRO A 92 2.27 -5.33 11.52
C PRO A 92 1.02 -4.46 11.58
N TYR A 93 0.90 -3.53 10.64
CA TYR A 93 -0.25 -2.62 10.59
C TYR A 93 -1.54 -3.41 10.40
N GLU A 94 -1.50 -4.41 9.53
CA GLU A 94 -2.68 -5.22 9.25
C GLU A 94 -3.00 -6.12 10.45
N MET A 95 -2.02 -6.90 10.88
CA MET A 95 -2.20 -7.80 12.02
C MET A 95 -2.51 -7.01 13.29
N PHE A 96 -1.59 -6.12 13.66
CA PHE A 96 -1.75 -5.30 14.86
C PHE A 96 -3.15 -4.68 14.90
N GLN A 97 -3.50 -3.97 13.83
CA GLN A 97 -4.80 -3.31 13.75
C GLN A 97 -5.80 -4.20 13.03
N SER A 98 -5.84 -5.48 13.41
CA SER A 98 -6.76 -6.42 12.80
C SER A 98 -8.02 -6.59 13.64
N GLY A 99 -9.08 -5.88 13.25
CA GLY A 99 -10.33 -5.96 13.98
C GLY A 99 -11.50 -5.43 13.17
N ALA A 100 -12.08 -6.29 12.34
CA ALA A 100 -13.22 -5.90 11.51
C ALA A 100 -14.51 -5.92 12.32
N GLY A 1 -26.56 19.92 -5.44
CA GLY A 1 -25.31 19.44 -4.88
C GLY A 1 -24.11 19.85 -5.70
N SER A 2 -22.94 19.32 -5.36
CA SER A 2 -21.71 19.64 -6.07
C SER A 2 -20.59 18.67 -5.69
N SER A 3 -19.62 18.51 -6.59
CA SER A 3 -18.51 17.62 -6.35
C SER A 3 -17.45 18.28 -5.48
N GLY A 4 -17.06 19.49 -5.86
CA GLY A 4 -16.06 20.22 -5.10
C GLY A 4 -14.67 19.64 -5.26
N SER A 5 -13.97 20.06 -6.31
CA SER A 5 -12.63 19.57 -6.58
C SER A 5 -11.82 19.44 -5.29
N SER A 6 -11.64 18.21 -4.83
CA SER A 6 -10.89 17.96 -3.60
C SER A 6 -9.63 17.14 -3.89
N GLY A 7 -8.51 17.58 -3.34
CA GLY A 7 -7.26 16.86 -3.54
C GLY A 7 -7.19 15.57 -2.75
N THR A 8 -6.52 15.62 -1.60
CA THR A 8 -6.38 14.46 -0.74
C THR A 8 -7.43 14.44 0.35
N ARG A 9 -8.17 13.34 0.44
CA ARG A 9 -9.22 13.20 1.44
C ARG A 9 -9.10 11.87 2.18
N VAL A 10 -9.27 10.77 1.46
CA VAL A 10 -9.17 9.44 2.05
C VAL A 10 -7.71 9.01 2.18
N LYS A 11 -6.94 9.18 1.11
CA LYS A 11 -5.53 8.82 1.11
C LYS A 11 -4.88 9.15 2.45
N LEU A 12 -5.42 10.15 3.12
CA LEU A 12 -4.88 10.57 4.42
C LEU A 12 -5.17 9.53 5.49
N ASN A 13 -6.42 9.09 5.56
CA ASN A 13 -6.82 8.08 6.54
C ASN A 13 -5.76 7.00 6.67
N TYR A 14 -5.54 6.24 5.60
CA TYR A 14 -4.56 5.17 5.60
C TYR A 14 -3.30 5.59 6.34
N LEU A 15 -2.81 6.79 6.03
CA LEU A 15 -1.61 7.30 6.68
C LEU A 15 -1.82 7.49 8.18
N ASP A 16 -2.70 8.42 8.53
CA ASP A 16 -3.01 8.70 9.93
C ASP A 16 -3.19 7.40 10.71
N GLN A 17 -3.60 6.34 10.00
CA GLN A 17 -3.81 5.05 10.62
C GLN A 17 -2.49 4.32 10.86
N ILE A 18 -1.87 3.87 9.78
CA ILE A 18 -0.60 3.16 9.87
C ILE A 18 0.39 3.93 10.74
N ALA A 19 0.29 5.25 10.72
CA ALA A 19 1.19 6.10 11.51
C ALA A 19 0.81 6.04 12.99
N LYS A 20 -0.47 6.23 13.29
CA LYS A 20 -0.95 6.21 14.67
C LYS A 20 -0.51 4.92 15.37
N PHE A 21 -0.16 3.91 14.57
CA PHE A 21 0.27 2.63 15.12
C PHE A 21 1.79 2.61 15.30
N TRP A 22 2.50 3.14 14.32
CA TRP A 22 3.97 3.17 14.37
C TRP A 22 4.44 4.13 15.45
N GLU A 23 3.92 5.34 15.44
CA GLU A 23 4.29 6.36 16.42
C GLU A 23 4.32 5.77 17.83
N ILE A 24 3.48 4.75 18.05
CA ILE A 24 3.41 4.10 19.35
C ILE A 24 4.57 3.12 19.55
N GLN A 25 4.71 2.19 18.60
CA GLN A 25 5.78 1.20 18.66
C GLN A 25 7.11 1.86 19.02
N GLY A 26 7.30 3.10 18.57
CA GLY A 26 8.52 3.81 18.85
C GLY A 26 9.11 4.46 17.62
N SER A 27 8.87 3.86 16.46
CA SER A 27 9.38 4.39 15.19
C SER A 27 8.30 5.20 14.47
N SER A 28 8.73 6.24 13.77
CA SER A 28 7.80 7.08 13.02
C SER A 28 7.37 6.42 11.72
N LEU A 29 6.45 7.06 11.01
CA LEU A 29 5.95 6.52 9.75
C LEU A 29 6.79 7.05 8.57
N LYS A 30 7.44 6.14 7.87
CA LYS A 30 8.27 6.50 6.72
C LYS A 30 7.71 5.90 5.43
N ILE A 31 7.78 6.68 4.35
CA ILE A 31 7.29 6.21 3.06
C ILE A 31 8.42 6.12 2.05
N PRO A 32 8.62 4.91 1.49
CA PRO A 32 9.66 4.66 0.49
C PRO A 32 9.36 5.34 -0.85
N ASN A 33 10.37 5.40 -1.71
CA ASN A 33 10.21 6.01 -3.02
C ASN A 33 10.35 4.98 -4.13
N VAL A 34 9.35 4.92 -5.01
CA VAL A 34 9.36 3.97 -6.12
C VAL A 34 9.18 4.69 -7.45
N GLU A 35 10.02 4.35 -8.43
CA GLU A 35 9.94 4.96 -9.74
C GLU A 35 10.07 6.47 -9.66
N ARG A 36 11.12 6.93 -8.97
CA ARG A 36 11.36 8.36 -8.82
C ARG A 36 10.07 9.08 -8.45
N LYS A 37 9.23 8.43 -7.65
CA LYS A 37 7.96 9.01 -7.23
C LYS A 37 7.45 8.35 -5.95
N ILE A 38 6.70 9.09 -5.16
CA ILE A 38 6.15 8.57 -3.91
C ILE A 38 5.30 7.33 -4.16
N LEU A 39 5.28 6.43 -3.18
CA LEU A 39 4.51 5.20 -3.29
C LEU A 39 3.13 5.36 -2.66
N ASP A 40 2.10 5.09 -3.45
CA ASP A 40 0.72 5.22 -2.96
C ASP A 40 0.32 3.99 -2.15
N LEU A 41 0.92 3.85 -0.98
CA LEU A 41 0.63 2.72 -0.10
C LEU A 41 -0.87 2.56 0.10
N TYR A 42 -1.61 3.64 -0.09
CA TYR A 42 -3.06 3.62 0.07
C TYR A 42 -3.72 2.73 -0.99
N SER A 43 -3.47 3.05 -2.26
CA SER A 43 -4.04 2.29 -3.35
C SER A 43 -3.58 0.84 -3.30
N LEU A 44 -2.27 0.63 -3.36
CA LEU A 44 -1.69 -0.71 -3.32
C LEU A 44 -2.49 -1.61 -2.39
N SER A 45 -2.42 -1.32 -1.10
CA SER A 45 -3.13 -2.11 -0.10
C SER A 45 -4.60 -2.26 -0.48
N LYS A 46 -5.33 -1.16 -0.47
CA LYS A 46 -6.74 -1.17 -0.82
C LYS A 46 -7.03 -2.17 -1.93
N ILE A 47 -6.16 -2.17 -2.95
CA ILE A 47 -6.32 -3.07 -4.08
C ILE A 47 -6.16 -4.53 -3.64
N VAL A 48 -5.16 -4.78 -2.79
CA VAL A 48 -4.90 -6.12 -2.29
C VAL A 48 -6.11 -6.68 -1.57
N ILE A 49 -6.57 -5.97 -0.54
CA ILE A 49 -7.73 -6.39 0.24
C ILE A 49 -8.98 -6.48 -0.64
N GLU A 50 -9.19 -5.45 -1.46
CA GLU A 50 -10.35 -5.42 -2.34
C GLU A 50 -10.39 -6.66 -3.24
N GLU A 51 -9.27 -6.91 -3.92
CA GLU A 51 -9.18 -8.06 -4.82
C GLU A 51 -9.62 -9.34 -4.12
N GLY A 52 -9.12 -9.55 -2.90
CA GLY A 52 -9.48 -10.73 -2.15
C GLY A 52 -8.42 -11.10 -1.11
N GLY A 53 -7.84 -10.09 -0.48
CA GLY A 53 -6.82 -10.34 0.53
C GLY A 53 -5.43 -10.44 -0.08
N TYR A 54 -4.43 -10.58 0.78
CA TYR A 54 -3.05 -10.70 0.32
C TYR A 54 -2.71 -12.13 -0.09
N GLU A 55 -3.26 -13.09 0.65
CA GLU A 55 -3.03 -14.50 0.37
C GLU A 55 -3.59 -14.88 -1.00
N ALA A 56 -4.76 -14.36 -1.32
CA ALA A 56 -5.40 -14.64 -2.60
C ALA A 56 -4.63 -14.00 -3.75
N ILE A 57 -4.59 -12.68 -3.75
CA ILE A 57 -3.88 -11.94 -4.80
C ILE A 57 -2.49 -12.51 -5.03
N CYS A 58 -1.89 -13.02 -3.97
CA CYS A 58 -0.55 -13.60 -4.05
C CYS A 58 -0.57 -14.91 -4.83
N LYS A 59 -1.53 -15.77 -4.50
CA LYS A 59 -1.66 -17.06 -5.17
C LYS A 59 -1.89 -16.88 -6.67
N ASP A 60 -2.71 -15.89 -7.01
CA ASP A 60 -3.01 -15.61 -8.42
C ASP A 60 -1.97 -14.67 -9.02
N ARG A 61 -0.82 -14.56 -8.36
CA ARG A 61 0.26 -13.69 -8.82
C ARG A 61 -0.31 -12.41 -9.42
N ARG A 62 -1.27 -11.80 -8.73
CA ARG A 62 -1.88 -10.56 -9.20
C ARG A 62 -0.92 -9.39 -9.07
N TRP A 63 0.09 -9.56 -8.23
CA TRP A 63 1.08 -8.51 -8.01
C TRP A 63 1.38 -7.76 -9.31
N ALA A 64 1.45 -8.51 -10.41
CA ALA A 64 1.73 -7.92 -11.71
C ALA A 64 0.67 -6.87 -12.08
N ARG A 65 -0.60 -7.27 -12.00
CA ARG A 65 -1.70 -6.37 -12.32
C ARG A 65 -1.81 -5.27 -11.28
N VAL A 66 -1.60 -5.61 -10.02
CA VAL A 66 -1.68 -4.65 -8.93
C VAL A 66 -0.73 -3.48 -9.16
N ALA A 67 0.46 -3.77 -9.66
CA ALA A 67 1.45 -2.75 -9.93
C ALA A 67 1.07 -1.91 -11.15
N GLN A 68 0.68 -2.59 -12.23
CA GLN A 68 0.28 -1.91 -13.45
C GLN A 68 -0.95 -1.04 -13.22
N ARG A 69 -1.76 -1.42 -12.24
CA ARG A 69 -2.97 -0.67 -11.92
C ARG A 69 -2.63 0.75 -11.49
N LEU A 70 -1.51 0.90 -10.80
CA LEU A 70 -1.06 2.21 -10.33
C LEU A 70 -0.32 2.96 -11.43
N HIS A 71 -0.44 2.46 -12.66
CA HIS A 71 0.22 3.10 -13.80
C HIS A 71 1.74 3.07 -13.64
N TYR A 72 2.27 1.89 -13.35
CA TYR A 72 3.72 1.72 -13.16
C TYR A 72 4.39 1.36 -14.48
N PRO A 73 5.72 1.59 -14.54
CA PRO A 73 6.51 1.29 -15.73
C PRO A 73 6.67 -0.21 -15.97
N PRO A 74 6.16 -0.68 -17.11
CA PRO A 74 6.24 -2.10 -17.48
C PRO A 74 7.65 -2.54 -17.81
N GLY A 75 8.32 -3.15 -16.83
CA GLY A 75 9.68 -3.61 -17.03
C GLY A 75 10.36 -4.00 -15.74
N LYS A 76 10.89 -3.00 -15.04
CA LYS A 76 11.58 -3.24 -13.77
C LYS A 76 10.76 -4.15 -12.88
N ASN A 77 11.45 -4.95 -12.07
CA ASN A 77 10.78 -5.89 -11.16
C ASN A 77 10.02 -5.13 -10.07
N ILE A 78 8.81 -4.68 -10.40
CA ILE A 78 7.98 -3.95 -9.46
C ILE A 78 7.22 -4.89 -8.53
N GLY A 79 6.55 -5.87 -9.12
CA GLY A 79 5.80 -6.83 -8.34
C GLY A 79 6.49 -7.18 -7.03
N SER A 80 7.75 -7.59 -7.12
CA SER A 80 8.52 -7.96 -5.94
C SER A 80 8.56 -6.80 -4.94
N LEU A 81 9.15 -5.69 -5.37
CA LEU A 81 9.26 -4.51 -4.51
C LEU A 81 7.99 -4.32 -3.67
N LEU A 82 6.85 -4.23 -4.36
CA LEU A 82 5.57 -4.05 -3.68
C LEU A 82 5.40 -5.08 -2.57
N ARG A 83 5.30 -6.35 -2.95
CA ARG A 83 5.13 -7.42 -1.98
C ARG A 83 5.96 -7.17 -0.74
N SER A 84 7.22 -6.79 -0.93
CA SER A 84 8.13 -6.52 0.17
C SER A 84 7.61 -5.39 1.04
N HIS A 85 7.61 -4.17 0.49
CA HIS A 85 7.14 -2.99 1.21
C HIS A 85 5.89 -3.33 2.02
N TYR A 86 5.04 -4.19 1.47
CA TYR A 86 3.81 -4.59 2.15
C TYR A 86 4.11 -5.46 3.36
N GLU A 87 4.79 -6.59 3.13
CA GLU A 87 5.13 -7.51 4.20
C GLU A 87 6.15 -6.87 5.15
N ARG A 88 6.69 -5.73 4.75
CA ARG A 88 7.68 -5.02 5.56
C ARG A 88 7.01 -3.99 6.46
N ILE A 89 6.21 -3.12 5.84
CA ILE A 89 5.50 -2.08 6.59
C ILE A 89 4.03 -2.42 6.75
N ILE A 90 3.42 -2.90 5.67
CA ILE A 90 2.00 -3.27 5.69
C ILE A 90 1.79 -4.60 6.40
N TYR A 91 2.89 -5.21 6.83
CA TYR A 91 2.82 -6.49 7.53
C TYR A 91 2.27 -6.31 8.94
N PRO A 92 2.96 -5.51 9.75
CA PRO A 92 2.55 -5.23 11.13
C PRO A 92 1.29 -4.38 11.21
N TYR A 93 1.24 -3.34 10.38
CA TYR A 93 0.09 -2.45 10.35
C TYR A 93 -1.21 -3.23 10.13
N GLU A 94 -1.16 -4.21 9.24
CA GLU A 94 -2.33 -5.03 8.94
C GLU A 94 -2.57 -6.05 10.05
N MET A 95 -1.68 -7.02 10.16
CA MET A 95 -1.79 -8.05 11.18
C MET A 95 -2.23 -7.45 12.52
N PHE A 96 -1.83 -6.21 12.76
CA PHE A 96 -2.18 -5.52 14.00
C PHE A 96 -3.64 -5.08 13.98
N GLN A 97 -4.01 -4.32 12.96
CA GLN A 97 -5.38 -3.83 12.84
C GLN A 97 -6.21 -4.77 11.97
N SER A 98 -6.04 -6.07 12.18
CA SER A 98 -6.78 -7.07 11.42
C SER A 98 -7.12 -8.27 12.28
N GLY A 99 -8.39 -8.67 12.27
CA GLY A 99 -8.82 -9.81 13.06
C GLY A 99 -9.51 -9.39 14.35
N ALA A 100 -10.47 -8.47 14.23
CA ALA A 100 -11.21 -7.99 15.39
C ALA A 100 -12.13 -9.07 15.94
N GLY A 1 -12.84 11.72 -19.25
CA GLY A 1 -13.92 12.38 -18.56
C GLY A 1 -13.47 13.61 -17.78
N SER A 2 -13.71 13.60 -16.48
CA SER A 2 -13.32 14.71 -15.61
C SER A 2 -12.01 14.42 -14.91
N SER A 3 -10.92 14.98 -15.41
CA SER A 3 -9.60 14.78 -14.83
C SER A 3 -9.23 15.94 -13.91
N GLY A 4 -9.54 15.80 -12.62
CA GLY A 4 -9.23 16.84 -11.67
C GLY A 4 -8.56 16.31 -10.42
N SER A 5 -8.43 17.16 -9.41
CA SER A 5 -7.79 16.77 -8.16
C SER A 5 -8.82 16.23 -7.17
N SER A 6 -8.72 14.94 -6.86
CA SER A 6 -9.65 14.31 -5.93
C SER A 6 -9.06 13.02 -5.36
N GLY A 7 -9.67 12.51 -4.29
CA GLY A 7 -9.19 11.29 -3.67
C GLY A 7 -8.10 11.55 -2.65
N THR A 8 -8.35 12.49 -1.75
CA THR A 8 -7.39 12.84 -0.71
C THR A 8 -7.99 12.67 0.68
N ARG A 9 -9.25 13.11 0.83
CA ARG A 9 -9.93 13.01 2.11
C ARG A 9 -9.54 11.73 2.84
N VAL A 10 -9.61 10.60 2.14
CA VAL A 10 -9.26 9.32 2.72
C VAL A 10 -7.78 9.02 2.55
N LYS A 11 -7.23 9.37 1.39
CA LYS A 11 -5.83 9.15 1.09
C LYS A 11 -4.97 9.37 2.33
N LEU A 12 -5.39 10.32 3.17
CA LEU A 12 -4.67 10.63 4.39
C LEU A 12 -5.05 9.68 5.53
N ASN A 13 -6.35 9.42 5.65
CA ASN A 13 -6.85 8.52 6.69
C ASN A 13 -5.93 7.31 6.85
N TYR A 14 -5.66 6.63 5.74
CA TYR A 14 -4.79 5.45 5.76
C TYR A 14 -3.44 5.78 6.38
N LEU A 15 -2.82 6.85 5.89
CA LEU A 15 -1.52 7.28 6.40
C LEU A 15 -1.56 7.49 7.91
N ASP A 16 -2.41 8.40 8.35
CA ASP A 16 -2.55 8.70 9.76
C ASP A 16 -2.84 7.43 10.56
N GLN A 17 -3.66 6.55 10.00
CA GLN A 17 -4.02 5.30 10.65
C GLN A 17 -2.79 4.42 10.85
N ILE A 18 -2.11 4.10 9.74
CA ILE A 18 -0.92 3.26 9.80
C ILE A 18 0.17 3.92 10.63
N ALA A 19 0.24 5.25 10.57
CA ALA A 19 1.24 6.00 11.33
C ALA A 19 0.96 5.93 12.83
N LYS A 20 -0.28 6.24 13.21
CA LYS A 20 -0.67 6.21 14.61
C LYS A 20 -0.16 4.95 15.30
N PHE A 21 -0.12 3.85 14.56
CA PHE A 21 0.36 2.59 15.10
C PHE A 21 1.88 2.61 15.28
N TRP A 22 2.59 3.00 14.24
CA TRP A 22 4.05 3.07 14.28
C TRP A 22 4.52 4.10 15.30
N GLU A 23 4.09 5.35 15.13
CA GLU A 23 4.46 6.42 16.05
C GLU A 23 4.50 5.92 17.48
N ILE A 24 3.54 5.06 17.83
CA ILE A 24 3.47 4.51 19.18
C ILE A 24 4.59 3.51 19.42
N GLN A 25 4.68 2.51 18.56
CA GLN A 25 5.71 1.49 18.68
C GLN A 25 7.07 2.11 18.98
N GLY A 26 7.32 3.28 18.40
CA GLY A 26 8.58 3.96 18.62
C GLY A 26 9.35 4.19 17.33
N SER A 27 9.17 3.28 16.38
CA SER A 27 9.87 3.39 15.10
C SER A 27 9.07 4.25 14.13
N SER A 28 9.41 5.52 14.06
CA SER A 28 8.73 6.46 13.17
C SER A 28 8.39 5.79 11.84
N LEU A 29 7.32 6.26 11.21
CA LEU A 29 6.89 5.71 9.94
C LEU A 29 7.57 6.43 8.78
N LYS A 30 8.50 5.74 8.14
CA LYS A 30 9.24 6.30 7.00
C LYS A 30 8.70 5.77 5.68
N ILE A 31 8.14 6.64 4.87
CA ILE A 31 7.58 6.25 3.58
C ILE A 31 8.69 6.14 2.52
N PRO A 32 8.80 4.95 1.91
CA PRO A 32 9.81 4.69 0.88
C PRO A 32 9.52 5.45 -0.42
N ASN A 33 10.58 5.88 -1.09
CA ASN A 33 10.43 6.62 -2.34
C ASN A 33 10.74 5.73 -3.53
N VAL A 34 9.71 5.39 -4.30
CA VAL A 34 9.86 4.54 -5.47
C VAL A 34 9.56 5.31 -6.75
N GLU A 35 10.35 5.06 -7.79
CA GLU A 35 10.18 5.73 -9.07
C GLU A 35 10.26 7.24 -8.91
N ARG A 36 11.24 7.69 -8.13
CA ARG A 36 11.43 9.12 -7.88
C ARG A 36 10.11 9.79 -7.51
N LYS A 37 9.25 9.05 -6.82
CA LYS A 37 7.96 9.57 -6.40
C LYS A 37 7.47 8.85 -5.14
N ILE A 38 6.57 9.51 -4.40
CA ILE A 38 6.02 8.93 -3.18
C ILE A 38 5.22 7.67 -3.49
N LEU A 39 5.37 6.67 -2.63
CA LEU A 39 4.65 5.41 -2.80
C LEU A 39 3.25 5.48 -2.20
N ASP A 40 2.25 5.24 -3.02
CA ASP A 40 0.86 5.27 -2.57
C ASP A 40 0.49 3.99 -1.86
N LEU A 41 0.99 3.83 -0.63
CA LEU A 41 0.70 2.64 0.16
C LEU A 41 -0.80 2.45 0.34
N TYR A 42 -1.53 3.56 0.41
CA TYR A 42 -2.97 3.52 0.58
C TYR A 42 -3.63 2.69 -0.51
N SER A 43 -3.52 3.16 -1.75
CA SER A 43 -4.11 2.47 -2.89
C SER A 43 -3.66 1.01 -2.93
N LEU A 44 -2.36 0.80 -3.11
CA LEU A 44 -1.80 -0.54 -3.17
C LEU A 44 -2.55 -1.49 -2.24
N SER A 45 -2.65 -1.10 -0.97
CA SER A 45 -3.34 -1.91 0.03
C SER A 45 -4.78 -2.19 -0.41
N LYS A 46 -5.58 -1.14 -0.51
CA LYS A 46 -6.97 -1.28 -0.92
C LYS A 46 -7.11 -2.20 -2.12
N ILE A 47 -6.32 -1.93 -3.15
CA ILE A 47 -6.35 -2.74 -4.36
C ILE A 47 -6.12 -4.21 -4.04
N VAL A 48 -5.19 -4.48 -3.13
CA VAL A 48 -4.87 -5.85 -2.73
C VAL A 48 -6.05 -6.49 -2.01
N ILE A 49 -6.73 -5.71 -1.17
CA ILE A 49 -7.88 -6.20 -0.42
C ILE A 49 -9.06 -6.45 -1.34
N GLU A 50 -9.45 -5.43 -2.09
CA GLU A 50 -10.58 -5.54 -3.01
C GLU A 50 -10.45 -6.78 -3.89
N GLU A 51 -9.21 -7.08 -4.29
CA GLU A 51 -8.95 -8.24 -5.12
C GLU A 51 -9.27 -9.54 -4.39
N GLY A 52 -9.16 -9.49 -3.07
CA GLY A 52 -9.45 -10.68 -2.26
C GLY A 52 -8.40 -10.90 -1.19
N GLY A 53 -7.80 -9.82 -0.72
CA GLY A 53 -6.77 -9.92 0.31
C GLY A 53 -5.37 -10.02 -0.27
N TYR A 54 -4.39 -10.21 0.61
CA TYR A 54 -3.00 -10.31 0.18
C TYR A 54 -2.65 -11.74 -0.20
N GLU A 55 -3.19 -12.71 0.54
CA GLU A 55 -2.94 -14.11 0.27
C GLU A 55 -3.46 -14.50 -1.11
N ALA A 56 -4.71 -14.12 -1.38
CA ALA A 56 -5.32 -14.44 -2.67
C ALA A 56 -4.46 -13.96 -3.83
N ILE A 57 -4.40 -12.65 -4.02
CA ILE A 57 -3.60 -12.07 -5.09
C ILE A 57 -2.22 -12.70 -5.15
N CYS A 58 -1.68 -13.05 -3.99
CA CYS A 58 -0.36 -13.66 -3.91
C CYS A 58 -0.39 -15.08 -4.49
N LYS A 59 -1.52 -15.75 -4.33
CA LYS A 59 -1.67 -17.11 -4.85
C LYS A 59 -1.69 -17.13 -6.37
N ASP A 60 -2.46 -16.23 -6.96
CA ASP A 60 -2.56 -16.13 -8.40
C ASP A 60 -1.51 -15.17 -8.96
N ARG A 61 -0.43 -14.99 -8.22
CA ARG A 61 0.65 -14.10 -8.64
C ARG A 61 0.09 -12.89 -9.38
N ARG A 62 -0.97 -12.30 -8.82
CA ARG A 62 -1.60 -11.13 -9.42
C ARG A 62 -0.88 -9.85 -9.02
N TRP A 63 0.37 -9.99 -8.61
CA TRP A 63 1.18 -8.85 -8.19
C TRP A 63 1.46 -7.92 -9.36
N ALA A 64 1.78 -8.50 -10.51
CA ALA A 64 2.06 -7.72 -11.71
C ALA A 64 0.89 -6.79 -12.05
N ARG A 65 -0.31 -7.34 -12.05
CA ARG A 65 -1.50 -6.57 -12.35
C ARG A 65 -1.73 -5.48 -11.30
N VAL A 66 -1.64 -5.87 -10.03
CA VAL A 66 -1.84 -4.92 -8.93
C VAL A 66 -0.93 -3.72 -9.08
N ALA A 67 0.30 -3.95 -9.54
CA ALA A 67 1.26 -2.89 -9.73
C ALA A 67 0.84 -1.94 -10.83
N GLN A 68 0.54 -2.49 -12.00
CA GLN A 68 0.12 -1.70 -13.15
C GLN A 68 -1.14 -0.90 -12.82
N ARG A 69 -2.04 -1.52 -12.06
CA ARG A 69 -3.28 -0.86 -11.67
C ARG A 69 -3.01 0.42 -10.89
N LEU A 70 -1.91 0.43 -10.15
CA LEU A 70 -1.53 1.59 -9.35
C LEU A 70 -0.83 2.64 -10.21
N HIS A 71 -0.93 2.46 -11.54
CA HIS A 71 -0.31 3.40 -12.47
C HIS A 71 1.21 3.37 -12.35
N TYR A 72 1.78 2.18 -12.45
CA TYR A 72 3.23 2.02 -12.35
C TYR A 72 3.83 1.67 -13.72
N PRO A 73 5.14 1.93 -13.86
CA PRO A 73 5.87 1.65 -15.10
C PRO A 73 6.02 0.15 -15.36
N PRO A 74 5.35 -0.33 -16.42
CA PRO A 74 5.40 -1.75 -16.80
C PRO A 74 6.76 -2.15 -17.36
N GLY A 75 7.38 -3.15 -16.73
CA GLY A 75 8.68 -3.62 -17.17
C GLY A 75 9.51 -4.20 -16.04
N LYS A 76 9.96 -3.35 -15.13
CA LYS A 76 10.76 -3.79 -14.01
C LYS A 76 10.01 -4.83 -13.17
N ASN A 77 10.71 -5.44 -12.22
CA ASN A 77 10.10 -6.45 -11.36
C ASN A 77 9.45 -5.80 -10.15
N ILE A 78 8.75 -4.70 -10.37
CA ILE A 78 8.08 -3.99 -9.29
C ILE A 78 7.33 -4.95 -8.38
N GLY A 79 6.62 -5.90 -8.99
CA GLY A 79 5.87 -6.87 -8.21
C GLY A 79 6.59 -7.28 -6.93
N SER A 80 7.84 -7.73 -7.08
CA SER A 80 8.63 -8.15 -5.94
C SER A 80 8.80 -7.01 -4.93
N LEU A 81 9.21 -5.85 -5.44
CA LEU A 81 9.41 -4.68 -4.59
C LEU A 81 8.17 -4.40 -3.74
N LEU A 82 7.02 -4.37 -4.39
CA LEU A 82 5.75 -4.11 -3.69
C LEU A 82 5.59 -5.07 -2.52
N ARG A 83 5.46 -6.36 -2.82
CA ARG A 83 5.29 -7.37 -1.79
C ARG A 83 6.20 -7.10 -0.59
N SER A 84 7.46 -6.78 -0.87
CA SER A 84 8.43 -6.49 0.18
C SER A 84 7.94 -5.34 1.05
N HIS A 85 7.73 -4.19 0.43
CA HIS A 85 7.26 -3.00 1.15
C HIS A 85 6.03 -3.32 1.98
N TYR A 86 5.04 -3.96 1.36
CA TYR A 86 3.81 -4.32 2.04
C TYR A 86 4.10 -5.20 3.26
N GLU A 87 4.75 -6.33 3.02
CA GLU A 87 5.09 -7.25 4.09
C GLU A 87 6.10 -6.64 5.05
N ARG A 88 6.66 -5.50 4.65
CA ARG A 88 7.65 -4.81 5.47
C ARG A 88 6.97 -3.86 6.47
N ILE A 89 6.18 -2.93 5.94
CA ILE A 89 5.48 -1.97 6.78
C ILE A 89 4.00 -2.32 6.89
N ILE A 90 3.41 -2.73 5.78
CA ILE A 90 2.00 -3.09 5.74
C ILE A 90 1.77 -4.46 6.37
N TYR A 91 2.86 -5.09 6.81
CA TYR A 91 2.78 -6.41 7.43
C TYR A 91 2.17 -6.32 8.84
N PRO A 92 2.86 -5.58 9.72
CA PRO A 92 2.41 -5.40 11.11
C PRO A 92 1.16 -4.54 11.20
N TYR A 93 1.05 -3.56 10.30
CA TYR A 93 -0.11 -2.67 10.28
C TYR A 93 -1.39 -3.44 9.97
N GLU A 94 -1.33 -4.29 8.95
CA GLU A 94 -2.49 -5.08 8.55
C GLU A 94 -2.81 -6.13 9.60
N MET A 95 -1.83 -6.97 9.93
CA MET A 95 -2.00 -8.01 10.92
C MET A 95 -2.52 -7.44 12.24
N PHE A 96 -1.97 -6.29 12.63
CA PHE A 96 -2.37 -5.63 13.86
C PHE A 96 -3.84 -5.25 13.82
N GLN A 97 -4.26 -4.66 12.71
CA GLN A 97 -5.64 -4.23 12.55
C GLN A 97 -6.34 -5.03 11.45
N SER A 98 -6.79 -6.24 11.80
CA SER A 98 -7.46 -7.11 10.85
C SER A 98 -8.82 -7.57 11.39
N GLY A 99 -9.85 -6.77 11.13
CA GLY A 99 -11.18 -7.12 11.61
C GLY A 99 -12.22 -6.08 11.23
N ALA A 100 -12.50 -5.15 12.15
CA ALA A 100 -13.47 -4.10 11.90
C ALA A 100 -12.94 -3.09 10.89
N GLY A 1 -3.16 4.85 -18.95
CA GLY A 1 -4.03 5.98 -19.26
C GLY A 1 -3.29 7.30 -19.27
N SER A 2 -3.94 8.35 -18.79
CA SER A 2 -3.34 9.67 -18.74
C SER A 2 -3.50 10.30 -17.36
N SER A 3 -2.50 11.09 -16.96
CA SER A 3 -2.54 11.74 -15.65
C SER A 3 -3.89 12.36 -15.38
N GLY A 4 -4.20 12.58 -14.11
CA GLY A 4 -5.47 13.16 -13.74
C GLY A 4 -5.76 13.04 -12.26
N SER A 5 -4.98 13.74 -11.44
CA SER A 5 -5.16 13.70 -9.99
C SER A 5 -5.91 14.93 -9.50
N SER A 6 -6.62 14.78 -8.38
CA SER A 6 -7.40 15.88 -7.81
C SER A 6 -6.86 16.24 -6.43
N GLY A 7 -5.55 16.13 -6.25
CA GLY A 7 -4.94 16.46 -4.97
C GLY A 7 -4.98 15.29 -4.00
N THR A 8 -4.69 15.57 -2.74
CA THR A 8 -4.68 14.54 -1.71
C THR A 8 -5.78 14.79 -0.68
N ARG A 9 -6.64 13.79 -0.48
CA ARG A 9 -7.73 13.90 0.47
C ARG A 9 -7.79 12.67 1.38
N VAL A 10 -8.15 11.52 0.81
CA VAL A 10 -8.23 10.29 1.57
C VAL A 10 -6.86 9.68 1.81
N LYS A 11 -6.02 9.73 0.78
CA LYS A 11 -4.66 9.20 0.87
C LYS A 11 -4.07 9.44 2.25
N LEU A 12 -4.45 10.56 2.87
CA LEU A 12 -3.96 10.92 4.19
C LEU A 12 -4.46 9.92 5.24
N ASN A 13 -5.77 9.68 5.24
CA ASN A 13 -6.37 8.76 6.19
C ASN A 13 -5.47 7.54 6.41
N TYR A 14 -5.32 6.72 5.38
CA TYR A 14 -4.50 5.53 5.46
C TYR A 14 -3.26 5.78 6.30
N LEU A 15 -2.55 6.86 6.00
CA LEU A 15 -1.33 7.22 6.73
C LEU A 15 -1.65 7.51 8.19
N ASP A 16 -2.75 8.22 8.43
CA ASP A 16 -3.17 8.56 9.78
C ASP A 16 -3.46 7.31 10.59
N GLN A 17 -3.66 6.19 9.90
CA GLN A 17 -3.95 4.93 10.56
C GLN A 17 -2.67 4.15 10.83
N ILE A 18 -1.91 3.87 9.76
CA ILE A 18 -0.66 3.14 9.89
C ILE A 18 0.36 3.91 10.73
N ALA A 19 0.39 5.22 10.54
CA ALA A 19 1.31 6.08 11.28
C ALA A 19 0.95 6.11 12.76
N LYS A 20 -0.35 6.14 13.05
CA LYS A 20 -0.82 6.18 14.43
C LYS A 20 -0.38 4.93 15.19
N PHE A 21 -0.19 3.84 14.46
CA PHE A 21 0.23 2.58 15.07
C PHE A 21 1.75 2.55 15.26
N TRP A 22 2.47 3.07 14.27
CA TRP A 22 3.92 3.11 14.32
C TRP A 22 4.41 4.07 15.41
N GLU A 23 4.05 5.34 15.26
CA GLU A 23 4.45 6.36 16.23
C GLU A 23 4.44 5.80 17.65
N ILE A 24 3.54 4.85 17.89
CA ILE A 24 3.42 4.24 19.21
C ILE A 24 4.57 3.29 19.47
N GLN A 25 4.89 2.46 18.48
CA GLN A 25 5.97 1.49 18.60
C GLN A 25 7.28 2.19 18.95
N GLY A 26 7.45 3.41 18.44
CA GLY A 26 8.66 4.16 18.70
C GLY A 26 9.26 4.75 17.45
N SER A 27 9.28 3.97 16.37
CA SER A 27 9.83 4.43 15.11
C SER A 27 8.78 5.16 14.29
N SER A 28 9.20 6.24 13.63
CA SER A 28 8.29 7.03 12.81
C SER A 28 7.90 6.28 11.54
N LEU A 29 7.00 6.87 10.76
CA LEU A 29 6.54 6.26 9.52
C LEU A 29 7.17 6.94 8.31
N LYS A 30 8.03 6.21 7.61
CA LYS A 30 8.70 6.74 6.43
C LYS A 30 8.17 6.07 5.16
N ILE A 31 7.81 6.89 4.18
CA ILE A 31 7.30 6.37 2.91
C ILE A 31 8.41 6.27 1.86
N PRO A 32 8.60 5.07 1.31
CA PRO A 32 9.61 4.81 0.29
C PRO A 32 9.29 5.49 -1.04
N ASN A 33 10.32 5.98 -1.72
CA ASN A 33 10.13 6.65 -3.00
C ASN A 33 10.34 5.68 -4.15
N VAL A 34 9.27 5.40 -4.89
CA VAL A 34 9.32 4.49 -6.02
C VAL A 34 9.09 5.23 -7.33
N GLU A 35 9.81 4.81 -8.38
CA GLU A 35 9.69 5.43 -9.69
C GLU A 35 9.81 6.95 -9.58
N ARG A 36 10.84 7.41 -8.89
CA ARG A 36 11.08 8.83 -8.71
C ARG A 36 9.78 9.56 -8.34
N LYS A 37 8.91 8.87 -7.60
CA LYS A 37 7.65 9.45 -7.19
C LYS A 37 7.18 8.83 -5.87
N ILE A 38 6.21 9.47 -5.23
CA ILE A 38 5.68 8.99 -3.96
C ILE A 38 4.87 7.71 -4.16
N LEU A 39 4.95 6.81 -3.19
CA LEU A 39 4.23 5.55 -3.25
C LEU A 39 2.87 5.65 -2.57
N ASP A 40 1.82 5.37 -3.33
CA ASP A 40 0.46 5.44 -2.80
C ASP A 40 0.13 4.18 -2.01
N LEU A 41 0.93 3.91 -0.98
CA LEU A 41 0.72 2.74 -0.13
C LEU A 41 -0.76 2.54 0.17
N TYR A 42 -1.50 3.65 0.20
CA TYR A 42 -2.93 3.60 0.48
C TYR A 42 -3.66 2.72 -0.55
N SER A 43 -3.54 3.10 -1.82
CA SER A 43 -4.19 2.36 -2.90
C SER A 43 -3.77 0.90 -2.88
N LEU A 44 -2.47 0.66 -2.98
CA LEU A 44 -1.93 -0.69 -2.98
C LEU A 44 -2.71 -1.59 -2.03
N SER A 45 -2.68 -1.25 -0.74
CA SER A 45 -3.39 -2.02 0.27
C SER A 45 -4.85 -2.24 -0.13
N LYS A 46 -5.54 -1.15 -0.43
CA LYS A 46 -6.95 -1.21 -0.82
C LYS A 46 -7.15 -2.24 -1.92
N ILE A 47 -6.39 -2.12 -3.01
CA ILE A 47 -6.48 -3.04 -4.12
C ILE A 47 -6.43 -4.49 -3.64
N VAL A 48 -5.27 -4.90 -3.16
CA VAL A 48 -5.10 -6.27 -2.66
C VAL A 48 -6.35 -6.76 -1.95
N ILE A 49 -6.71 -6.08 -0.86
CA ILE A 49 -7.88 -6.45 -0.08
C ILE A 49 -9.07 -6.73 -0.99
N GLU A 50 -9.42 -5.74 -1.81
CA GLU A 50 -10.54 -5.87 -2.73
C GLU A 50 -10.41 -7.14 -3.57
N GLU A 51 -9.30 -7.26 -4.28
CA GLU A 51 -9.05 -8.42 -5.13
C GLU A 51 -9.55 -9.70 -4.46
N GLY A 52 -9.15 -9.89 -3.21
CA GLY A 52 -9.57 -11.08 -2.47
C GLY A 52 -8.56 -11.50 -1.42
N GLY A 53 -7.97 -10.51 -0.75
CA GLY A 53 -6.99 -10.81 0.28
C GLY A 53 -5.57 -10.81 -0.26
N TYR A 54 -4.62 -11.09 0.61
CA TYR A 54 -3.20 -11.12 0.22
C TYR A 54 -2.82 -12.51 -0.29
N GLU A 55 -3.26 -13.54 0.43
CA GLU A 55 -2.96 -14.92 0.05
C GLU A 55 -3.53 -15.24 -1.33
N ALA A 56 -4.70 -14.68 -1.62
CA ALA A 56 -5.35 -14.91 -2.91
C ALA A 56 -4.54 -14.30 -4.06
N ILE A 57 -4.43 -12.98 -4.06
CA ILE A 57 -3.68 -12.28 -5.10
C ILE A 57 -2.26 -12.83 -5.21
N CYS A 58 -1.71 -13.27 -4.08
CA CYS A 58 -0.36 -13.82 -4.05
C CYS A 58 -0.30 -15.18 -4.75
N LYS A 59 -1.31 -16.00 -4.50
CA LYS A 59 -1.37 -17.32 -5.10
C LYS A 59 -1.63 -17.23 -6.60
N ASP A 60 -2.26 -16.14 -7.03
CA ASP A 60 -2.56 -15.93 -8.44
C ASP A 60 -1.58 -14.92 -9.04
N ARG A 61 -0.48 -14.67 -8.34
CA ARG A 61 0.52 -13.71 -8.82
C ARG A 61 -0.15 -12.47 -9.41
N ARG A 62 -1.32 -12.14 -8.91
CA ARG A 62 -2.06 -10.98 -9.39
C ARG A 62 -1.27 -9.69 -9.13
N TRP A 63 -0.19 -9.82 -8.39
CA TRP A 63 0.66 -8.67 -8.07
C TRP A 63 0.89 -7.80 -9.31
N ALA A 64 1.33 -8.43 -10.39
CA ALA A 64 1.60 -7.73 -11.63
C ALA A 64 0.50 -6.70 -11.91
N ARG A 65 -0.74 -7.13 -11.85
CA ARG A 65 -1.88 -6.25 -12.10
C ARG A 65 -1.95 -5.14 -11.05
N VAL A 66 -1.91 -5.52 -9.78
CA VAL A 66 -1.96 -4.57 -8.69
C VAL A 66 -0.96 -3.44 -8.89
N ALA A 67 0.21 -3.79 -9.41
CA ALA A 67 1.26 -2.81 -9.66
C ALA A 67 0.88 -1.89 -10.82
N GLN A 68 0.63 -2.47 -11.98
CA GLN A 68 0.26 -1.71 -13.17
C GLN A 68 -0.99 -0.87 -12.90
N ARG A 69 -1.74 -1.23 -11.86
CA ARG A 69 -2.95 -0.52 -11.50
C ARG A 69 -2.63 0.86 -10.95
N LEU A 70 -1.43 1.02 -10.41
CA LEU A 70 -0.99 2.30 -9.85
C LEU A 70 -0.21 3.10 -10.88
N HIS A 71 -0.50 2.86 -12.16
CA HIS A 71 0.18 3.57 -13.24
C HIS A 71 1.67 3.27 -13.24
N TYR A 72 2.02 2.04 -12.90
CA TYR A 72 3.42 1.62 -12.85
C TYR A 72 3.86 1.03 -14.19
N PRO A 73 5.14 1.24 -14.53
CA PRO A 73 5.70 0.72 -15.78
C PRO A 73 5.85 -0.79 -15.78
N PRO A 74 5.17 -1.46 -16.72
CA PRO A 74 5.20 -2.92 -16.84
C PRO A 74 6.56 -3.43 -17.34
N GLY A 75 7.14 -4.35 -16.58
CA GLY A 75 8.43 -4.90 -16.96
C GLY A 75 9.42 -4.91 -15.81
N LYS A 76 9.64 -3.75 -15.21
CA LYS A 76 10.56 -3.62 -14.10
C LYS A 76 10.20 -4.59 -12.98
N ASN A 77 11.10 -4.73 -12.00
CA ASN A 77 10.87 -5.64 -10.88
C ASN A 77 10.04 -4.95 -9.80
N ILE A 78 9.01 -4.24 -10.21
CA ILE A 78 8.14 -3.53 -9.28
C ILE A 78 7.34 -4.51 -8.43
N GLY A 79 6.65 -5.44 -9.09
CA GLY A 79 5.86 -6.42 -8.38
C GLY A 79 6.51 -6.86 -7.08
N SER A 80 7.75 -7.29 -7.16
CA SER A 80 8.49 -7.74 -5.98
C SER A 80 8.54 -6.65 -4.92
N LEU A 81 9.11 -5.50 -5.29
CA LEU A 81 9.22 -4.37 -4.37
C LEU A 81 7.93 -4.19 -3.57
N LEU A 82 6.80 -4.18 -4.26
CA LEU A 82 5.51 -4.02 -3.60
C LEU A 82 5.30 -5.09 -2.54
N ARG A 83 5.21 -6.34 -2.98
CA ARG A 83 5.00 -7.45 -2.06
C ARG A 83 5.82 -7.26 -0.78
N SER A 84 7.04 -6.77 -0.94
CA SER A 84 7.94 -6.55 0.19
C SER A 84 7.40 -5.42 1.08
N HIS A 85 7.46 -4.20 0.57
CA HIS A 85 6.99 -3.04 1.31
C HIS A 85 5.73 -3.38 2.13
N TYR A 86 4.91 -4.28 1.59
CA TYR A 86 3.68 -4.69 2.26
C TYR A 86 4.00 -5.54 3.49
N GLU A 87 4.74 -6.63 3.27
CA GLU A 87 5.11 -7.53 4.37
C GLU A 87 6.18 -6.90 5.24
N ARG A 88 6.73 -5.78 4.79
CA ARG A 88 7.77 -5.08 5.54
C ARG A 88 7.16 -4.02 6.44
N ILE A 89 6.28 -3.19 5.88
CA ILE A 89 5.62 -2.14 6.64
C ILE A 89 4.15 -2.44 6.85
N ILE A 90 3.49 -2.90 5.79
CA ILE A 90 2.07 -3.23 5.86
C ILE A 90 1.86 -4.58 6.54
N TYR A 91 2.94 -5.17 7.02
CA TYR A 91 2.87 -6.47 7.70
C TYR A 91 2.27 -6.31 9.10
N PRO A 92 2.95 -5.54 9.95
CA PRO A 92 2.50 -5.29 11.33
C PRO A 92 1.25 -4.43 11.38
N TYR A 93 1.10 -3.55 10.40
CA TYR A 93 -0.06 -2.66 10.35
C TYR A 93 -1.33 -3.44 10.03
N GLU A 94 -1.22 -4.37 9.09
CA GLU A 94 -2.36 -5.19 8.69
C GLU A 94 -2.77 -6.14 9.81
N MET A 95 -1.83 -6.97 10.25
CA MET A 95 -2.10 -7.93 11.33
C MET A 95 -2.67 -7.21 12.56
N PHE A 96 -2.03 -6.12 12.95
CA PHE A 96 -2.48 -5.35 14.11
C PHE A 96 -3.91 -4.86 13.91
N GLN A 97 -4.17 -4.26 12.76
CA GLN A 97 -5.50 -3.74 12.45
C GLN A 97 -6.23 -4.65 11.46
N SER A 98 -6.66 -5.80 11.94
CA SER A 98 -7.37 -6.77 11.09
C SER A 98 -8.78 -7.00 11.61
N GLY A 99 -8.89 -7.33 12.90
CA GLY A 99 -10.19 -7.58 13.50
C GLY A 99 -10.21 -7.27 14.98
N ALA A 100 -9.90 -8.26 15.79
CA ALA A 100 -9.89 -8.10 17.24
C ALA A 100 -8.48 -8.30 17.80
N GLY A 1 1.74 22.61 -16.79
CA GLY A 1 0.80 22.20 -17.81
C GLY A 1 0.51 20.72 -17.76
N SER A 2 0.24 20.21 -16.56
CA SER A 2 -0.07 18.80 -16.37
C SER A 2 -1.47 18.62 -15.78
N SER A 3 -2.34 17.94 -16.53
CA SER A 3 -3.70 17.70 -16.09
C SER A 3 -3.76 16.51 -15.13
N GLY A 4 -3.93 16.80 -13.84
CA GLY A 4 -3.99 15.75 -12.84
C GLY A 4 -5.08 16.00 -11.81
N SER A 5 -5.88 14.99 -11.52
CA SER A 5 -6.96 15.11 -10.55
C SER A 5 -6.40 15.35 -9.15
N SER A 6 -7.15 16.10 -8.35
CA SER A 6 -6.72 16.42 -6.99
C SER A 6 -7.73 15.87 -5.97
N GLY A 7 -7.27 14.96 -5.13
CA GLY A 7 -8.13 14.37 -4.12
C GLY A 7 -7.35 13.63 -3.05
N THR A 8 -6.64 14.37 -2.22
CA THR A 8 -5.85 13.77 -1.14
C THR A 8 -6.52 13.96 0.21
N ARG A 9 -7.84 13.78 0.24
CA ARG A 9 -8.61 13.93 1.47
C ARG A 9 -8.40 12.72 2.38
N VAL A 10 -8.89 11.57 1.95
CA VAL A 10 -8.76 10.35 2.73
C VAL A 10 -7.37 9.73 2.56
N LYS A 11 -6.84 9.82 1.35
CA LYS A 11 -5.51 9.27 1.06
C LYS A 11 -4.55 9.55 2.21
N LEU A 12 -4.79 10.63 2.94
CA LEU A 12 -3.94 11.01 4.06
C LEU A 12 -4.25 10.16 5.28
N ASN A 13 -5.54 10.06 5.61
CA ASN A 13 -5.97 9.26 6.76
C ASN A 13 -5.18 7.97 6.85
N TYR A 14 -5.22 7.17 5.79
CA TYR A 14 -4.52 5.90 5.75
C TYR A 14 -3.14 6.03 6.37
N LEU A 15 -2.50 7.17 6.15
CA LEU A 15 -1.17 7.42 6.70
C LEU A 15 -1.23 7.73 8.19
N ASP A 16 -2.19 8.58 8.57
CA ASP A 16 -2.36 8.96 9.97
C ASP A 16 -2.63 7.72 10.83
N GLN A 17 -3.41 6.79 10.30
CA GLN A 17 -3.76 5.57 11.02
C GLN A 17 -2.52 4.70 11.23
N ILE A 18 -1.94 4.23 10.13
CA ILE A 18 -0.75 3.39 10.20
C ILE A 18 0.34 4.04 11.03
N ALA A 19 0.37 5.38 11.02
CA ALA A 19 1.37 6.13 11.78
C ALA A 19 1.09 6.03 13.28
N LYS A 20 -0.11 6.43 13.69
CA LYS A 20 -0.49 6.39 15.10
C LYS A 20 -0.06 5.07 15.74
N PHE A 21 0.04 4.02 14.93
CA PHE A 21 0.45 2.71 15.43
C PHE A 21 1.96 2.65 15.61
N TRP A 22 2.70 3.11 14.61
CA TRP A 22 4.16 3.11 14.67
C TRP A 22 4.66 4.11 15.71
N GLU A 23 4.28 5.38 15.54
CA GLU A 23 4.70 6.42 16.46
C GLU A 23 4.75 5.90 17.90
N ILE A 24 3.85 4.97 18.21
CA ILE A 24 3.78 4.39 19.54
C ILE A 24 4.91 3.39 19.76
N GLN A 25 5.03 2.45 18.84
CA GLN A 25 6.06 1.42 18.93
C GLN A 25 7.42 2.05 19.25
N GLY A 26 7.70 3.19 18.63
CA GLY A 26 8.96 3.86 18.85
C GLY A 26 9.50 4.53 17.60
N SER A 27 9.37 3.85 16.47
CA SER A 27 9.84 4.39 15.20
C SER A 27 8.70 5.06 14.43
N SER A 28 9.03 6.13 13.72
CA SER A 28 8.05 6.87 12.94
C SER A 28 7.71 6.13 11.66
N LEU A 29 6.70 6.62 10.95
CA LEU A 29 6.27 6.00 9.70
C LEU A 29 7.14 6.49 8.54
N LYS A 30 8.03 5.61 8.08
CA LYS A 30 8.93 5.94 6.98
C LYS A 30 8.37 5.42 5.66
N ILE A 31 7.95 6.34 4.79
CA ILE A 31 7.41 5.97 3.49
C ILE A 31 8.48 5.99 2.41
N PRO A 32 8.71 4.82 1.78
CA PRO A 32 9.71 4.68 0.73
C PRO A 32 9.30 5.41 -0.56
N ASN A 33 10.30 5.85 -1.33
CA ASN A 33 10.04 6.55 -2.57
C ASN A 33 10.26 5.63 -3.77
N VAL A 34 9.19 5.36 -4.50
CA VAL A 34 9.26 4.50 -5.67
C VAL A 34 8.77 5.22 -6.93
N GLU A 35 9.40 4.93 -8.05
CA GLU A 35 9.03 5.56 -9.32
C GLU A 35 9.22 7.08 -9.26
N ARG A 36 10.35 7.50 -8.70
CA ARG A 36 10.65 8.92 -8.57
C ARG A 36 9.44 9.68 -8.03
N LYS A 37 8.76 9.07 -7.07
CA LYS A 37 7.58 9.70 -6.46
C LYS A 37 7.11 8.91 -5.24
N ILE A 38 6.45 9.59 -4.32
CA ILE A 38 5.94 8.95 -3.12
C ILE A 38 5.11 7.71 -3.45
N LEU A 39 5.29 6.65 -2.69
CA LEU A 39 4.56 5.41 -2.90
C LEU A 39 3.12 5.54 -2.43
N ASP A 40 2.20 4.90 -3.14
CA ASP A 40 0.79 4.93 -2.79
C ASP A 40 0.36 3.64 -2.11
N LEU A 41 0.74 3.48 -0.85
CA LEU A 41 0.39 2.28 -0.09
C LEU A 41 -1.10 2.19 0.13
N TYR A 42 -1.74 3.33 0.33
CA TYR A 42 -3.19 3.38 0.54
C TYR A 42 -3.91 2.53 -0.48
N SER A 43 -3.83 2.92 -1.74
CA SER A 43 -4.49 2.18 -2.81
C SER A 43 -4.04 0.72 -2.84
N LEU A 44 -2.74 0.51 -3.02
CA LEU A 44 -2.18 -0.83 -3.06
C LEU A 44 -2.92 -1.76 -2.10
N SER A 45 -2.80 -1.47 -0.81
CA SER A 45 -3.46 -2.28 0.22
C SER A 45 -4.92 -2.53 -0.14
N LYS A 46 -5.67 -1.44 -0.34
CA LYS A 46 -7.08 -1.53 -0.68
C LYS A 46 -7.28 -2.49 -1.84
N ILE A 47 -6.72 -2.16 -2.99
CA ILE A 47 -6.84 -2.99 -4.17
C ILE A 47 -6.78 -4.47 -3.82
N VAL A 48 -5.63 -4.91 -3.30
CA VAL A 48 -5.45 -6.30 -2.92
C VAL A 48 -6.65 -6.82 -2.14
N ILE A 49 -6.95 -6.17 -1.01
CA ILE A 49 -8.07 -6.56 -0.17
C ILE A 49 -9.32 -6.81 -1.02
N GLU A 50 -9.47 -6.04 -2.08
CA GLU A 50 -10.63 -6.17 -2.97
C GLU A 50 -10.47 -7.39 -3.89
N GLU A 51 -9.33 -7.47 -4.56
CA GLU A 51 -9.05 -8.57 -5.46
C GLU A 51 -9.46 -9.91 -4.85
N GLY A 52 -9.08 -10.10 -3.58
CA GLY A 52 -9.41 -11.34 -2.90
C GLY A 52 -8.41 -11.69 -1.82
N GLY A 53 -7.89 -10.68 -1.13
CA GLY A 53 -6.91 -10.91 -0.09
C GLY A 53 -5.49 -10.93 -0.61
N TYR A 54 -4.53 -11.01 0.29
CA TYR A 54 -3.12 -11.03 -0.08
C TYR A 54 -2.68 -12.43 -0.49
N GLU A 55 -3.10 -13.42 0.29
CA GLU A 55 -2.74 -14.82 0.01
C GLU A 55 -3.26 -15.23 -1.36
N ALA A 56 -4.49 -14.84 -1.67
CA ALA A 56 -5.11 -15.17 -2.95
C ALA A 56 -4.34 -14.56 -4.10
N ILE A 57 -4.43 -13.24 -4.23
CA ILE A 57 -3.75 -12.52 -5.31
C ILE A 57 -2.30 -13.00 -5.44
N CYS A 58 -1.69 -13.38 -4.32
CA CYS A 58 -0.32 -13.85 -4.31
C CYS A 58 -0.21 -15.20 -5.02
N LYS A 59 -1.20 -16.06 -4.79
CA LYS A 59 -1.21 -17.39 -5.40
C LYS A 59 -1.37 -17.29 -6.91
N ASP A 60 -2.25 -16.39 -7.35
CA ASP A 60 -2.50 -16.20 -8.77
C ASP A 60 -1.54 -15.17 -9.36
N ARG A 61 -0.43 -14.93 -8.66
CA ARG A 61 0.56 -13.96 -9.10
C ARG A 61 -0.11 -12.77 -9.78
N ARG A 62 -1.08 -12.18 -9.10
CA ARG A 62 -1.80 -11.03 -9.65
C ARG A 62 -0.99 -9.74 -9.45
N TRP A 63 0.01 -9.82 -8.59
CA TRP A 63 0.85 -8.66 -8.31
C TRP A 63 1.09 -7.84 -9.57
N ALA A 64 1.63 -8.48 -10.60
CA ALA A 64 1.90 -7.81 -11.86
C ALA A 64 0.77 -6.85 -12.23
N ARG A 65 -0.44 -7.37 -12.29
CA ARG A 65 -1.61 -6.55 -12.63
C ARG A 65 -1.80 -5.43 -11.61
N VAL A 66 -1.82 -5.81 -10.34
CA VAL A 66 -2.00 -4.84 -9.26
C VAL A 66 -1.12 -3.61 -9.46
N ALA A 67 0.10 -3.85 -9.95
CA ALA A 67 1.05 -2.77 -10.20
C ALA A 67 0.66 -1.97 -11.43
N GLN A 68 0.30 -2.66 -12.51
CA GLN A 68 -0.10 -2.01 -13.74
C GLN A 68 -1.36 -1.18 -13.55
N ARG A 69 -2.07 -1.45 -12.45
CA ARG A 69 -3.30 -0.72 -12.14
C ARG A 69 -2.98 0.67 -11.59
N LEU A 70 -1.84 0.79 -10.93
CA LEU A 70 -1.42 2.05 -10.35
C LEU A 70 -0.57 2.85 -11.34
N HIS A 71 -0.68 2.51 -12.62
CA HIS A 71 0.07 3.19 -13.66
C HIS A 71 1.57 3.17 -13.35
N TYR A 72 2.10 1.97 -13.10
CA TYR A 72 3.51 1.81 -12.79
C TYR A 72 4.33 1.60 -14.06
N PRO A 73 5.58 2.08 -14.04
CA PRO A 73 6.49 1.96 -15.18
C PRO A 73 6.94 0.52 -15.41
N PRO A 74 6.54 -0.05 -16.56
CA PRO A 74 6.89 -1.42 -16.93
C PRO A 74 8.36 -1.58 -17.26
N GLY A 75 8.99 -2.61 -16.70
CA GLY A 75 10.40 -2.85 -16.95
C GLY A 75 11.16 -3.18 -15.67
N LYS A 76 11.21 -2.22 -14.75
CA LYS A 76 11.91 -2.42 -13.48
C LYS A 76 11.17 -3.42 -12.61
N ASN A 77 11.91 -4.03 -11.67
CA ASN A 77 11.32 -5.01 -10.77
C ASN A 77 10.50 -4.32 -9.69
N ILE A 78 9.24 -4.01 -10.02
CA ILE A 78 8.34 -3.35 -9.07
C ILE A 78 7.53 -4.38 -8.29
N GLY A 79 6.88 -5.29 -9.01
CA GLY A 79 6.07 -6.30 -8.36
C GLY A 79 6.69 -6.78 -7.05
N SER A 80 7.94 -7.23 -7.12
CA SER A 80 8.63 -7.72 -5.94
C SER A 80 8.69 -6.65 -4.85
N LEU A 81 9.21 -5.48 -5.22
CA LEU A 81 9.31 -4.38 -4.27
C LEU A 81 8.02 -4.19 -3.49
N LEU A 82 6.90 -4.14 -4.20
CA LEU A 82 5.60 -3.97 -3.57
C LEU A 82 5.36 -5.07 -2.53
N ARG A 83 5.24 -6.31 -3.01
CA ARG A 83 5.00 -7.45 -2.12
C ARG A 83 5.78 -7.30 -0.83
N SER A 84 7.02 -6.81 -0.93
CA SER A 84 7.88 -6.63 0.23
C SER A 84 7.35 -5.51 1.12
N HIS A 85 7.47 -4.28 0.64
CA HIS A 85 6.99 -3.12 1.40
C HIS A 85 5.71 -3.44 2.15
N TYR A 86 4.84 -4.22 1.51
CA TYR A 86 3.58 -4.61 2.11
C TYR A 86 3.80 -5.48 3.35
N GLU A 87 4.32 -6.67 3.14
CA GLU A 87 4.59 -7.60 4.23
C GLU A 87 5.65 -7.05 5.17
N ARG A 88 6.29 -5.96 4.74
CA ARG A 88 7.34 -5.33 5.55
C ARG A 88 6.74 -4.33 6.53
N ILE A 89 5.99 -3.37 6.00
CA ILE A 89 5.36 -2.35 6.83
C ILE A 89 3.87 -2.59 6.95
N ILE A 90 3.23 -2.92 5.84
CA ILE A 90 1.79 -3.19 5.83
C ILE A 90 1.48 -4.52 6.50
N TYR A 91 2.51 -5.21 6.95
CA TYR A 91 2.34 -6.50 7.61
C TYR A 91 1.82 -6.32 9.03
N PRO A 92 2.62 -5.67 9.88
CA PRO A 92 2.26 -5.41 11.27
C PRO A 92 1.13 -4.40 11.41
N TYR A 93 1.06 -3.47 10.47
CA TYR A 93 0.03 -2.44 10.48
C TYR A 93 -1.35 -3.06 10.29
N GLU A 94 -1.43 -4.09 9.47
CA GLU A 94 -2.69 -4.77 9.20
C GLU A 94 -3.07 -5.69 10.36
N MET A 95 -2.16 -6.61 10.69
CA MET A 95 -2.40 -7.55 11.79
C MET A 95 -2.80 -6.82 13.05
N PHE A 96 -2.09 -5.73 13.36
CA PHE A 96 -2.38 -4.94 14.55
C PHE A 96 -3.74 -4.28 14.45
N GLN A 97 -3.94 -3.49 13.40
CA GLN A 97 -5.21 -2.80 13.19
C GLN A 97 -6.19 -3.68 12.41
N SER A 98 -6.19 -4.97 12.72
CA SER A 98 -7.07 -5.92 12.05
C SER A 98 -8.44 -5.96 12.73
N GLY A 99 -8.43 -6.17 14.05
CA GLY A 99 -9.67 -6.23 14.79
C GLY A 99 -9.46 -6.74 16.21
N ALA A 100 -9.25 -8.05 16.34
CA ALA A 100 -9.04 -8.66 17.65
C ALA A 100 -8.09 -7.82 18.50
N GLY A 1 -18.93 3.46 -13.81
CA GLY A 1 -17.62 4.08 -13.82
C GLY A 1 -17.38 4.94 -12.59
N SER A 2 -16.16 5.44 -12.45
CA SER A 2 -15.81 6.28 -11.31
C SER A 2 -16.81 7.42 -11.14
N SER A 3 -16.92 7.92 -9.92
CA SER A 3 -17.85 9.00 -9.61
C SER A 3 -17.33 10.33 -10.14
N GLY A 4 -16.06 10.63 -9.84
CA GLY A 4 -15.46 11.88 -10.29
C GLY A 4 -14.08 12.09 -9.71
N SER A 5 -13.85 13.27 -9.17
CA SER A 5 -12.56 13.61 -8.58
C SER A 5 -12.68 14.78 -7.61
N SER A 6 -12.27 14.55 -6.37
CA SER A 6 -12.34 15.58 -5.33
C SER A 6 -10.95 16.03 -4.91
N GLY A 7 -10.11 15.06 -4.56
CA GLY A 7 -8.75 15.38 -4.15
C GLY A 7 -8.27 14.49 -3.01
N THR A 8 -6.98 14.51 -2.75
CA THR A 8 -6.39 13.71 -1.68
C THR A 8 -6.98 14.08 -0.33
N ARG A 9 -8.03 13.38 0.07
CA ARG A 9 -8.69 13.63 1.35
C ARG A 9 -8.63 12.40 2.25
N VAL A 10 -9.04 11.26 1.69
CA VAL A 10 -9.05 10.00 2.44
C VAL A 10 -7.64 9.43 2.55
N LYS A 11 -6.91 9.46 1.44
CA LYS A 11 -5.54 8.94 1.41
C LYS A 11 -4.83 9.20 2.73
N LEU A 12 -5.17 10.32 3.37
CA LEU A 12 -4.56 10.68 4.64
C LEU A 12 -4.96 9.70 5.74
N ASN A 13 -6.27 9.50 5.90
CA ASN A 13 -6.78 8.59 6.90
C ASN A 13 -5.91 7.33 7.00
N TYR A 14 -5.76 6.64 5.88
CA TYR A 14 -4.95 5.43 5.84
C TYR A 14 -3.55 5.67 6.38
N LEU A 15 -3.01 6.86 6.07
CA LEU A 15 -1.68 7.22 6.53
C LEU A 15 -1.66 7.46 8.04
N ASP A 16 -2.47 8.41 8.49
CA ASP A 16 -2.55 8.74 9.91
C ASP A 16 -2.83 7.49 10.74
N GLN A 17 -3.57 6.56 10.17
CA GLN A 17 -3.91 5.31 10.85
C GLN A 17 -2.66 4.46 11.07
N ILE A 18 -2.09 3.96 9.97
CA ILE A 18 -0.89 3.13 10.05
C ILE A 18 0.19 3.80 10.89
N ALA A 19 0.29 5.11 10.78
CA ALA A 19 1.27 5.88 11.54
C ALA A 19 0.98 5.83 13.03
N LYS A 20 -0.25 6.17 13.40
CA LYS A 20 -0.65 6.17 14.79
C LYS A 20 -0.20 4.89 15.50
N PHE A 21 -0.11 3.81 14.74
CA PHE A 21 0.32 2.52 15.28
C PHE A 21 1.83 2.46 15.41
N TRP A 22 2.53 3.01 14.42
CA TRP A 22 3.99 3.03 14.42
C TRP A 22 4.52 3.99 15.49
N GLU A 23 4.23 5.27 15.33
CA GLU A 23 4.68 6.28 16.27
C GLU A 23 4.69 5.73 17.69
N ILE A 24 3.74 4.84 17.98
CA ILE A 24 3.63 4.24 19.30
C ILE A 24 4.74 3.20 19.52
N GLN A 25 4.89 2.29 18.58
CA GLN A 25 5.91 1.25 18.67
C GLN A 25 7.29 1.87 18.87
N GLY A 26 7.41 3.15 18.54
CA GLY A 26 8.70 3.82 18.69
C GLY A 26 9.40 4.03 17.36
N SER A 27 9.29 3.04 16.48
CA SER A 27 9.92 3.11 15.17
C SER A 27 9.11 3.99 14.21
N SER A 28 9.44 5.27 14.15
CA SER A 28 8.74 6.21 13.29
C SER A 28 8.45 5.57 11.93
N LEU A 29 7.46 6.13 11.22
CA LEU A 29 7.09 5.62 9.91
C LEU A 29 7.84 6.37 8.80
N LYS A 30 8.19 5.65 7.75
CA LYS A 30 8.90 6.25 6.62
C LYS A 30 8.36 5.71 5.30
N ILE A 31 7.88 6.62 4.45
CA ILE A 31 7.33 6.23 3.15
C ILE A 31 8.43 6.21 2.09
N PRO A 32 8.60 5.04 1.44
CA PRO A 32 9.59 4.86 0.38
C PRO A 32 9.26 5.64 -0.88
N ASN A 33 10.27 5.90 -1.70
CA ASN A 33 10.09 6.63 -2.94
C ASN A 33 10.28 5.72 -4.15
N VAL A 34 9.17 5.39 -4.82
CA VAL A 34 9.22 4.53 -5.99
C VAL A 34 8.89 5.31 -7.26
N GLU A 35 9.67 5.07 -8.32
CA GLU A 35 9.45 5.75 -9.59
C GLU A 35 9.61 7.26 -9.43
N ARG A 36 10.65 7.67 -8.71
CA ARG A 36 10.92 9.08 -8.48
C ARG A 36 9.65 9.81 -8.07
N LYS A 37 8.79 9.12 -7.34
CA LYS A 37 7.54 9.70 -6.87
C LYS A 37 7.03 8.98 -5.62
N ILE A 38 6.23 9.68 -4.83
CA ILE A 38 5.67 9.10 -3.62
C ILE A 38 4.88 7.84 -3.91
N LEU A 39 4.93 6.88 -2.99
CA LEU A 39 4.21 5.62 -3.15
C LEU A 39 2.86 5.66 -2.44
N ASP A 40 1.78 5.63 -3.21
CA ASP A 40 0.44 5.66 -2.65
C ASP A 40 0.04 4.28 -2.13
N LEU A 41 0.50 3.95 -0.93
CA LEU A 41 0.19 2.66 -0.31
C LEU A 41 -1.32 2.42 -0.30
N TYR A 42 -2.07 3.46 0.04
CA TYR A 42 -3.53 3.36 0.11
C TYR A 42 -4.07 2.55 -1.06
N SER A 43 -3.69 2.95 -2.27
CA SER A 43 -4.14 2.27 -3.49
C SER A 43 -3.67 0.81 -3.49
N LEU A 44 -2.40 0.61 -3.16
CA LEU A 44 -1.82 -0.74 -3.13
C LEU A 44 -2.63 -1.65 -2.20
N SER A 45 -2.65 -1.31 -0.92
CA SER A 45 -3.37 -2.10 0.06
C SER A 45 -4.81 -2.35 -0.39
N LYS A 46 -5.45 -1.31 -0.89
CA LYS A 46 -6.83 -1.42 -1.36
C LYS A 46 -6.94 -2.41 -2.50
N ILE A 47 -6.32 -2.09 -3.63
CA ILE A 47 -6.34 -2.96 -4.80
C ILE A 47 -6.11 -4.42 -4.39
N VAL A 48 -5.39 -4.63 -3.29
CA VAL A 48 -5.10 -5.97 -2.80
C VAL A 48 -6.31 -6.55 -2.09
N ILE A 49 -6.99 -5.73 -1.31
CA ILE A 49 -8.16 -6.18 -0.57
C ILE A 49 -9.35 -6.40 -1.50
N GLU A 50 -9.52 -5.49 -2.45
CA GLU A 50 -10.61 -5.59 -3.41
C GLU A 50 -10.49 -6.85 -4.26
N GLU A 51 -9.25 -7.22 -4.60
CA GLU A 51 -9.00 -8.40 -5.40
C GLU A 51 -9.38 -9.67 -4.64
N GLY A 52 -9.32 -9.59 -3.31
CA GLY A 52 -9.66 -10.73 -2.48
C GLY A 52 -8.67 -10.96 -1.37
N GLY A 53 -8.06 -9.87 -0.89
CA GLY A 53 -7.09 -9.98 0.18
C GLY A 53 -5.67 -10.10 -0.33
N TYR A 54 -4.73 -10.33 0.58
CA TYR A 54 -3.32 -10.47 0.21
C TYR A 54 -3.00 -11.91 -0.18
N GLU A 55 -3.50 -12.86 0.62
CA GLU A 55 -3.27 -14.27 0.36
C GLU A 55 -3.82 -14.67 -1.00
N ALA A 56 -4.97 -14.10 -1.36
CA ALA A 56 -5.61 -14.41 -2.64
C ALA A 56 -4.71 -14.03 -3.80
N ILE A 57 -4.50 -12.73 -3.98
CA ILE A 57 -3.66 -12.24 -5.07
C ILE A 57 -2.29 -12.91 -5.05
N CYS A 58 -1.79 -13.18 -3.85
CA CYS A 58 -0.49 -13.83 -3.70
C CYS A 58 -0.51 -15.24 -4.27
N LYS A 59 -1.64 -15.92 -4.11
CA LYS A 59 -1.79 -17.28 -4.61
C LYS A 59 -1.81 -17.31 -6.14
N ASP A 60 -2.52 -16.34 -6.73
CA ASP A 60 -2.62 -16.24 -8.17
C ASP A 60 -1.57 -15.29 -8.73
N ARG A 61 -0.52 -15.04 -7.95
CA ARG A 61 0.56 -14.16 -8.37
C ARG A 61 0.01 -12.99 -9.18
N ARG A 62 -1.04 -12.36 -8.68
CA ARG A 62 -1.67 -11.24 -9.36
C ARG A 62 -0.95 -9.93 -9.02
N TRP A 63 0.26 -10.04 -8.49
CA TRP A 63 1.04 -8.87 -8.11
C TRP A 63 1.30 -7.98 -9.32
N ALA A 64 1.77 -8.57 -10.41
CA ALA A 64 2.05 -7.83 -11.62
C ALA A 64 0.89 -6.92 -12.00
N ARG A 65 -0.32 -7.46 -11.96
CA ARG A 65 -1.52 -6.69 -12.30
C ARG A 65 -1.70 -5.53 -11.32
N VAL A 66 -1.81 -5.84 -10.04
CA VAL A 66 -1.99 -4.83 -9.01
C VAL A 66 -1.01 -3.68 -9.20
N ALA A 67 0.17 -3.99 -9.72
CA ALA A 67 1.20 -2.98 -9.96
C ALA A 67 0.79 -2.05 -11.09
N GLN A 68 0.56 -2.62 -12.26
CA GLN A 68 0.16 -1.83 -13.44
C GLN A 68 -1.03 -0.94 -13.11
N ARG A 69 -1.87 -1.39 -12.18
CA ARG A 69 -3.05 -0.63 -11.79
C ARG A 69 -2.68 0.79 -11.38
N LEU A 70 -1.55 0.93 -10.70
CA LEU A 70 -1.09 2.24 -10.26
C LEU A 70 -0.32 2.95 -11.37
N HIS A 71 -0.52 2.48 -12.61
CA HIS A 71 0.15 3.07 -13.76
C HIS A 71 1.66 2.95 -13.64
N TYR A 72 2.12 1.78 -13.21
CA TYR A 72 3.55 1.53 -13.04
C TYR A 72 4.19 1.13 -14.37
N PRO A 73 5.49 1.43 -14.51
CA PRO A 73 6.25 1.12 -15.72
C PRO A 73 6.47 -0.39 -15.89
N PRO A 74 5.87 -0.96 -16.94
CA PRO A 74 5.98 -2.39 -17.23
C PRO A 74 7.38 -2.77 -17.71
N GLY A 75 8.12 -3.49 -16.86
CA GLY A 75 9.46 -3.91 -17.21
C GLY A 75 10.33 -4.16 -15.99
N LYS A 76 10.64 -3.09 -15.27
CA LYS A 76 11.48 -3.19 -14.08
C LYS A 76 10.81 -4.08 -13.03
N ASN A 77 11.63 -4.72 -12.20
CA ASN A 77 11.13 -5.59 -11.15
C ASN A 77 10.38 -4.80 -10.08
N ILE A 78 9.12 -4.49 -10.35
CA ILE A 78 8.29 -3.74 -9.41
C ILE A 78 7.51 -4.67 -8.49
N GLY A 79 6.89 -5.69 -9.08
CA GLY A 79 6.12 -6.63 -8.29
C GLY A 79 6.76 -6.94 -6.96
N SER A 80 8.00 -7.42 -6.98
CA SER A 80 8.72 -7.76 -5.77
C SER A 80 8.81 -6.55 -4.85
N LEU A 81 9.21 -5.41 -5.41
CA LEU A 81 9.34 -4.19 -4.63
C LEU A 81 8.08 -3.92 -3.82
N LEU A 82 6.93 -3.95 -4.50
CA LEU A 82 5.66 -3.70 -3.84
C LEU A 82 5.44 -4.69 -2.69
N ARG A 83 5.30 -5.96 -3.04
CA ARG A 83 5.08 -7.01 -2.04
C ARG A 83 5.92 -6.74 -0.79
N SER A 84 7.22 -6.58 -0.97
CA SER A 84 8.13 -6.33 0.14
C SER A 84 7.62 -5.18 1.00
N HIS A 85 7.57 -3.98 0.42
CA HIS A 85 7.11 -2.80 1.13
C HIS A 85 5.86 -3.12 1.95
N TYR A 86 5.03 -4.02 1.44
CA TYR A 86 3.80 -4.41 2.12
C TYR A 86 4.11 -5.22 3.37
N GLU A 87 4.61 -6.44 3.18
CA GLU A 87 4.95 -7.32 4.28
C GLU A 87 6.04 -6.70 5.15
N ARG A 88 6.63 -5.61 4.67
CA ARG A 88 7.67 -4.92 5.41
C ARG A 88 7.09 -3.94 6.42
N ILE A 89 6.22 -3.06 5.93
CA ILE A 89 5.58 -2.07 6.79
C ILE A 89 4.10 -2.37 6.98
N ILE A 90 3.46 -2.81 5.89
CA ILE A 90 2.03 -3.12 5.94
C ILE A 90 1.80 -4.48 6.60
N TYR A 91 2.88 -5.13 7.02
CA TYR A 91 2.79 -6.42 7.68
C TYR A 91 2.23 -6.29 9.08
N PRO A 92 2.94 -5.53 9.93
CA PRO A 92 2.53 -5.29 11.32
C PRO A 92 1.28 -4.42 11.42
N TYR A 93 1.18 -3.44 10.53
CA TYR A 93 0.04 -2.54 10.52
C TYR A 93 -1.26 -3.31 10.32
N GLU A 94 -1.27 -4.21 9.35
CA GLU A 94 -2.45 -5.02 9.05
C GLU A 94 -2.74 -6.00 10.18
N MET A 95 -1.77 -6.89 10.45
CA MET A 95 -1.92 -7.88 11.51
C MET A 95 -2.27 -7.21 12.84
N PHE A 96 -1.65 -6.06 13.10
CA PHE A 96 -1.90 -5.33 14.34
C PHE A 96 -3.36 -4.92 14.45
N GLN A 97 -3.88 -4.30 13.40
CA GLN A 97 -5.27 -3.87 13.38
C GLN A 97 -6.17 -4.94 12.76
N SER A 98 -6.00 -6.18 13.21
CA SER A 98 -6.80 -7.28 12.70
C SER A 98 -7.54 -8.00 13.83
N GLY A 99 -8.87 -7.98 13.76
CA GLY A 99 -9.67 -8.61 14.79
C GLY A 99 -11.16 -8.42 14.57
N ALA A 100 -11.72 -7.39 15.18
CA ALA A 100 -13.14 -7.10 15.04
C ALA A 100 -13.38 -6.06 13.95
N GLY A 1 1.58 18.44 -13.26
CA GLY A 1 0.64 19.53 -13.43
C GLY A 1 0.04 19.99 -12.11
N SER A 2 -0.88 20.94 -12.18
CA SER A 2 -1.54 21.47 -10.99
C SER A 2 -3.04 21.25 -11.05
N SER A 3 -3.45 20.07 -11.49
CA SER A 3 -4.86 19.73 -11.60
C SER A 3 -5.18 18.48 -10.79
N GLY A 4 -6.37 18.46 -10.19
CA GLY A 4 -6.77 17.32 -9.39
C GLY A 4 -8.29 17.21 -9.26
N SER A 5 -8.85 16.18 -9.88
CA SER A 5 -10.29 15.96 -9.84
C SER A 5 -10.73 15.51 -8.45
N SER A 6 -10.24 14.36 -8.02
CA SER A 6 -10.58 13.80 -6.72
C SER A 6 -9.79 14.49 -5.61
N GLY A 7 -8.48 14.56 -5.79
CA GLY A 7 -7.63 15.19 -4.79
C GLY A 7 -7.12 14.22 -3.75
N THR A 8 -6.33 14.72 -2.81
CA THR A 8 -5.78 13.88 -1.75
C THR A 8 -6.54 14.07 -0.44
N ARG A 9 -7.57 13.25 -0.24
CA ARG A 9 -8.38 13.33 0.97
C ARG A 9 -8.20 12.07 1.83
N VAL A 10 -8.52 10.91 1.23
CA VAL A 10 -8.40 9.64 1.93
C VAL A 10 -6.95 9.20 2.02
N LYS A 11 -6.22 9.37 0.91
CA LYS A 11 -4.82 8.98 0.85
C LYS A 11 -4.12 9.25 2.19
N LEU A 12 -4.58 10.28 2.89
CA LEU A 12 -4.00 10.65 4.18
C LEU A 12 -4.48 9.70 5.27
N ASN A 13 -5.79 9.52 5.36
CA ASN A 13 -6.38 8.64 6.37
C ASN A 13 -5.53 7.40 6.56
N TYR A 14 -5.44 6.58 5.51
CA TYR A 14 -4.67 5.35 5.56
C TYR A 14 -3.30 5.59 6.21
N LEU A 15 -2.69 6.72 5.87
CA LEU A 15 -1.38 7.08 6.41
C LEU A 15 -1.48 7.42 7.90
N ASP A 16 -2.22 8.48 8.21
CA ASP A 16 -2.40 8.91 9.59
C ASP A 16 -2.69 7.71 10.49
N GLN A 17 -3.27 6.67 9.92
CA GLN A 17 -3.60 5.47 10.68
C GLN A 17 -2.36 4.61 10.90
N ILE A 18 -1.84 4.04 9.82
CA ILE A 18 -0.65 3.19 9.90
C ILE A 18 0.42 3.84 10.77
N ALA A 19 0.62 5.14 10.60
CA ALA A 19 1.62 5.87 11.38
C ALA A 19 1.28 5.84 12.86
N LYS A 20 0.07 6.24 13.20
CA LYS A 20 -0.39 6.26 14.59
C LYS A 20 0.07 5.00 15.32
N PHE A 21 -0.03 3.86 14.65
CA PHE A 21 0.38 2.59 15.23
C PHE A 21 1.89 2.53 15.41
N TRP A 22 2.62 2.98 14.40
CA TRP A 22 4.08 2.97 14.44
C TRP A 22 4.59 3.87 15.57
N GLU A 23 4.32 5.17 15.45
CA GLU A 23 4.76 6.13 16.45
C GLU A 23 4.68 5.53 17.85
N ILE A 24 3.60 4.79 18.11
CA ILE A 24 3.40 4.16 19.41
C ILE A 24 4.45 3.11 19.68
N GLN A 25 4.65 2.22 18.71
CA GLN A 25 5.64 1.15 18.84
C GLN A 25 6.99 1.70 19.29
N GLY A 26 7.39 2.81 18.68
CA GLY A 26 8.66 3.43 19.04
C GLY A 26 9.34 4.10 17.85
N SER A 27 9.44 3.38 16.74
CA SER A 27 10.06 3.91 15.53
C SER A 27 9.03 4.59 14.65
N SER A 28 9.36 5.81 14.22
CA SER A 28 8.45 6.58 13.36
C SER A 28 8.28 5.90 12.01
N LEU A 29 7.25 6.32 11.27
CA LEU A 29 6.96 5.74 9.96
C LEU A 29 7.63 6.56 8.85
N LYS A 30 7.90 5.91 7.73
CA LYS A 30 8.54 6.58 6.59
C LYS A 30 8.02 6.02 5.28
N ILE A 31 7.54 6.91 4.41
CA ILE A 31 7.01 6.50 3.12
C ILE A 31 8.11 6.48 2.06
N PRO A 32 8.30 5.31 1.43
CA PRO A 32 9.31 5.13 0.38
C PRO A 32 8.96 5.88 -0.90
N ASN A 33 9.96 6.09 -1.75
CA ASN A 33 9.76 6.80 -3.00
C ASN A 33 10.07 5.89 -4.19
N VAL A 34 9.05 5.64 -5.01
CA VAL A 34 9.22 4.79 -6.18
C VAL A 34 8.85 5.54 -7.47
N GLU A 35 9.63 5.31 -8.52
CA GLU A 35 9.39 5.97 -9.80
C GLU A 35 9.39 7.49 -9.64
N ARG A 36 10.48 8.01 -9.08
CA ARG A 36 10.60 9.45 -8.87
C ARG A 36 9.25 10.06 -8.48
N LYS A 37 8.50 9.34 -7.65
CA LYS A 37 7.19 9.81 -7.20
C LYS A 37 6.79 9.14 -5.89
N ILE A 38 6.01 9.84 -5.08
CA ILE A 38 5.56 9.30 -3.81
C ILE A 38 4.86 7.96 -4.00
N LEU A 39 5.12 7.04 -3.07
CA LEU A 39 4.51 5.70 -3.15
C LEU A 39 3.14 5.70 -2.46
N ASP A 40 2.11 5.38 -3.23
CA ASP A 40 0.75 5.35 -2.70
C ASP A 40 0.44 3.97 -2.10
N LEU A 41 0.75 3.81 -0.82
CA LEU A 41 0.51 2.54 -0.12
C LEU A 41 -0.97 2.36 0.16
N TYR A 42 -1.71 3.46 0.18
CA TYR A 42 -3.15 3.41 0.44
C TYR A 42 -3.85 2.56 -0.61
N SER A 43 -3.65 2.90 -1.88
CA SER A 43 -4.29 2.17 -2.98
C SER A 43 -3.84 0.71 -2.99
N LEU A 44 -2.53 0.50 -3.02
CA LEU A 44 -1.97 -0.85 -3.03
C LEU A 44 -2.82 -1.80 -2.19
N SER A 45 -2.96 -1.47 -0.91
CA SER A 45 -3.75 -2.30 0.00
C SER A 45 -5.20 -2.39 -0.47
N LYS A 46 -5.84 -1.24 -0.65
CA LYS A 46 -7.22 -1.19 -1.10
C LYS A 46 -7.46 -2.19 -2.23
N ILE A 47 -6.55 -2.21 -3.20
CA ILE A 47 -6.66 -3.12 -4.33
C ILE A 47 -6.59 -4.57 -3.88
N VAL A 48 -5.63 -4.87 -3.01
CA VAL A 48 -5.45 -6.23 -2.50
C VAL A 48 -6.77 -6.78 -1.96
N ILE A 49 -7.37 -6.06 -1.01
CA ILE A 49 -8.64 -6.48 -0.42
C ILE A 49 -9.70 -6.69 -1.49
N GLU A 50 -9.82 -5.73 -2.40
CA GLU A 50 -10.80 -5.79 -3.47
C GLU A 50 -10.63 -7.08 -4.28
N GLU A 51 -9.42 -7.27 -4.83
CA GLU A 51 -9.13 -8.45 -5.62
C GLU A 51 -9.75 -9.70 -5.00
N GLY A 52 -9.48 -9.92 -3.72
CA GLY A 52 -10.01 -11.08 -3.03
C GLY A 52 -9.17 -11.50 -1.85
N GLY A 53 -8.56 -10.52 -1.18
CA GLY A 53 -7.73 -10.81 -0.03
C GLY A 53 -6.25 -10.86 -0.38
N TYR A 54 -5.42 -11.10 0.62
CA TYR A 54 -3.97 -11.17 0.41
C TYR A 54 -3.56 -12.55 -0.11
N GLU A 55 -3.93 -13.59 0.63
CA GLU A 55 -3.59 -14.95 0.25
C GLU A 55 -4.02 -15.22 -1.19
N ALA A 56 -5.07 -14.55 -1.62
CA ALA A 56 -5.58 -14.72 -2.99
C ALA A 56 -4.63 -14.09 -4.01
N ILE A 57 -4.60 -12.76 -4.04
CA ILE A 57 -3.74 -12.04 -4.97
C ILE A 57 -2.31 -12.57 -4.91
N CYS A 58 -1.90 -13.03 -3.74
CA CYS A 58 -0.55 -13.56 -3.55
C CYS A 58 -0.38 -14.89 -4.28
N LYS A 59 -1.39 -15.76 -4.16
CA LYS A 59 -1.35 -17.06 -4.81
C LYS A 59 -1.34 -16.91 -6.33
N ASP A 60 -2.13 -15.96 -6.83
CA ASP A 60 -2.21 -15.71 -8.27
C ASP A 60 -1.19 -14.65 -8.69
N ARG A 61 -0.14 -14.50 -7.90
CA ARG A 61 0.91 -13.52 -8.19
C ARG A 61 0.31 -12.28 -8.85
N ARG A 62 -0.89 -11.90 -8.44
CA ARG A 62 -1.57 -10.75 -8.99
C ARG A 62 -0.74 -9.48 -8.76
N TRP A 63 0.17 -9.54 -7.80
CA TRP A 63 1.02 -8.39 -7.48
C TRP A 63 1.39 -7.63 -8.74
N ALA A 64 1.74 -8.36 -9.80
CA ALA A 64 2.13 -7.73 -11.06
C ALA A 64 1.01 -6.85 -11.60
N ARG A 65 -0.18 -7.43 -11.77
CA ARG A 65 -1.32 -6.69 -12.28
C ARG A 65 -1.67 -5.53 -11.35
N VAL A 66 -1.65 -5.79 -10.05
CA VAL A 66 -1.96 -4.78 -9.06
C VAL A 66 -1.09 -3.54 -9.23
N ALA A 67 0.17 -3.77 -9.60
CA ALA A 67 1.11 -2.68 -9.82
C ALA A 67 0.75 -1.87 -11.06
N GLN A 68 0.59 -2.57 -12.19
CA GLN A 68 0.25 -1.92 -13.44
C GLN A 68 -1.03 -1.09 -13.30
N ARG A 69 -1.98 -1.61 -12.52
CA ARG A 69 -3.25 -0.94 -12.31
C ARG A 69 -3.03 0.51 -11.87
N LEU A 70 -1.93 0.74 -11.15
CA LEU A 70 -1.60 2.08 -10.67
C LEU A 70 -0.87 2.88 -11.74
N HIS A 71 -0.97 2.42 -12.98
CA HIS A 71 -0.31 3.08 -14.11
C HIS A 71 1.20 2.99 -13.99
N TYR A 72 1.68 1.88 -13.44
CA TYR A 72 3.11 1.67 -13.27
C TYR A 72 3.74 1.12 -14.54
N PRO A 73 5.06 1.32 -14.68
CA PRO A 73 5.82 0.85 -15.83
C PRO A 73 5.94 -0.68 -15.88
N PRO A 74 5.25 -1.30 -16.84
CA PRO A 74 5.26 -2.76 -17.02
C PRO A 74 6.60 -3.26 -17.51
N GLY A 75 7.46 -3.68 -16.58
CA GLY A 75 8.77 -4.19 -16.94
C GLY A 75 9.71 -4.26 -15.76
N LYS A 76 9.99 -3.12 -15.15
CA LYS A 76 10.88 -3.06 -14.00
C LYS A 76 10.38 -3.97 -12.88
N ASN A 77 11.31 -4.44 -12.05
CA ASN A 77 10.96 -5.32 -10.94
C ASN A 77 10.19 -4.55 -9.86
N ILE A 78 8.92 -4.27 -10.12
CA ILE A 78 8.09 -3.54 -9.18
C ILE A 78 7.39 -4.50 -8.21
N GLY A 79 6.68 -5.47 -8.76
CA GLY A 79 5.97 -6.44 -7.93
C GLY A 79 6.75 -6.80 -6.69
N SER A 80 8.03 -7.10 -6.86
CA SER A 80 8.89 -7.48 -5.74
C SER A 80 8.99 -6.34 -4.73
N LEU A 81 9.38 -5.17 -5.22
CA LEU A 81 9.52 -3.99 -4.37
C LEU A 81 8.26 -3.78 -3.53
N LEU A 82 7.11 -3.76 -4.19
CA LEU A 82 5.84 -3.56 -3.50
C LEU A 82 5.62 -4.62 -2.43
N ARG A 83 5.48 -5.87 -2.87
CA ARG A 83 5.27 -6.99 -1.95
C ARG A 83 6.14 -6.83 -0.71
N SER A 84 7.37 -6.36 -0.90
CA SER A 84 8.31 -6.17 0.20
C SER A 84 7.81 -5.08 1.14
N HIS A 85 7.62 -3.88 0.60
CA HIS A 85 7.16 -2.74 1.38
C HIS A 85 5.84 -3.07 2.09
N TYR A 86 5.09 -3.99 1.51
CA TYR A 86 3.81 -4.40 2.09
C TYR A 86 4.01 -5.36 3.25
N GLU A 87 4.86 -6.36 3.04
CA GLU A 87 5.14 -7.35 4.07
C GLU A 87 6.15 -6.81 5.09
N ARG A 88 6.74 -5.66 4.77
CA ARG A 88 7.72 -5.04 5.65
C ARG A 88 7.09 -3.90 6.44
N ILE A 89 6.16 -3.18 5.82
CA ILE A 89 5.49 -2.07 6.46
C ILE A 89 4.01 -2.38 6.69
N ILE A 90 3.33 -2.82 5.63
CA ILE A 90 1.92 -3.16 5.72
C ILE A 90 1.71 -4.51 6.40
N TYR A 91 2.82 -5.14 6.78
CA TYR A 91 2.76 -6.44 7.43
C TYR A 91 2.24 -6.32 8.87
N PRO A 92 2.96 -5.54 9.70
CA PRO A 92 2.59 -5.31 11.09
C PRO A 92 1.34 -4.46 11.23
N TYR A 93 1.21 -3.47 10.36
CA TYR A 93 0.06 -2.57 10.37
C TYR A 93 -1.23 -3.34 10.17
N GLU A 94 -1.19 -4.33 9.29
CA GLU A 94 -2.36 -5.15 8.99
C GLU A 94 -2.64 -6.13 10.13
N MET A 95 -1.66 -6.97 10.43
CA MET A 95 -1.81 -7.95 11.50
C MET A 95 -2.29 -7.28 12.79
N PHE A 96 -1.75 -6.10 13.07
CA PHE A 96 -2.13 -5.36 14.28
C PHE A 96 -3.60 -4.94 14.23
N GLN A 97 -3.94 -4.16 13.22
CA GLN A 97 -5.31 -3.68 13.04
C GLN A 97 -6.31 -4.81 13.32
N SER A 98 -5.98 -6.01 12.86
CA SER A 98 -6.85 -7.16 13.04
C SER A 98 -6.62 -7.81 14.42
N GLY A 99 -6.59 -6.97 15.46
CA GLY A 99 -6.38 -7.47 16.80
C GLY A 99 -7.53 -7.11 17.73
N ALA A 100 -8.69 -7.70 17.49
CA ALA A 100 -9.87 -7.45 18.31
C ALA A 100 -10.10 -8.59 19.30
N GLY A 1 -1.16 31.88 -7.28
CA GLY A 1 -1.65 30.53 -7.06
C GLY A 1 -2.29 30.36 -5.69
N SER A 2 -3.52 29.85 -5.67
CA SER A 2 -4.23 29.63 -4.42
C SER A 2 -4.67 28.18 -4.29
N SER A 3 -4.33 27.56 -3.16
CA SER A 3 -4.68 26.17 -2.91
C SER A 3 -6.19 25.99 -2.94
N GLY A 4 -6.63 24.93 -3.64
CA GLY A 4 -8.05 24.66 -3.73
C GLY A 4 -8.55 23.74 -2.64
N SER A 5 -9.65 23.05 -2.90
CA SER A 5 -10.23 22.14 -1.92
C SER A 5 -9.88 20.69 -2.26
N SER A 6 -8.68 20.27 -1.89
CA SER A 6 -8.21 18.91 -2.15
C SER A 6 -9.17 17.89 -1.54
N GLY A 7 -9.11 16.66 -2.05
CA GLY A 7 -9.97 15.61 -1.54
C GLY A 7 -9.19 14.37 -1.14
N THR A 8 -8.40 14.47 -0.08
CA THR A 8 -7.60 13.36 0.40
C THR A 8 -8.07 12.91 1.79
N ARG A 9 -9.38 12.95 2.01
CA ARG A 9 -9.95 12.55 3.29
C ARG A 9 -9.57 11.10 3.61
N VAL A 10 -9.79 10.21 2.65
CA VAL A 10 -9.48 8.80 2.85
C VAL A 10 -7.98 8.55 2.75
N LYS A 11 -7.42 8.79 1.57
CA LYS A 11 -5.99 8.60 1.34
C LYS A 11 -5.18 9.02 2.56
N LEU A 12 -5.73 9.96 3.33
CA LEU A 12 -5.06 10.45 4.53
C LEU A 12 -5.29 9.51 5.70
N ASN A 13 -6.54 9.10 5.90
CA ASN A 13 -6.89 8.19 6.98
C ASN A 13 -5.91 7.03 7.07
N TYR A 14 -5.70 6.35 5.95
CA TYR A 14 -4.78 5.23 5.90
C TYR A 14 -3.39 5.63 6.41
N LEU A 15 -2.99 6.85 6.11
CA LEU A 15 -1.69 7.36 6.54
C LEU A 15 -1.68 7.62 8.04
N ASP A 16 -2.55 8.51 8.49
CA ASP A 16 -2.63 8.84 9.91
C ASP A 16 -2.78 7.58 10.75
N GLN A 17 -3.30 6.52 10.14
CA GLN A 17 -3.51 5.26 10.83
C GLN A 17 -2.19 4.50 10.97
N ILE A 18 -1.69 4.00 9.85
CA ILE A 18 -0.43 3.25 9.85
C ILE A 18 0.62 3.93 10.72
N ALA A 19 0.61 5.26 10.71
CA ALA A 19 1.56 6.05 11.49
C ALA A 19 1.21 6.00 12.98
N LYS A 20 -0.08 6.18 13.28
CA LYS A 20 -0.55 6.16 14.66
C LYS A 20 -0.12 4.88 15.36
N PHE A 21 0.04 3.81 14.59
CA PHE A 21 0.44 2.52 15.13
C PHE A 21 1.95 2.43 15.26
N TRP A 22 2.66 3.12 14.36
CA TRP A 22 4.11 3.12 14.36
C TRP A 22 4.66 3.98 15.49
N GLU A 23 4.31 5.26 15.47
CA GLU A 23 4.76 6.19 16.50
C GLU A 23 4.69 5.56 17.88
N ILE A 24 3.74 4.64 18.06
CA ILE A 24 3.57 3.96 19.33
C ILE A 24 4.66 2.90 19.55
N GLN A 25 4.88 2.08 18.52
CA GLN A 25 5.90 1.04 18.59
C GLN A 25 7.24 1.60 19.04
N GLY A 26 7.59 2.77 18.51
CA GLY A 26 8.85 3.40 18.86
C GLY A 26 9.45 4.19 17.71
N SER A 27 9.29 3.69 16.50
CA SER A 27 9.81 4.36 15.32
C SER A 27 8.71 5.10 14.57
N SER A 28 9.10 6.13 13.82
CA SER A 28 8.14 6.92 13.06
C SER A 28 7.81 6.25 11.73
N LEU A 29 6.91 6.86 10.97
CA LEU A 29 6.49 6.33 9.68
C LEU A 29 7.33 6.93 8.55
N LYS A 30 7.71 6.09 7.60
CA LYS A 30 8.50 6.53 6.46
C LYS A 30 8.00 5.90 5.16
N ILE A 31 7.66 6.74 4.20
CA ILE A 31 7.17 6.27 2.91
C ILE A 31 8.29 6.21 1.88
N PRO A 32 8.48 5.02 1.29
CA PRO A 32 9.52 4.80 0.28
C PRO A 32 9.21 5.51 -1.03
N ASN A 33 10.26 5.86 -1.77
CA ASN A 33 10.10 6.56 -3.05
C ASN A 33 10.28 5.59 -4.22
N VAL A 34 9.20 5.33 -4.93
CA VAL A 34 9.23 4.42 -6.07
C VAL A 34 9.08 5.18 -7.39
N GLU A 35 9.88 4.81 -8.38
CA GLU A 35 9.83 5.45 -9.68
C GLU A 35 9.90 6.98 -9.54
N ARG A 36 10.92 7.46 -8.84
CA ARG A 36 11.10 8.89 -8.63
C ARG A 36 9.77 9.55 -8.26
N LYS A 37 8.96 8.85 -7.48
CA LYS A 37 7.66 9.37 -7.05
C LYS A 37 7.22 8.71 -5.76
N ILE A 38 6.17 9.25 -5.16
CA ILE A 38 5.63 8.71 -3.91
C ILE A 38 4.87 7.42 -4.15
N LEU A 39 4.97 6.49 -3.21
CA LEU A 39 4.30 5.21 -3.31
C LEU A 39 2.90 5.27 -2.69
N ASP A 40 1.88 5.02 -3.50
CA ASP A 40 0.51 5.06 -3.04
C ASP A 40 0.19 3.83 -2.17
N LEU A 41 0.76 3.80 -0.97
CA LEU A 41 0.55 2.69 -0.05
C LEU A 41 -0.94 2.47 0.21
N TYR A 42 -1.72 3.51 -0.03
CA TYR A 42 -3.17 3.44 0.19
C TYR A 42 -3.83 2.57 -0.88
N SER A 43 -3.73 3.00 -2.13
CA SER A 43 -4.32 2.26 -3.24
C SER A 43 -3.93 0.78 -3.18
N LEU A 44 -2.62 0.52 -3.22
CA LEU A 44 -2.12 -0.84 -3.18
C LEU A 44 -2.99 -1.72 -2.29
N SER A 45 -2.98 -1.44 -0.99
CA SER A 45 -3.77 -2.20 -0.03
C SER A 45 -5.21 -2.36 -0.52
N LYS A 46 -5.84 -1.24 -0.86
CA LYS A 46 -7.22 -1.26 -1.34
C LYS A 46 -7.39 -2.30 -2.44
N ILE A 47 -6.54 -2.24 -3.46
CA ILE A 47 -6.61 -3.20 -4.56
C ILE A 47 -6.48 -4.63 -4.06
N VAL A 48 -5.56 -4.85 -3.12
CA VAL A 48 -5.34 -6.18 -2.56
C VAL A 48 -6.61 -6.71 -1.90
N ILE A 49 -7.34 -5.82 -1.23
CA ILE A 49 -8.57 -6.20 -0.56
C ILE A 49 -9.68 -6.52 -1.56
N GLU A 50 -9.99 -5.54 -2.41
CA GLU A 50 -11.03 -5.70 -3.42
C GLU A 50 -10.73 -6.89 -4.32
N GLU A 51 -9.50 -6.95 -4.82
CA GLU A 51 -9.09 -8.04 -5.70
C GLU A 51 -9.48 -9.39 -5.11
N GLY A 52 -9.42 -9.48 -3.78
CA GLY A 52 -9.76 -10.73 -3.11
C GLY A 52 -8.82 -11.06 -1.98
N GLY A 53 -8.49 -10.04 -1.17
CA GLY A 53 -7.59 -10.26 -0.06
C GLY A 53 -6.14 -10.32 -0.48
N TYR A 54 -5.25 -10.52 0.49
CA TYR A 54 -3.82 -10.60 0.21
C TYR A 54 -3.40 -12.03 -0.11
N GLU A 55 -3.96 -12.98 0.63
CA GLU A 55 -3.65 -14.39 0.43
C GLU A 55 -4.02 -14.84 -0.98
N ALA A 56 -5.22 -14.46 -1.41
CA ALA A 56 -5.70 -14.82 -2.74
C ALA A 56 -4.81 -14.22 -3.82
N ILE A 57 -4.88 -12.91 -4.00
CA ILE A 57 -4.08 -12.23 -5.00
C ILE A 57 -2.66 -12.76 -5.03
N CYS A 58 -2.14 -13.11 -3.86
CA CYS A 58 -0.79 -13.64 -3.75
C CYS A 58 -0.67 -15.00 -4.43
N LYS A 59 -1.70 -15.83 -4.25
CA LYS A 59 -1.73 -17.15 -4.86
C LYS A 59 -1.87 -17.06 -6.37
N ASP A 60 -2.47 -15.98 -6.85
CA ASP A 60 -2.66 -15.77 -8.27
C ASP A 60 -1.62 -14.80 -8.83
N ARG A 61 -0.53 -14.64 -8.10
CA ARG A 61 0.55 -13.75 -8.52
C ARG A 61 -0.01 -12.51 -9.22
N ARG A 62 -0.92 -11.81 -8.53
CA ARG A 62 -1.54 -10.61 -9.08
C ARG A 62 -0.63 -9.41 -8.89
N TRP A 63 0.23 -9.47 -7.89
CA TRP A 63 1.16 -8.37 -7.60
C TRP A 63 1.60 -7.69 -8.89
N ALA A 64 1.85 -8.48 -9.93
CA ALA A 64 2.27 -7.94 -11.21
C ALA A 64 1.22 -7.00 -11.80
N ARG A 65 0.03 -7.52 -12.02
CA ARG A 65 -1.06 -6.73 -12.57
C ARG A 65 -1.44 -5.58 -11.63
N VAL A 66 -1.64 -5.90 -10.37
CA VAL A 66 -2.00 -4.90 -9.37
C VAL A 66 -1.14 -3.65 -9.52
N ALA A 67 0.17 -3.85 -9.66
CA ALA A 67 1.09 -2.73 -9.82
C ALA A 67 0.84 -2.00 -11.14
N GLN A 68 0.74 -2.76 -12.22
CA GLN A 68 0.51 -2.18 -13.53
C GLN A 68 -0.73 -1.29 -13.53
N ARG A 69 -1.73 -1.66 -12.72
CA ARG A 69 -2.96 -0.91 -12.62
C ARG A 69 -2.68 0.53 -12.16
N LEU A 70 -1.65 0.70 -11.35
CA LEU A 70 -1.28 2.01 -10.83
C LEU A 70 -0.48 2.79 -11.87
N HIS A 71 -0.49 2.30 -13.11
CA HIS A 71 0.24 2.96 -14.19
C HIS A 71 1.75 2.90 -13.94
N TYR A 72 2.25 1.71 -13.66
CA TYR A 72 3.68 1.54 -13.39
C TYR A 72 4.42 1.12 -14.66
N PRO A 73 5.74 1.39 -14.69
CA PRO A 73 6.59 1.05 -15.84
C PRO A 73 6.79 -0.45 -15.99
N PRO A 74 6.42 -0.98 -17.16
CA PRO A 74 6.54 -2.41 -17.45
C PRO A 74 8.00 -2.85 -17.61
N GLY A 75 8.44 -3.74 -16.75
CA GLY A 75 9.82 -4.21 -16.82
C GLY A 75 10.50 -4.22 -15.46
N LYS A 76 10.73 -3.03 -14.92
CA LYS A 76 11.38 -2.89 -13.62
C LYS A 76 10.73 -3.82 -12.59
N ASN A 77 11.57 -4.49 -11.81
CA ASN A 77 11.08 -5.42 -10.79
C ASN A 77 10.33 -4.66 -9.70
N ILE A 78 9.11 -4.25 -10.01
CA ILE A 78 8.28 -3.53 -9.05
C ILE A 78 7.49 -4.47 -8.16
N GLY A 79 6.78 -5.41 -8.80
CA GLY A 79 6.00 -6.37 -8.05
C GLY A 79 6.67 -6.81 -6.76
N SER A 80 7.95 -7.15 -6.86
CA SER A 80 8.72 -7.58 -5.69
C SER A 80 8.83 -6.46 -4.67
N LEU A 81 9.29 -5.30 -5.12
CA LEU A 81 9.44 -4.15 -4.23
C LEU A 81 8.19 -3.95 -3.38
N LEU A 82 7.04 -3.87 -4.04
CA LEU A 82 5.78 -3.67 -3.34
C LEU A 82 5.56 -4.76 -2.30
N ARG A 83 5.39 -5.99 -2.76
CA ARG A 83 5.19 -7.12 -1.86
C ARG A 83 6.07 -7.01 -0.62
N SER A 84 7.26 -6.45 -0.81
CA SER A 84 8.21 -6.29 0.29
C SER A 84 7.75 -5.21 1.26
N HIS A 85 7.45 -4.03 0.71
CA HIS A 85 6.99 -2.90 1.53
C HIS A 85 5.70 -3.26 2.25
N TYR A 86 4.88 -4.10 1.63
CA TYR A 86 3.62 -4.51 2.21
C TYR A 86 3.82 -5.59 3.26
N GLU A 87 4.85 -6.40 3.08
CA GLU A 87 5.17 -7.48 4.01
C GLU A 87 6.13 -7.00 5.08
N ARG A 88 6.68 -5.80 4.89
CA ARG A 88 7.62 -5.23 5.85
C ARG A 88 6.98 -4.09 6.63
N ILE A 89 6.29 -3.20 5.92
CA ILE A 89 5.62 -2.07 6.53
C ILE A 89 4.15 -2.36 6.79
N ILE A 90 3.45 -2.76 5.74
CA ILE A 90 2.02 -3.08 5.85
C ILE A 90 1.81 -4.42 6.53
N TYR A 91 2.91 -5.13 6.80
CA TYR A 91 2.84 -6.42 7.45
C TYR A 91 2.43 -6.27 8.92
N PRO A 92 3.25 -5.54 9.68
CA PRO A 92 3.00 -5.30 11.11
C PRO A 92 1.79 -4.40 11.34
N TYR A 93 1.61 -3.42 10.47
CA TYR A 93 0.49 -2.48 10.57
C TYR A 93 -0.83 -3.19 10.39
N GLU A 94 -0.85 -4.19 9.51
CA GLU A 94 -2.06 -4.96 9.25
C GLU A 94 -2.36 -5.93 10.39
N MET A 95 -1.43 -6.85 10.62
CA MET A 95 -1.59 -7.83 11.69
C MET A 95 -2.02 -7.16 12.99
N PHE A 96 -1.43 -6.00 13.28
CA PHE A 96 -1.75 -5.26 14.49
C PHE A 96 -3.18 -4.73 14.44
N GLN A 97 -3.51 -4.01 13.38
CA GLN A 97 -4.84 -3.44 13.23
C GLN A 97 -5.84 -4.52 12.81
N SER A 98 -5.82 -5.65 13.52
CA SER A 98 -6.72 -6.75 13.22
C SER A 98 -7.49 -7.18 14.46
N GLY A 99 -6.75 -7.61 15.49
CA GLY A 99 -7.38 -8.03 16.73
C GLY A 99 -6.60 -9.14 17.41
N ALA A 100 -6.03 -8.83 18.57
CA ALA A 100 -5.26 -9.81 19.33
C ALA A 100 -6.06 -10.35 20.50
N GLY A 1 -24.83 20.73 -5.61
CA GLY A 1 -24.72 20.38 -7.00
C GLY A 1 -23.30 20.56 -7.53
N SER A 2 -22.34 19.91 -6.89
CA SER A 2 -20.95 20.01 -7.29
C SER A 2 -20.22 18.69 -7.06
N SER A 3 -19.65 18.13 -8.12
CA SER A 3 -18.92 16.87 -8.03
C SER A 3 -17.43 17.11 -7.82
N GLY A 4 -16.92 16.63 -6.70
CA GLY A 4 -15.51 16.80 -6.39
C GLY A 4 -14.66 15.65 -6.88
N SER A 5 -14.33 15.67 -8.17
CA SER A 5 -13.53 14.61 -8.77
C SER A 5 -12.40 14.19 -7.84
N SER A 6 -11.54 15.15 -7.49
CA SER A 6 -10.42 14.89 -6.61
C SER A 6 -10.89 14.31 -5.27
N GLY A 7 -10.70 13.01 -5.11
CA GLY A 7 -11.11 12.35 -3.88
C GLY A 7 -9.93 11.83 -3.07
N THR A 8 -9.34 12.71 -2.27
CA THR A 8 -8.20 12.33 -1.45
C THR A 8 -8.54 12.42 0.04
N ARG A 9 -9.77 12.01 0.38
CA ARG A 9 -10.22 12.04 1.77
C ARG A 9 -9.63 10.87 2.56
N VAL A 10 -9.91 9.66 2.10
CA VAL A 10 -9.41 8.46 2.76
C VAL A 10 -7.95 8.22 2.43
N LYS A 11 -7.58 8.46 1.18
CA LYS A 11 -6.20 8.29 0.73
C LYS A 11 -5.22 8.79 1.79
N LEU A 12 -5.64 9.78 2.55
CA LEU A 12 -4.81 10.35 3.60
C LEU A 12 -5.00 9.62 4.92
N ASN A 13 -6.25 9.39 5.29
CA ASN A 13 -6.57 8.69 6.52
C ASN A 13 -5.72 7.43 6.68
N TYR A 14 -5.62 6.67 5.59
CA TYR A 14 -4.84 5.43 5.61
C TYR A 14 -3.47 5.66 6.25
N LEU A 15 -2.95 6.87 6.11
CA LEU A 15 -1.65 7.22 6.68
C LEU A 15 -1.78 7.55 8.16
N ASP A 16 -2.91 8.14 8.53
CA ASP A 16 -3.15 8.52 9.92
C ASP A 16 -3.45 7.28 10.76
N GLN A 17 -4.19 6.34 10.20
CA GLN A 17 -4.54 5.11 10.90
C GLN A 17 -3.33 4.18 11.01
N ILE A 18 -2.53 4.14 9.94
CA ILE A 18 -1.34 3.30 9.92
C ILE A 18 -0.20 3.93 10.71
N ALA A 19 -0.17 5.26 10.75
CA ALA A 19 0.87 5.97 11.47
C ALA A 19 0.64 5.90 12.98
N LYS A 20 -0.61 6.08 13.39
CA LYS A 20 -0.97 6.04 14.81
C LYS A 20 -0.43 4.76 15.46
N PHE A 21 -0.24 3.73 14.66
CA PHE A 21 0.28 2.46 15.15
C PHE A 21 1.81 2.45 15.18
N TRP A 22 2.41 3.01 14.14
CA TRP A 22 3.86 3.08 14.03
C TRP A 22 4.43 4.07 15.03
N GLU A 23 3.96 5.32 14.95
CA GLU A 23 4.43 6.37 15.85
C GLU A 23 4.54 5.85 17.27
N ILE A 24 3.70 4.88 17.62
CA ILE A 24 3.70 4.29 18.96
C ILE A 24 4.86 3.31 19.13
N GLN A 25 5.01 2.41 18.17
CA GLN A 25 6.07 1.42 18.21
C GLN A 25 7.42 2.08 18.50
N GLY A 26 7.66 3.22 17.87
CA GLY A 26 8.91 3.93 18.08
C GLY A 26 9.43 4.58 16.81
N SER A 27 9.25 3.89 15.68
CA SER A 27 9.71 4.41 14.40
C SER A 27 8.55 4.99 13.60
N SER A 28 8.56 6.31 13.41
CA SER A 28 7.51 6.99 12.68
C SER A 28 7.34 6.38 11.30
N LEU A 29 6.19 6.64 10.68
CA LEU A 29 5.90 6.11 9.35
C LEU A 29 6.70 6.85 8.28
N LYS A 30 7.28 6.09 7.35
CA LYS A 30 8.08 6.66 6.28
C LYS A 30 7.73 6.02 4.94
N ILE A 31 7.44 6.85 3.95
CA ILE A 31 7.10 6.36 2.61
C ILE A 31 8.33 6.31 1.70
N PRO A 32 8.64 5.12 1.19
CA PRO A 32 9.79 4.92 0.31
C PRO A 32 9.58 5.55 -1.06
N ASN A 33 10.67 5.75 -1.79
CA ASN A 33 10.61 6.35 -3.12
C ASN A 33 10.87 5.31 -4.20
N VAL A 34 9.90 5.14 -5.09
CA VAL A 34 10.01 4.18 -6.18
C VAL A 34 9.79 4.85 -7.53
N GLU A 35 10.66 4.53 -8.49
CA GLU A 35 10.57 5.10 -9.82
C GLU A 35 10.72 6.61 -9.78
N ARG A 36 11.77 7.09 -9.14
CA ARG A 36 12.03 8.52 -9.02
C ARG A 36 10.73 9.28 -8.71
N LYS A 37 9.89 8.66 -7.87
CA LYS A 37 8.62 9.28 -7.48
C LYS A 37 8.11 8.67 -6.18
N ILE A 38 7.32 9.45 -5.45
CA ILE A 38 6.75 8.97 -4.19
C ILE A 38 5.86 7.75 -4.41
N LEU A 39 5.92 6.82 -3.46
CA LEU A 39 5.12 5.60 -3.55
C LEU A 39 3.81 5.75 -2.76
N ASP A 40 2.73 5.23 -3.34
CA ASP A 40 1.42 5.30 -2.69
C ASP A 40 1.11 3.99 -1.95
N LEU A 41 1.14 4.05 -0.63
CA LEU A 41 0.85 2.87 0.19
C LEU A 41 -0.64 2.69 0.37
N TYR A 42 -1.39 3.77 0.25
CA TYR A 42 -2.84 3.72 0.41
C TYR A 42 -3.48 2.87 -0.68
N SER A 43 -3.21 3.21 -1.93
CA SER A 43 -3.75 2.47 -3.06
C SER A 43 -3.31 1.01 -3.01
N LEU A 44 -2.00 0.78 -3.08
CA LEU A 44 -1.45 -0.56 -3.05
C LEU A 44 -2.28 -1.47 -2.14
N SER A 45 -2.22 -1.20 -0.83
CA SER A 45 -2.96 -1.99 0.14
C SER A 45 -4.43 -2.10 -0.26
N LYS A 46 -5.07 -0.96 -0.51
CA LYS A 46 -6.47 -0.93 -0.90
C LYS A 46 -6.75 -1.96 -1.99
N ILE A 47 -6.14 -1.76 -3.14
CA ILE A 47 -6.32 -2.68 -4.27
C ILE A 47 -6.30 -4.13 -3.81
N VAL A 48 -5.23 -4.51 -3.10
CA VAL A 48 -5.10 -5.86 -2.59
C VAL A 48 -6.36 -6.32 -1.87
N ILE A 49 -6.76 -5.57 -0.85
CA ILE A 49 -7.96 -5.89 -0.09
C ILE A 49 -9.12 -6.24 -1.00
N GLU A 50 -9.40 -5.35 -1.96
CA GLU A 50 -10.48 -5.57 -2.90
C GLU A 50 -10.30 -6.87 -3.66
N GLU A 51 -9.18 -6.99 -4.36
CA GLU A 51 -8.88 -8.18 -5.14
C GLU A 51 -9.40 -9.43 -4.44
N GLY A 52 -9.00 -9.61 -3.18
CA GLY A 52 -9.44 -10.76 -2.42
C GLY A 52 -8.44 -11.16 -1.34
N GLY A 53 -7.76 -10.17 -0.77
CA GLY A 53 -6.78 -10.44 0.27
C GLY A 53 -5.37 -10.50 -0.26
N TYR A 54 -4.42 -10.76 0.62
CA TYR A 54 -3.02 -10.83 0.23
C TYR A 54 -2.67 -12.23 -0.30
N GLU A 55 -3.15 -13.25 0.40
CA GLU A 55 -2.89 -14.64 0.00
C GLU A 55 -3.48 -14.92 -1.38
N ALA A 56 -4.64 -14.33 -1.66
CA ALA A 56 -5.31 -14.52 -2.93
C ALA A 56 -4.49 -13.90 -4.08
N ILE A 57 -4.43 -12.58 -4.10
CA ILE A 57 -3.68 -11.88 -5.13
C ILE A 57 -2.27 -12.45 -5.29
N CYS A 58 -1.67 -12.86 -4.17
CA CYS A 58 -0.34 -13.43 -4.18
C CYS A 58 -0.32 -14.76 -4.92
N LYS A 59 -1.35 -15.57 -4.68
CA LYS A 59 -1.45 -16.88 -5.32
C LYS A 59 -1.65 -16.74 -6.82
N ASP A 60 -2.53 -15.82 -7.22
CA ASP A 60 -2.80 -15.59 -8.63
C ASP A 60 -1.79 -14.62 -9.23
N ARG A 61 -0.63 -14.51 -8.59
CA ARG A 61 0.42 -13.61 -9.06
C ARG A 61 -0.18 -12.34 -9.66
N ARG A 62 -1.18 -11.79 -8.99
CA ARG A 62 -1.85 -10.58 -9.45
C ARG A 62 -0.93 -9.36 -9.29
N TRP A 63 0.05 -9.47 -8.40
CA TRP A 63 0.98 -8.39 -8.14
C TRP A 63 1.29 -7.62 -9.43
N ALA A 64 1.47 -8.35 -10.52
CA ALA A 64 1.76 -7.75 -11.81
C ALA A 64 0.65 -6.79 -12.23
N ARG A 65 -0.58 -7.28 -12.25
CA ARG A 65 -1.73 -6.47 -12.63
C ARG A 65 -1.97 -5.37 -11.61
N VAL A 66 -1.86 -5.70 -10.33
CA VAL A 66 -2.07 -4.74 -9.26
C VAL A 66 -1.09 -3.58 -9.37
N ALA A 67 0.08 -3.85 -9.95
CA ALA A 67 1.10 -2.83 -10.12
C ALA A 67 0.78 -1.92 -11.30
N GLN A 68 0.45 -2.52 -12.44
CA GLN A 68 0.12 -1.77 -13.64
C GLN A 68 -1.08 -0.87 -13.40
N ARG A 69 -1.95 -1.28 -12.49
CA ARG A 69 -3.15 -0.51 -12.17
C ARG A 69 -2.78 0.91 -11.73
N LEU A 70 -1.70 1.02 -10.97
CA LEU A 70 -1.25 2.32 -10.49
C LEU A 70 -0.39 3.02 -11.53
N HIS A 71 -0.55 2.62 -12.79
CA HIS A 71 0.20 3.22 -13.89
C HIS A 71 1.71 3.07 -13.66
N TYR A 72 2.14 1.84 -13.38
CA TYR A 72 3.55 1.56 -13.14
C TYR A 72 4.23 1.06 -14.41
N PRO A 73 5.57 1.18 -14.45
CA PRO A 73 6.37 0.74 -15.59
C PRO A 73 6.41 -0.78 -15.73
N PRO A 74 5.77 -1.29 -16.79
CA PRO A 74 5.72 -2.73 -17.06
C PRO A 74 7.07 -3.30 -17.47
N GLY A 75 7.61 -4.21 -16.65
CA GLY A 75 8.90 -4.81 -16.96
C GLY A 75 9.79 -4.90 -15.73
N LYS A 76 10.08 -3.76 -15.13
CA LYS A 76 10.94 -3.72 -13.94
C LYS A 76 10.39 -4.62 -12.84
N ASN A 77 11.24 -5.00 -11.91
CA ASN A 77 10.84 -5.86 -10.81
C ASN A 77 10.09 -5.07 -9.75
N ILE A 78 8.81 -4.81 -10.00
CA ILE A 78 7.98 -4.05 -9.07
C ILE A 78 7.19 -4.99 -8.16
N GLY A 79 6.42 -5.89 -8.78
CA GLY A 79 5.63 -6.84 -8.02
C GLY A 79 6.34 -7.29 -6.75
N SER A 80 7.61 -7.62 -6.87
CA SER A 80 8.40 -8.07 -5.73
C SER A 80 8.56 -6.96 -4.70
N LEU A 81 9.02 -5.81 -5.15
CA LEU A 81 9.22 -4.66 -4.27
C LEU A 81 7.98 -4.40 -3.43
N LEU A 82 6.83 -4.34 -4.08
CA LEU A 82 5.56 -4.10 -3.40
C LEU A 82 5.33 -5.14 -2.31
N ARG A 83 5.17 -6.40 -2.71
CA ARG A 83 4.93 -7.49 -1.78
C ARG A 83 5.81 -7.33 -0.54
N SER A 84 7.03 -6.83 -0.74
CA SER A 84 7.96 -6.64 0.36
C SER A 84 7.50 -5.53 1.28
N HIS A 85 7.41 -4.32 0.73
CA HIS A 85 6.96 -3.16 1.50
C HIS A 85 5.71 -3.48 2.30
N TYR A 86 4.85 -4.33 1.73
CA TYR A 86 3.61 -4.71 2.40
C TYR A 86 3.89 -5.61 3.61
N GLU A 87 4.65 -6.68 3.38
CA GLU A 87 4.98 -7.62 4.44
C GLU A 87 6.04 -7.01 5.37
N ARG A 88 6.60 -5.88 4.97
CA ARG A 88 7.61 -5.20 5.76
C ARG A 88 6.99 -4.11 6.63
N ILE A 89 6.08 -3.34 6.04
CA ILE A 89 5.41 -2.27 6.76
C ILE A 89 3.94 -2.59 7.00
N ILE A 90 3.27 -3.06 5.96
CA ILE A 90 1.85 -3.41 6.06
C ILE A 90 1.67 -4.75 6.75
N TYR A 91 2.79 -5.36 7.17
CA TYR A 91 2.75 -6.64 7.84
C TYR A 91 2.23 -6.50 9.27
N PRO A 92 2.96 -5.70 10.08
CA PRO A 92 2.60 -5.46 11.48
C PRO A 92 1.34 -4.61 11.61
N TYR A 93 1.24 -3.58 10.77
CA TYR A 93 0.09 -2.68 10.80
C TYR A 93 -1.21 -3.48 10.68
N GLU A 94 -1.18 -4.55 9.90
CA GLU A 94 -2.35 -5.38 9.69
C GLU A 94 -2.57 -6.32 10.89
N MET A 95 -1.60 -7.20 11.12
CA MET A 95 -1.69 -8.15 12.23
C MET A 95 -2.07 -7.44 13.52
N PHE A 96 -1.47 -6.28 13.76
CA PHE A 96 -1.75 -5.50 14.96
C PHE A 96 -3.17 -4.96 14.93
N GLN A 97 -3.49 -4.21 13.88
CA GLN A 97 -4.82 -3.62 13.72
C GLN A 97 -5.75 -4.56 12.96
N SER A 98 -5.66 -5.85 13.27
CA SER A 98 -6.49 -6.85 12.62
C SER A 98 -7.85 -6.98 13.31
N GLY A 99 -8.75 -6.04 13.02
CA GLY A 99 -10.07 -6.07 13.62
C GLY A 99 -10.02 -6.34 15.12
N ALA A 100 -9.99 -5.27 15.91
CA ALA A 100 -9.94 -5.41 17.36
C ALA A 100 -10.90 -6.50 17.84
N GLY A 1 10.59 20.73 0.39
CA GLY A 1 9.55 21.22 -0.49
C GLY A 1 8.16 20.82 -0.02
N SER A 2 7.20 21.72 -0.23
CA SER A 2 5.82 21.45 0.18
C SER A 2 4.91 21.30 -1.04
N SER A 3 4.73 20.06 -1.47
CA SER A 3 3.88 19.77 -2.62
C SER A 3 2.51 19.24 -2.18
N GLY A 4 1.46 19.73 -2.83
CA GLY A 4 0.12 19.30 -2.49
C GLY A 4 -0.88 19.62 -3.58
N SER A 5 -2.16 19.38 -3.30
CA SER A 5 -3.21 19.63 -4.28
C SER A 5 -4.58 19.67 -3.60
N SER A 6 -5.61 20.01 -4.37
CA SER A 6 -6.97 20.08 -3.85
C SER A 6 -7.71 18.76 -4.07
N GLY A 7 -7.01 17.65 -3.87
CA GLY A 7 -7.62 16.35 -4.06
C GLY A 7 -7.37 15.42 -2.89
N THR A 8 -6.10 15.25 -2.53
CA THR A 8 -5.74 14.38 -1.43
C THR A 8 -6.66 14.58 -0.23
N ARG A 9 -7.54 13.62 0.00
CA ARG A 9 -8.49 13.70 1.11
C ARG A 9 -8.42 12.43 1.95
N VAL A 10 -8.90 11.32 1.38
CA VAL A 10 -8.90 10.04 2.09
C VAL A 10 -7.49 9.48 2.20
N LYS A 11 -6.71 9.63 1.14
CA LYS A 11 -5.33 9.14 1.12
C LYS A 11 -4.66 9.36 2.47
N LEU A 12 -5.06 10.41 3.16
CA LEU A 12 -4.50 10.73 4.47
C LEU A 12 -5.01 9.78 5.54
N ASN A 13 -6.32 9.55 5.54
CA ASN A 13 -6.94 8.65 6.51
C ASN A 13 -6.08 7.42 6.73
N TYR A 14 -5.76 6.72 5.65
CA TYR A 14 -4.94 5.51 5.73
C TYR A 14 -3.62 5.80 6.42
N LEU A 15 -2.95 6.87 6.00
CA LEU A 15 -1.67 7.26 6.59
C LEU A 15 -1.80 7.44 8.10
N ASP A 16 -2.61 8.41 8.51
CA ASP A 16 -2.81 8.68 9.94
C ASP A 16 -3.07 7.38 10.70
N GLN A 17 -3.81 6.47 10.08
CA GLN A 17 -4.13 5.19 10.71
C GLN A 17 -2.87 4.39 11.00
N ILE A 18 -2.14 4.05 9.93
CA ILE A 18 -0.91 3.29 10.07
C ILE A 18 0.12 4.05 10.90
N ALA A 19 0.03 5.37 10.88
CA ALA A 19 0.95 6.22 11.63
C ALA A 19 0.65 6.15 13.12
N LYS A 20 -0.62 6.28 13.48
CA LYS A 20 -1.04 6.24 14.87
C LYS A 20 -0.55 4.97 15.55
N PHE A 21 -0.26 3.95 14.75
CA PHE A 21 0.21 2.68 15.27
C PHE A 21 1.73 2.71 15.46
N TRP A 22 2.43 3.14 14.43
CA TRP A 22 3.90 3.21 14.48
C TRP A 22 4.35 4.19 15.55
N GLU A 23 3.88 5.43 15.46
CA GLU A 23 4.25 6.45 16.44
C GLU A 23 4.26 5.89 17.86
N ILE A 24 3.34 4.96 18.11
CA ILE A 24 3.25 4.34 19.43
C ILE A 24 4.41 3.38 19.67
N GLN A 25 4.62 2.48 18.72
CA GLN A 25 5.70 1.50 18.83
C GLN A 25 7.02 2.18 19.21
N GLY A 26 7.26 3.35 18.64
CA GLY A 26 8.47 4.09 18.94
C GLY A 26 9.08 4.73 17.70
N SER A 27 9.18 3.96 16.62
CA SER A 27 9.75 4.45 15.38
C SER A 27 8.69 5.17 14.54
N SER A 28 9.12 6.12 13.73
CA SER A 28 8.21 6.89 12.89
C SER A 28 7.88 6.10 11.62
N LEU A 29 6.93 6.62 10.84
CA LEU A 29 6.51 5.98 9.60
C LEU A 29 7.23 6.59 8.40
N LYS A 30 8.03 5.78 7.71
CA LYS A 30 8.77 6.24 6.55
C LYS A 30 8.16 5.69 5.26
N ILE A 31 8.23 6.47 4.20
CA ILE A 31 7.69 6.05 2.91
C ILE A 31 8.78 6.00 1.84
N PRO A 32 8.95 4.82 1.24
CA PRO A 32 9.95 4.60 0.19
C PRO A 32 9.61 5.33 -1.11
N ASN A 33 10.60 5.48 -1.99
CA ASN A 33 10.38 6.14 -3.26
C ASN A 33 10.40 5.15 -4.41
N VAL A 34 9.36 5.19 -5.25
CA VAL A 34 9.26 4.29 -6.38
C VAL A 34 8.90 5.05 -7.65
N GLU A 35 9.58 4.73 -8.74
CA GLU A 35 9.33 5.39 -10.03
C GLU A 35 9.47 6.90 -9.90
N ARG A 36 10.62 7.34 -9.40
CA ARG A 36 10.88 8.76 -9.23
C ARG A 36 9.65 9.48 -8.69
N LYS A 37 8.93 8.83 -7.79
CA LYS A 37 7.72 9.41 -7.20
C LYS A 37 7.35 8.68 -5.92
N ILE A 38 6.66 9.39 -5.03
CA ILE A 38 6.24 8.81 -3.76
C ILE A 38 5.35 7.57 -3.98
N LEU A 39 5.37 6.66 -3.03
CA LEU A 39 4.58 5.45 -3.12
C LEU A 39 3.25 5.60 -2.39
N ASP A 40 2.16 5.31 -3.10
CA ASP A 40 0.82 5.43 -2.51
C ASP A 40 0.44 4.14 -1.79
N LEU A 41 1.10 3.89 -0.66
CA LEU A 41 0.82 2.68 0.13
C LEU A 41 -0.68 2.50 0.34
N TYR A 42 -1.43 3.60 0.23
CA TYR A 42 -2.87 3.55 0.40
C TYR A 42 -3.53 2.78 -0.74
N SER A 43 -3.10 3.06 -1.96
CA SER A 43 -3.66 2.39 -3.13
C SER A 43 -3.22 0.93 -3.18
N LEU A 44 -1.92 0.70 -3.06
CA LEU A 44 -1.37 -0.65 -3.09
C LEU A 44 -2.17 -1.58 -2.18
N SER A 45 -2.30 -1.20 -0.92
CA SER A 45 -3.05 -2.01 0.04
C SER A 45 -4.49 -2.17 -0.38
N LYS A 46 -5.20 -1.05 -0.54
CA LYS A 46 -6.59 -1.07 -0.95
C LYS A 46 -6.81 -2.06 -2.09
N ILE A 47 -6.05 -1.90 -3.16
CA ILE A 47 -6.16 -2.79 -4.31
C ILE A 47 -6.08 -4.25 -3.89
N VAL A 48 -4.90 -4.66 -3.43
CA VAL A 48 -4.69 -6.04 -2.99
C VAL A 48 -5.92 -6.58 -2.27
N ILE A 49 -6.46 -5.80 -1.33
CA ILE A 49 -7.63 -6.20 -0.58
C ILE A 49 -8.85 -6.32 -1.49
N GLU A 50 -8.98 -5.39 -2.43
CA GLU A 50 -10.09 -5.38 -3.36
C GLU A 50 -10.14 -6.68 -4.17
N GLU A 51 -9.00 -7.04 -4.76
CA GLU A 51 -8.90 -8.25 -5.56
C GLU A 51 -9.42 -9.46 -4.79
N GLY A 52 -9.05 -9.54 -3.51
CA GLY A 52 -9.49 -10.64 -2.68
C GLY A 52 -8.49 -10.97 -1.58
N GLY A 53 -7.84 -9.94 -1.05
CA GLY A 53 -6.87 -10.15 0.00
C GLY A 53 -5.45 -10.27 -0.53
N TYR A 54 -4.51 -10.56 0.36
CA TYR A 54 -3.11 -10.70 -0.03
C TYR A 54 -2.80 -12.14 -0.44
N GLU A 55 -3.35 -13.10 0.31
CA GLU A 55 -3.13 -14.51 0.03
C GLU A 55 -3.78 -14.90 -1.30
N ALA A 56 -4.94 -14.33 -1.58
CA ALA A 56 -5.65 -14.62 -2.83
C ALA A 56 -4.85 -14.16 -4.04
N ILE A 57 -4.57 -12.86 -4.12
CA ILE A 57 -3.81 -12.31 -5.23
C ILE A 57 -2.43 -12.95 -5.32
N CYS A 58 -1.85 -13.26 -4.17
CA CYS A 58 -0.53 -13.88 -4.13
C CYS A 58 -0.57 -15.27 -4.75
N LYS A 59 -1.65 -16.00 -4.51
CA LYS A 59 -1.81 -17.35 -5.06
C LYS A 59 -1.96 -17.31 -6.57
N ASP A 60 -2.70 -16.32 -7.06
CA ASP A 60 -2.93 -16.17 -8.50
C ASP A 60 -1.90 -15.22 -9.12
N ARG A 61 -0.77 -15.06 -8.43
CA ARG A 61 0.29 -14.19 -8.92
C ARG A 61 -0.30 -12.97 -9.63
N ARG A 62 -1.29 -12.35 -9.01
CA ARG A 62 -1.94 -11.18 -9.59
C ARG A 62 -1.21 -9.90 -9.20
N TRP A 63 0.04 -10.05 -8.76
CA TRP A 63 0.86 -8.91 -8.35
C TRP A 63 1.11 -7.97 -9.53
N ALA A 64 1.52 -8.54 -10.65
CA ALA A 64 1.80 -7.76 -11.85
C ALA A 64 0.62 -6.84 -12.19
N ARG A 65 -0.59 -7.36 -12.06
CA ARG A 65 -1.78 -6.59 -12.35
C ARG A 65 -1.98 -5.47 -11.33
N VAL A 66 -2.18 -5.86 -10.07
CA VAL A 66 -2.37 -4.90 -9.00
C VAL A 66 -1.42 -3.71 -9.15
N ALA A 67 -0.20 -3.99 -9.57
CA ALA A 67 0.80 -2.94 -9.76
C ALA A 67 0.44 -2.03 -10.92
N GLN A 68 0.19 -2.63 -12.09
CA GLN A 68 -0.18 -1.86 -13.27
C GLN A 68 -1.32 -0.91 -12.98
N ARG A 69 -2.22 -1.33 -12.09
CA ARG A 69 -3.38 -0.51 -11.71
C ARG A 69 -2.94 0.88 -11.28
N LEU A 70 -1.79 0.96 -10.62
CA LEU A 70 -1.25 2.23 -10.15
C LEU A 70 -0.46 2.92 -11.25
N HIS A 71 -0.76 2.58 -12.50
CA HIS A 71 -0.08 3.17 -13.64
C HIS A 71 1.41 2.84 -13.62
N TYR A 72 1.75 1.71 -13.02
CA TYR A 72 3.14 1.27 -12.93
C TYR A 72 3.63 0.74 -14.26
N PRO A 73 4.93 0.92 -14.54
CA PRO A 73 5.55 0.45 -15.78
C PRO A 73 5.66 -1.06 -15.84
N PRO A 74 4.95 -1.67 -16.80
CA PRO A 74 4.96 -3.13 -16.99
C PRO A 74 6.30 -3.64 -17.51
N GLY A 75 7.20 -3.97 -16.59
CA GLY A 75 8.52 -4.46 -16.98
C GLY A 75 9.42 -4.70 -15.79
N LYS A 76 10.02 -3.64 -15.27
CA LYS A 76 10.91 -3.73 -14.13
C LYS A 76 10.30 -4.62 -13.04
N ASN A 77 11.13 -5.03 -12.09
CA ASN A 77 10.68 -5.87 -10.99
C ASN A 77 9.89 -5.06 -9.96
N ILE A 78 8.62 -4.82 -10.25
CA ILE A 78 7.77 -4.06 -9.35
C ILE A 78 7.03 -4.98 -8.39
N GLY A 79 6.27 -5.92 -8.94
CA GLY A 79 5.53 -6.86 -8.11
C GLY A 79 6.28 -7.24 -6.85
N SER A 80 7.54 -7.64 -7.01
CA SER A 80 8.37 -8.04 -5.88
C SER A 80 8.54 -6.89 -4.90
N LEU A 81 9.03 -5.75 -5.41
CA LEU A 81 9.25 -4.58 -4.58
C LEU A 81 8.04 -4.30 -3.70
N LEU A 82 6.86 -4.23 -4.31
CA LEU A 82 5.62 -3.98 -3.59
C LEU A 82 5.44 -4.99 -2.45
N ARG A 83 5.26 -6.25 -2.81
CA ARG A 83 5.06 -7.31 -1.83
C ARG A 83 5.98 -7.09 -0.62
N SER A 84 7.25 -6.82 -0.89
CA SER A 84 8.22 -6.59 0.18
C SER A 84 7.78 -5.44 1.07
N HIS A 85 7.75 -4.23 0.52
CA HIS A 85 7.35 -3.05 1.27
C HIS A 85 6.13 -3.34 2.13
N TYR A 86 5.19 -4.10 1.58
CA TYR A 86 3.97 -4.46 2.29
C TYR A 86 4.29 -5.30 3.53
N GLU A 87 4.99 -6.40 3.31
CA GLU A 87 5.36 -7.30 4.41
C GLU A 87 6.44 -6.67 5.28
N ARG A 88 7.00 -5.56 4.81
CA ARG A 88 8.06 -4.87 5.54
C ARG A 88 7.46 -3.85 6.50
N ILE A 89 6.54 -3.04 6.00
CA ILE A 89 5.89 -2.02 6.81
C ILE A 89 4.41 -2.33 7.02
N ILE A 90 3.74 -2.75 5.95
CA ILE A 90 2.32 -3.09 6.02
C ILE A 90 2.11 -4.46 6.66
N TYR A 91 3.21 -5.05 7.13
CA TYR A 91 3.15 -6.36 7.78
C TYR A 91 2.54 -6.27 9.17
N PRO A 92 3.22 -5.52 10.06
CA PRO A 92 2.77 -5.32 11.43
C PRO A 92 1.51 -4.46 11.52
N TYR A 93 1.42 -3.47 10.64
CA TYR A 93 0.27 -2.57 10.61
C TYR A 93 -1.02 -3.35 10.34
N GLU A 94 -0.93 -4.34 9.47
CA GLU A 94 -2.09 -5.15 9.12
C GLU A 94 -2.35 -6.22 10.19
N MET A 95 -1.41 -7.14 10.33
CA MET A 95 -1.53 -8.21 11.31
C MET A 95 -2.10 -7.68 12.63
N PHE A 96 -1.67 -6.48 13.01
CA PHE A 96 -2.14 -5.86 14.25
C PHE A 96 -3.57 -5.34 14.08
N GLN A 97 -3.76 -4.48 13.09
CA GLN A 97 -5.07 -3.89 12.83
C GLN A 97 -5.89 -4.79 11.90
N SER A 98 -5.77 -6.09 12.09
CA SER A 98 -6.49 -7.06 11.27
C SER A 98 -7.76 -7.53 11.98
N GLY A 99 -7.59 -8.09 13.17
CA GLY A 99 -8.73 -8.58 13.94
C GLY A 99 -9.03 -7.71 15.14
N ALA A 100 -8.12 -7.73 16.12
CA ALA A 100 -8.30 -6.94 17.34
C ALA A 100 -7.07 -6.08 17.61
N GLY A 1 -12.49 22.95 -8.99
CA GLY A 1 -11.26 22.50 -8.36
C GLY A 1 -10.57 21.40 -9.13
N SER A 2 -10.11 21.74 -10.34
CA SER A 2 -9.44 20.77 -11.20
C SER A 2 -8.39 19.98 -10.41
N SER A 3 -7.59 20.69 -9.61
CA SER A 3 -6.55 20.05 -8.81
C SER A 3 -6.43 20.73 -7.45
N GLY A 4 -6.75 19.98 -6.40
CA GLY A 4 -6.67 20.52 -5.05
C GLY A 4 -7.90 20.20 -4.23
N SER A 5 -9.08 20.55 -4.76
CA SER A 5 -10.33 20.30 -4.06
C SER A 5 -10.81 18.87 -4.29
N SER A 6 -11.20 18.20 -3.22
CA SER A 6 -11.67 16.83 -3.29
C SER A 6 -10.60 15.92 -3.89
N GLY A 7 -9.36 16.11 -3.45
CA GLY A 7 -8.26 15.31 -3.96
C GLY A 7 -7.67 14.41 -2.89
N THR A 8 -7.12 15.02 -1.84
CA THR A 8 -6.51 14.28 -0.75
C THR A 8 -7.39 14.30 0.49
N ARG A 9 -8.21 13.27 0.65
CA ARG A 9 -9.11 13.17 1.79
C ARG A 9 -8.88 11.87 2.56
N VAL A 10 -9.02 10.74 1.86
CA VAL A 10 -8.82 9.43 2.48
C VAL A 10 -7.34 9.06 2.49
N LYS A 11 -6.62 9.44 1.45
CA LYS A 11 -5.21 9.15 1.33
C LYS A 11 -4.48 9.42 2.65
N LEU A 12 -5.04 10.34 3.44
CA LEU A 12 -4.45 10.69 4.73
C LEU A 12 -4.83 9.67 5.79
N ASN A 13 -6.13 9.42 5.94
CA ASN A 13 -6.62 8.45 6.92
C ASN A 13 -5.70 7.24 7.00
N TYR A 14 -5.56 6.53 5.88
CA TYR A 14 -4.72 5.34 5.83
C TYR A 14 -3.37 5.62 6.48
N LEU A 15 -2.89 6.85 6.35
CA LEU A 15 -1.60 7.24 6.92
C LEU A 15 -1.74 7.55 8.40
N ASP A 16 -2.84 8.20 8.77
CA ASP A 16 -3.10 8.56 10.17
C ASP A 16 -3.26 7.31 11.02
N GLN A 17 -3.93 6.30 10.47
CA GLN A 17 -4.15 5.06 11.20
C GLN A 17 -2.87 4.24 11.28
N ILE A 18 -2.27 3.96 10.13
CA ILE A 18 -1.03 3.19 10.08
C ILE A 18 0.04 3.82 10.95
N ALA A 19 0.22 5.13 10.79
CA ALA A 19 1.22 5.87 11.56
C ALA A 19 0.97 5.74 13.06
N LYS A 20 -0.28 5.96 13.46
CA LYS A 20 -0.66 5.87 14.87
C LYS A 20 -0.05 4.62 15.52
N PHE A 21 -0.01 3.53 14.76
CA PHE A 21 0.55 2.27 15.26
C PHE A 21 2.07 2.37 15.39
N TRP A 22 2.72 2.80 14.30
CA TRP A 22 4.18 2.92 14.29
C TRP A 22 4.64 3.94 15.33
N GLU A 23 4.21 5.19 15.16
CA GLU A 23 4.58 6.25 16.08
C GLU A 23 4.69 5.72 17.51
N ILE A 24 3.80 4.82 17.87
CA ILE A 24 3.79 4.23 19.20
C ILE A 24 4.96 3.26 19.38
N GLN A 25 5.12 2.35 18.42
CA GLN A 25 6.20 1.37 18.48
C GLN A 25 7.51 2.04 18.87
N GLY A 26 7.82 3.17 18.24
CA GLY A 26 9.05 3.88 18.53
C GLY A 26 9.64 4.54 17.31
N SER A 27 9.53 3.88 16.16
CA SER A 27 10.06 4.43 14.92
C SER A 27 8.98 5.14 14.13
N SER A 28 9.07 6.46 14.06
CA SER A 28 8.10 7.27 13.34
C SER A 28 7.81 6.68 11.96
N LEU A 29 6.67 7.04 11.40
CA LEU A 29 6.28 6.55 10.08
C LEU A 29 7.06 7.25 8.97
N LYS A 30 7.69 6.47 8.11
CA LYS A 30 8.49 7.01 7.01
C LYS A 30 8.10 6.36 5.69
N ILE A 31 7.46 7.13 4.82
CA ILE A 31 7.03 6.63 3.52
C ILE A 31 8.21 6.54 2.55
N PRO A 32 8.45 5.34 2.00
CA PRO A 32 9.54 5.10 1.05
C PRO A 32 9.30 5.78 -0.29
N ASN A 33 10.38 6.21 -0.93
CA ASN A 33 10.28 6.88 -2.22
C ASN A 33 10.61 5.91 -3.36
N VAL A 34 9.60 5.56 -4.15
CA VAL A 34 9.79 4.65 -5.28
C VAL A 34 9.42 5.31 -6.59
N GLU A 35 10.25 5.10 -7.61
CA GLU A 35 10.01 5.68 -8.92
C GLU A 35 10.05 7.20 -8.86
N ARG A 36 11.10 7.74 -8.24
CA ARG A 36 11.25 9.18 -8.10
C ARG A 36 9.93 9.84 -7.74
N LYS A 37 9.15 9.18 -6.89
CA LYS A 37 7.86 9.70 -6.46
C LYS A 37 7.33 8.92 -5.26
N ILE A 38 6.52 9.58 -4.44
CA ILE A 38 5.94 8.94 -3.27
C ILE A 38 5.31 7.61 -3.61
N LEU A 39 5.31 6.69 -2.65
CA LEU A 39 4.73 5.36 -2.86
C LEU A 39 3.28 5.33 -2.40
N ASP A 40 2.36 5.18 -3.35
CA ASP A 40 0.94 5.13 -3.04
C ASP A 40 0.59 3.85 -2.30
N LEU A 41 0.94 3.79 -1.03
CA LEU A 41 0.67 2.61 -0.21
C LEU A 41 -0.83 2.46 0.04
N TYR A 42 -1.52 3.59 0.21
CA TYR A 42 -2.95 3.58 0.45
C TYR A 42 -3.69 2.79 -0.62
N SER A 43 -3.55 3.23 -1.87
CA SER A 43 -4.20 2.56 -2.99
C SER A 43 -3.75 1.10 -3.09
N LEU A 44 -2.44 0.90 -3.26
CA LEU A 44 -1.89 -0.44 -3.36
C LEU A 44 -2.69 -1.43 -2.52
N SER A 45 -2.76 -1.16 -1.22
CA SER A 45 -3.49 -2.03 -0.29
C SER A 45 -4.94 -2.18 -0.73
N LYS A 46 -5.63 -1.06 -0.89
CA LYS A 46 -7.03 -1.05 -1.31
C LYS A 46 -7.26 -2.06 -2.44
N ILE A 47 -6.40 -2.01 -3.45
CA ILE A 47 -6.51 -2.93 -4.58
C ILE A 47 -6.35 -4.38 -4.13
N VAL A 48 -5.31 -4.64 -3.35
CA VAL A 48 -5.05 -5.98 -2.86
C VAL A 48 -6.29 -6.59 -2.23
N ILE A 49 -6.76 -5.97 -1.15
CA ILE A 49 -7.95 -6.44 -0.44
C ILE A 49 -9.11 -6.65 -1.41
N GLU A 50 -9.42 -5.59 -2.17
CA GLU A 50 -10.52 -5.66 -3.13
C GLU A 50 -10.45 -6.93 -3.96
N GLU A 51 -9.29 -7.19 -4.53
CA GLU A 51 -9.08 -8.39 -5.35
C GLU A 51 -9.55 -9.64 -4.61
N GLY A 52 -9.11 -9.78 -3.37
CA GLY A 52 -9.50 -10.94 -2.58
C GLY A 52 -8.48 -11.27 -1.50
N GLY A 53 -7.96 -10.24 -0.85
CA GLY A 53 -6.97 -10.44 0.20
C GLY A 53 -5.55 -10.43 -0.33
N TYR A 54 -4.59 -10.66 0.56
CA TYR A 54 -3.18 -10.67 0.17
C TYR A 54 -2.74 -12.06 -0.25
N GLU A 55 -3.13 -13.07 0.54
CA GLU A 55 -2.79 -14.45 0.23
C GLU A 55 -3.33 -14.87 -1.12
N ALA A 56 -4.52 -14.37 -1.46
CA ALA A 56 -5.15 -14.70 -2.73
C ALA A 56 -4.38 -14.09 -3.89
N ILE A 57 -4.46 -12.76 -4.02
CA ILE A 57 -3.77 -12.07 -5.10
C ILE A 57 -2.34 -12.57 -5.26
N CYS A 58 -1.72 -12.94 -4.14
CA CYS A 58 -0.35 -13.45 -4.16
C CYS A 58 -0.29 -14.82 -4.81
N LYS A 59 -1.28 -15.65 -4.53
CA LYS A 59 -1.34 -17.00 -5.09
C LYS A 59 -1.49 -16.95 -6.61
N ASP A 60 -2.29 -16.01 -7.10
CA ASP A 60 -2.52 -15.85 -8.52
C ASP A 60 -1.53 -14.84 -9.12
N ARG A 61 -0.35 -14.76 -8.52
CA ARG A 61 0.68 -13.84 -8.99
C ARG A 61 0.06 -12.56 -9.55
N ARG A 62 -0.98 -12.08 -8.89
CA ARG A 62 -1.67 -10.87 -9.32
C ARG A 62 -0.75 -9.65 -9.22
N TRP A 63 0.22 -9.72 -8.31
CA TRP A 63 1.15 -8.63 -8.11
C TRP A 63 1.44 -7.91 -9.43
N ALA A 64 1.66 -8.70 -10.48
CA ALA A 64 1.95 -8.14 -11.80
C ALA A 64 0.86 -7.16 -12.23
N ARG A 65 -0.36 -7.66 -12.36
CA ARG A 65 -1.49 -6.83 -12.76
C ARG A 65 -1.70 -5.67 -11.78
N VAL A 66 -1.64 -5.98 -10.50
CA VAL A 66 -1.81 -4.97 -9.46
C VAL A 66 -0.86 -3.81 -9.66
N ALA A 67 0.37 -4.12 -10.04
CA ALA A 67 1.40 -3.10 -10.27
C ALA A 67 1.02 -2.20 -11.44
N GLN A 68 0.72 -2.82 -12.58
CA GLN A 68 0.35 -2.08 -13.78
C GLN A 68 -0.88 -1.22 -13.53
N ARG A 69 -1.81 -1.74 -12.72
CA ARG A 69 -3.04 -1.02 -12.40
C ARG A 69 -2.75 0.18 -11.52
N LEU A 70 -1.68 0.09 -10.73
CA LEU A 70 -1.28 1.17 -9.84
C LEU A 70 -0.58 2.29 -10.61
N HIS A 71 -0.62 2.21 -11.93
CA HIS A 71 0.01 3.20 -12.78
C HIS A 71 1.52 3.23 -12.57
N TYR A 72 2.11 2.04 -12.38
CA TYR A 72 3.54 1.93 -12.16
C TYR A 72 4.29 1.77 -13.48
N PRO A 73 5.59 2.10 -13.47
CA PRO A 73 6.44 2.01 -14.66
C PRO A 73 6.70 0.56 -15.07
N PRO A 74 6.18 0.17 -16.24
CA PRO A 74 6.35 -1.18 -16.77
C PRO A 74 7.79 -1.46 -17.21
N GLY A 75 8.31 -2.61 -16.79
CA GLY A 75 9.67 -2.97 -17.15
C GLY A 75 10.47 -3.48 -15.96
N LYS A 76 10.73 -2.60 -15.01
CA LYS A 76 11.48 -2.96 -13.81
C LYS A 76 10.67 -3.88 -12.91
N ASN A 77 11.32 -4.87 -12.33
CA ASN A 77 10.66 -5.81 -11.43
C ASN A 77 10.14 -5.11 -10.18
N ILE A 78 9.03 -4.39 -10.34
CA ILE A 78 8.42 -3.67 -9.22
C ILE A 78 7.59 -4.61 -8.35
N GLY A 79 6.88 -5.52 -8.99
CA GLY A 79 6.05 -6.46 -8.26
C GLY A 79 6.67 -6.90 -6.95
N SER A 80 7.93 -7.34 -7.02
CA SER A 80 8.65 -7.78 -5.83
C SER A 80 8.69 -6.68 -4.78
N LEU A 81 9.19 -5.52 -5.16
CA LEU A 81 9.29 -4.38 -4.25
C LEU A 81 8.00 -4.21 -3.46
N LEU A 82 6.87 -4.17 -4.17
CA LEU A 82 5.57 -4.01 -3.53
C LEU A 82 5.36 -5.07 -2.46
N ARG A 83 5.27 -6.33 -2.88
CA ARG A 83 5.07 -7.43 -1.95
C ARG A 83 5.85 -7.20 -0.65
N SER A 84 7.07 -6.71 -0.78
CA SER A 84 7.92 -6.45 0.38
C SER A 84 7.32 -5.34 1.25
N HIS A 85 7.32 -4.12 0.72
CA HIS A 85 6.78 -2.98 1.44
C HIS A 85 5.46 -3.34 2.12
N TYR A 86 4.66 -4.16 1.46
CA TYR A 86 3.37 -4.58 1.99
C TYR A 86 3.56 -5.55 3.16
N GLU A 87 4.47 -6.51 2.98
CA GLU A 87 4.74 -7.51 4.01
C GLU A 87 5.66 -6.93 5.09
N ARG A 88 6.18 -5.73 4.83
CA ARG A 88 7.08 -5.08 5.79
C ARG A 88 6.36 -3.92 6.48
N ILE A 89 5.43 -3.30 5.78
CA ILE A 89 4.68 -2.18 6.33
C ILE A 89 3.21 -2.54 6.54
N ILE A 90 2.54 -2.93 5.45
CA ILE A 90 1.14 -3.31 5.52
C ILE A 90 0.95 -4.60 6.31
N TYR A 91 2.06 -5.27 6.59
CA TYR A 91 2.02 -6.52 7.35
C TYR A 91 1.76 -6.26 8.82
N PRO A 92 2.67 -5.52 9.46
CA PRO A 92 2.56 -5.17 10.89
C PRO A 92 1.44 -4.18 11.16
N TYR A 93 1.12 -3.37 10.16
CA TYR A 93 0.06 -2.37 10.29
C TYR A 93 -1.31 -3.04 10.40
N GLU A 94 -1.52 -4.07 9.58
CA GLU A 94 -2.78 -4.79 9.58
C GLU A 94 -2.91 -5.66 10.83
N MET A 95 -1.98 -6.60 10.99
CA MET A 95 -2.00 -7.49 12.15
C MET A 95 -2.20 -6.71 13.43
N PHE A 96 -1.52 -5.58 13.56
CA PHE A 96 -1.65 -4.74 14.75
C PHE A 96 -3.04 -4.15 14.87
N GLN A 97 -3.56 -3.65 13.75
CA GLN A 97 -4.89 -3.06 13.72
C GLN A 97 -5.92 -4.05 13.20
N SER A 98 -5.77 -5.32 13.59
CA SER A 98 -6.67 -6.37 13.16
C SER A 98 -8.00 -6.29 13.91
N GLY A 99 -7.90 -6.33 15.24
CA GLY A 99 -9.10 -6.25 16.07
C GLY A 99 -9.01 -7.16 17.28
N ALA A 100 -8.77 -8.44 17.05
CA ALA A 100 -8.66 -9.41 18.13
C ALA A 100 -7.45 -10.32 17.94
N GLY A 1 -18.04 20.45 -15.36
CA GLY A 1 -17.95 20.02 -13.99
C GLY A 1 -17.69 18.53 -13.86
N SER A 2 -16.86 18.17 -12.89
CA SER A 2 -16.52 16.77 -12.66
C SER A 2 -17.42 16.15 -11.59
N SER A 3 -18.61 15.73 -12.01
CA SER A 3 -19.57 15.13 -11.10
C SER A 3 -19.04 13.79 -10.57
N GLY A 4 -19.65 13.32 -9.48
CA GLY A 4 -19.24 12.06 -8.89
C GLY A 4 -18.23 12.25 -7.77
N SER A 5 -18.26 11.35 -6.80
CA SER A 5 -17.35 11.43 -5.66
C SER A 5 -15.91 11.62 -6.13
N SER A 6 -15.27 12.67 -5.62
CA SER A 6 -13.90 12.99 -5.99
C SER A 6 -13.28 13.95 -4.99
N GLY A 7 -12.10 13.59 -4.48
CA GLY A 7 -11.42 14.44 -3.52
C GLY A 7 -10.53 13.66 -2.58
N THR A 8 -9.26 14.04 -2.51
CA THR A 8 -8.30 13.37 -1.64
C THR A 8 -8.71 13.48 -0.17
N ARG A 9 -9.39 12.46 0.34
CA ARG A 9 -9.84 12.45 1.73
C ARG A 9 -9.33 11.22 2.46
N VAL A 10 -9.52 10.05 1.84
CA VAL A 10 -9.08 8.80 2.43
C VAL A 10 -7.60 8.56 2.17
N LYS A 11 -7.14 8.90 0.97
CA LYS A 11 -5.74 8.72 0.61
C LYS A 11 -4.83 9.02 1.79
N LEU A 12 -5.25 9.96 2.63
CA LEU A 12 -4.46 10.33 3.81
C LEU A 12 -4.87 9.50 5.02
N ASN A 13 -6.16 9.19 5.11
CA ASN A 13 -6.67 8.39 6.22
C ASN A 13 -5.86 7.12 6.40
N TYR A 14 -5.30 6.62 5.31
CA TYR A 14 -4.50 5.40 5.34
C TYR A 14 -3.09 5.69 5.87
N LEU A 15 -2.64 6.93 5.70
CA LEU A 15 -1.32 7.35 6.17
C LEU A 15 -1.33 7.62 7.67
N ASP A 16 -2.44 8.18 8.15
CA ASP A 16 -2.57 8.50 9.57
C ASP A 16 -2.90 7.25 10.38
N GLN A 17 -3.88 6.48 9.90
CA GLN A 17 -4.29 5.26 10.58
C GLN A 17 -3.10 4.33 10.80
N ILE A 18 -2.29 4.15 9.76
CA ILE A 18 -1.12 3.29 9.84
C ILE A 18 -0.02 3.93 10.68
N ALA A 19 0.04 5.26 10.64
CA ALA A 19 1.05 6.00 11.39
C ALA A 19 0.79 5.88 12.89
N LYS A 20 -0.40 6.29 13.32
CA LYS A 20 -0.77 6.24 14.72
C LYS A 20 -0.28 4.94 15.37
N PHE A 21 -0.22 3.87 14.58
CA PHE A 21 0.23 2.58 15.06
C PHE A 21 1.76 2.53 15.16
N TRP A 22 2.42 3.07 14.14
CA TRP A 22 3.89 3.09 14.11
C TRP A 22 4.44 4.03 15.18
N GLU A 23 4.00 5.28 15.14
CA GLU A 23 4.44 6.28 16.10
C GLU A 23 4.47 5.70 17.52
N ILE A 24 3.53 4.81 17.81
CA ILE A 24 3.44 4.19 19.12
C ILE A 24 4.55 3.15 19.31
N GLN A 25 4.66 2.24 18.34
CA GLN A 25 5.69 1.20 18.39
C GLN A 25 7.03 1.77 18.86
N GLY A 26 7.42 2.89 18.27
CA GLY A 26 8.68 3.51 18.64
C GLY A 26 9.47 3.98 17.44
N SER A 27 8.76 4.37 16.39
CA SER A 27 9.40 4.84 15.16
C SER A 27 8.42 5.64 14.30
N SER A 28 8.96 6.42 13.38
CA SER A 28 8.13 7.24 12.49
C SER A 28 7.77 6.47 11.24
N LEU A 29 6.66 6.87 10.61
CA LEU A 29 6.19 6.22 9.39
C LEU A 29 6.76 6.90 8.16
N LYS A 30 7.76 6.28 7.54
CA LYS A 30 8.39 6.83 6.34
C LYS A 30 7.80 6.20 5.08
N ILE A 31 7.84 6.94 3.98
CA ILE A 31 7.32 6.45 2.71
C ILE A 31 8.43 6.31 1.68
N PRO A 32 8.57 5.10 1.12
CA PRO A 32 9.59 4.81 0.10
C PRO A 32 9.29 5.51 -1.23
N ASN A 33 10.35 5.87 -1.95
CA ASN A 33 10.20 6.53 -3.23
C ASN A 33 10.38 5.54 -4.38
N VAL A 34 9.36 5.42 -5.21
CA VAL A 34 9.40 4.50 -6.35
C VAL A 34 9.26 5.26 -7.67
N GLU A 35 9.92 4.76 -8.71
CA GLU A 35 9.86 5.39 -10.02
C GLU A 35 9.92 6.90 -9.90
N ARG A 36 10.93 7.40 -9.19
CA ARG A 36 11.10 8.83 -9.00
C ARG A 36 9.78 9.48 -8.62
N LYS A 37 9.00 8.79 -7.80
CA LYS A 37 7.70 9.31 -7.36
C LYS A 37 7.23 8.58 -6.11
N ILE A 38 6.45 9.28 -5.29
CA ILE A 38 5.93 8.70 -4.05
C ILE A 38 5.14 7.43 -4.33
N LEU A 39 5.23 6.48 -3.42
CA LEU A 39 4.52 5.20 -3.57
C LEU A 39 3.12 5.28 -2.93
N ASP A 40 2.11 4.88 -3.69
CA ASP A 40 0.74 4.89 -3.19
C ASP A 40 0.46 3.70 -2.30
N LEU A 41 1.12 3.66 -1.14
CA LEU A 41 0.95 2.56 -0.20
C LEU A 41 -0.52 2.36 0.14
N TYR A 42 -1.31 3.41 -0.05
CA TYR A 42 -2.75 3.34 0.24
C TYR A 42 -3.47 2.51 -0.81
N SER A 43 -3.37 2.92 -2.06
CA SER A 43 -4.02 2.22 -3.16
C SER A 43 -3.60 0.75 -3.19
N LEU A 44 -2.31 0.50 -2.96
CA LEU A 44 -1.78 -0.85 -2.95
C LEU A 44 -2.59 -1.75 -2.01
N SER A 45 -2.68 -1.34 -0.76
CA SER A 45 -3.41 -2.10 0.24
C SER A 45 -4.88 -2.25 -0.16
N LYS A 46 -5.47 -1.17 -0.65
CA LYS A 46 -6.87 -1.18 -1.07
C LYS A 46 -7.09 -2.22 -2.16
N ILE A 47 -6.42 -2.05 -3.29
CA ILE A 47 -6.55 -2.98 -4.40
C ILE A 47 -6.39 -4.43 -3.94
N VAL A 48 -5.50 -4.64 -2.97
CA VAL A 48 -5.27 -5.97 -2.43
C VAL A 48 -6.45 -6.45 -1.59
N ILE A 49 -6.91 -5.59 -0.68
CA ILE A 49 -8.04 -5.92 0.18
C ILE A 49 -9.29 -6.16 -0.63
N GLU A 50 -9.47 -5.38 -1.70
CA GLU A 50 -10.64 -5.51 -2.56
C GLU A 50 -10.55 -6.77 -3.41
N GLU A 51 -9.45 -6.91 -4.14
CA GLU A 51 -9.24 -8.07 -5.00
C GLU A 51 -9.74 -9.34 -4.32
N GLY A 52 -9.26 -9.59 -3.11
CA GLY A 52 -9.66 -10.77 -2.38
C GLY A 52 -8.67 -11.16 -1.30
N GLY A 53 -8.04 -10.16 -0.69
CA GLY A 53 -7.08 -10.42 0.36
C GLY A 53 -5.65 -10.45 -0.17
N TYR A 54 -4.69 -10.66 0.73
CA TYR A 54 -3.28 -10.70 0.34
C TYR A 54 -2.91 -12.07 -0.20
N GLU A 55 -3.44 -13.12 0.43
CA GLU A 55 -3.16 -14.49 -0.01
C GLU A 55 -3.75 -14.76 -1.39
N ALA A 56 -4.96 -14.30 -1.60
CA ALA A 56 -5.64 -14.49 -2.88
C ALA A 56 -4.81 -13.92 -4.03
N ILE A 57 -4.59 -12.60 -3.98
CA ILE A 57 -3.81 -11.93 -5.01
C ILE A 57 -2.39 -12.49 -5.11
N CYS A 58 -1.86 -12.90 -3.96
CA CYS A 58 -0.51 -13.47 -3.90
C CYS A 58 -0.48 -14.85 -4.56
N LYS A 59 -1.61 -15.55 -4.52
CA LYS A 59 -1.70 -16.88 -5.10
C LYS A 59 -1.92 -16.80 -6.62
N ASP A 60 -2.69 -15.80 -7.04
CA ASP A 60 -2.96 -15.60 -8.46
C ASP A 60 -1.94 -14.67 -9.09
N ARG A 61 -0.77 -14.55 -8.46
CA ARG A 61 0.29 -13.70 -8.95
C ARG A 61 -0.29 -12.44 -9.61
N ARG A 62 -1.18 -11.76 -8.90
CA ARG A 62 -1.81 -10.56 -9.42
C ARG A 62 -0.88 -9.35 -9.26
N TRP A 63 0.10 -9.48 -8.37
CA TRP A 63 1.06 -8.40 -8.13
C TRP A 63 1.38 -7.67 -9.42
N ALA A 64 1.56 -8.42 -10.50
CA ALA A 64 1.88 -7.83 -11.80
C ALA A 64 0.82 -6.80 -12.21
N ARG A 65 -0.43 -7.24 -12.23
CA ARG A 65 -1.53 -6.35 -12.61
C ARG A 65 -1.73 -5.25 -11.57
N VAL A 66 -1.62 -5.62 -10.30
CA VAL A 66 -1.79 -4.66 -9.21
C VAL A 66 -0.89 -3.43 -9.42
N ALA A 67 0.34 -3.67 -9.82
CA ALA A 67 1.29 -2.58 -10.05
C ALA A 67 0.91 -1.80 -11.31
N GLN A 68 0.75 -2.51 -12.41
CA GLN A 68 0.39 -1.86 -13.68
C GLN A 68 -0.89 -1.04 -13.53
N ARG A 69 -1.69 -1.39 -12.53
CA ARG A 69 -2.94 -0.70 -12.28
C ARG A 69 -2.69 0.73 -11.79
N LEU A 70 -1.59 0.90 -11.07
CA LEU A 70 -1.23 2.22 -10.54
C LEU A 70 -0.36 2.98 -11.54
N HIS A 71 -0.50 2.66 -12.82
CA HIS A 71 0.27 3.32 -13.87
C HIS A 71 1.76 3.09 -13.66
N TYR A 72 2.14 1.83 -13.48
CA TYR A 72 3.55 1.49 -13.28
C TYR A 72 4.16 0.89 -14.54
N PRO A 73 5.47 1.09 -14.72
CA PRO A 73 6.20 0.58 -15.88
C PRO A 73 6.33 -0.94 -15.87
N PRO A 74 5.68 -1.60 -16.83
CA PRO A 74 5.71 -3.06 -16.96
C PRO A 74 7.07 -3.58 -17.40
N GLY A 75 7.85 -4.05 -16.43
CA GLY A 75 9.18 -4.58 -16.74
C GLY A 75 10.07 -4.66 -15.52
N LYS A 76 10.47 -3.51 -15.00
CA LYS A 76 11.34 -3.46 -13.82
C LYS A 76 10.75 -4.29 -12.69
N ASN A 77 11.62 -4.80 -11.83
CA ASN A 77 11.19 -5.62 -10.69
C ASN A 77 10.37 -4.78 -9.71
N ILE A 78 9.13 -4.50 -10.08
CA ILE A 78 8.24 -3.71 -9.23
C ILE A 78 7.41 -4.61 -8.31
N GLY A 79 6.71 -5.57 -8.92
CA GLY A 79 5.89 -6.48 -8.15
C GLY A 79 6.51 -6.84 -6.81
N SER A 80 7.76 -7.28 -6.85
CA SER A 80 8.47 -7.67 -5.64
C SER A 80 8.54 -6.50 -4.66
N LEU A 81 9.10 -5.38 -5.11
CA LEU A 81 9.23 -4.20 -4.28
C LEU A 81 7.96 -3.97 -3.47
N LEU A 82 6.82 -4.00 -4.14
CA LEU A 82 5.53 -3.78 -3.49
C LEU A 82 5.30 -4.82 -2.40
N ARG A 83 5.17 -6.09 -2.80
CA ARG A 83 4.95 -7.17 -1.85
C ARG A 83 5.78 -6.96 -0.59
N SER A 84 7.04 -6.61 -0.76
CA SER A 84 7.94 -6.38 0.36
C SER A 84 7.42 -5.26 1.26
N HIS A 85 7.33 -4.06 0.70
CA HIS A 85 6.85 -2.90 1.45
C HIS A 85 5.56 -3.24 2.21
N TYR A 86 4.81 -4.21 1.68
CA TYR A 86 3.56 -4.63 2.31
C TYR A 86 3.82 -5.64 3.42
N GLU A 87 4.87 -6.43 3.26
CA GLU A 87 5.23 -7.44 4.26
C GLU A 87 6.22 -6.86 5.28
N ARG A 88 6.73 -5.68 4.99
CA ARG A 88 7.67 -5.02 5.90
C ARG A 88 7.00 -3.88 6.65
N ILE A 89 6.01 -3.26 6.03
CA ILE A 89 5.29 -2.15 6.65
C ILE A 89 3.84 -2.54 6.96
N ILE A 90 3.13 -3.02 5.94
CA ILE A 90 1.74 -3.43 6.10
C ILE A 90 1.66 -4.79 6.78
N TYR A 91 2.81 -5.37 7.08
CA TYR A 91 2.86 -6.68 7.72
C TYR A 91 2.42 -6.59 9.18
N PRO A 92 3.15 -5.79 9.96
CA PRO A 92 2.86 -5.59 11.38
C PRO A 92 1.57 -4.80 11.61
N TYR A 93 1.31 -3.85 10.73
CA TYR A 93 0.12 -3.02 10.82
C TYR A 93 -1.15 -3.86 10.70
N GLU A 94 -1.14 -4.78 9.75
CA GLU A 94 -2.29 -5.66 9.53
C GLU A 94 -2.46 -6.65 10.68
N MET A 95 -1.40 -7.40 10.97
CA MET A 95 -1.43 -8.37 12.05
C MET A 95 -1.70 -7.68 13.39
N PHE A 96 -1.18 -6.48 13.55
CA PHE A 96 -1.37 -5.71 14.78
C PHE A 96 -2.81 -5.23 14.90
N GLN A 97 -3.26 -4.46 13.91
CA GLN A 97 -4.61 -3.93 13.91
C GLN A 97 -5.64 -5.04 14.10
N SER A 98 -5.48 -6.12 13.33
CA SER A 98 -6.39 -7.25 13.40
C SER A 98 -6.36 -7.88 14.80
N GLY A 99 -5.17 -8.31 15.21
CA GLY A 99 -5.02 -8.93 16.51
C GLY A 99 -4.89 -10.44 16.42
N ALA A 100 -4.07 -10.91 15.49
CA ALA A 100 -3.87 -12.34 15.31
C ALA A 100 -3.62 -13.03 16.65
N GLY A 1 -20.72 9.44 -15.42
CA GLY A 1 -19.81 10.43 -14.86
C GLY A 1 -20.48 11.32 -13.84
N SER A 2 -20.63 12.59 -14.18
CA SER A 2 -21.27 13.55 -13.27
C SER A 2 -20.84 13.30 -11.83
N SER A 3 -19.56 13.02 -11.63
CA SER A 3 -19.03 12.75 -10.30
C SER A 3 -18.25 13.95 -9.78
N GLY A 4 -18.28 14.15 -8.46
CA GLY A 4 -17.58 15.26 -7.86
C GLY A 4 -17.79 15.33 -6.36
N SER A 5 -17.68 16.53 -5.80
CA SER A 5 -17.84 16.73 -4.37
C SER A 5 -17.13 15.64 -3.58
N SER A 6 -15.92 15.29 -4.04
CA SER A 6 -15.14 14.25 -3.38
C SER A 6 -13.73 14.75 -3.08
N GLY A 7 -13.23 14.43 -1.89
CA GLY A 7 -11.89 14.85 -1.51
C GLY A 7 -11.16 13.80 -0.71
N THR A 8 -10.03 14.18 -0.13
CA THR A 8 -9.22 13.26 0.67
C THR A 8 -9.88 12.98 2.02
N ARG A 9 -10.59 11.86 2.11
CA ARG A 9 -11.27 11.49 3.34
C ARG A 9 -10.67 10.21 3.92
N VAL A 10 -10.66 9.14 3.13
CA VAL A 10 -10.12 7.87 3.57
C VAL A 10 -8.63 7.77 3.26
N LYS A 11 -8.24 8.27 2.10
CA LYS A 11 -6.84 8.25 1.68
C LYS A 11 -5.92 8.62 2.85
N LEU A 12 -6.45 9.40 3.78
CA LEU A 12 -5.68 9.83 4.94
C LEU A 12 -5.85 8.86 6.10
N ASN A 13 -7.10 8.49 6.37
CA ASN A 13 -7.41 7.56 7.45
C ASN A 13 -6.42 6.40 7.48
N TYR A 14 -6.02 5.96 6.28
CA TYR A 14 -5.08 4.85 6.16
C TYR A 14 -3.67 5.27 6.59
N LEU A 15 -3.34 6.53 6.33
CA LEU A 15 -2.03 7.07 6.69
C LEU A 15 -1.99 7.47 8.15
N ASP A 16 -2.87 8.38 8.54
CA ASP A 16 -2.94 8.84 9.92
C ASP A 16 -3.05 7.67 10.89
N GLN A 17 -3.60 6.56 10.40
CA GLN A 17 -3.76 5.36 11.21
C GLN A 17 -2.45 4.62 11.37
N ILE A 18 -1.95 4.06 10.27
CA ILE A 18 -0.69 3.33 10.29
C ILE A 18 0.39 4.10 11.03
N ALA A 19 0.37 5.43 10.88
CA ALA A 19 1.35 6.29 11.54
C ALA A 19 1.16 6.27 13.06
N LYS A 20 -0.09 6.44 13.49
CA LYS A 20 -0.40 6.45 14.92
C LYS A 20 0.15 5.20 15.60
N PHE A 21 0.30 4.13 14.83
CA PHE A 21 0.81 2.87 15.37
C PHE A 21 2.34 2.90 15.45
N TRP A 22 2.98 3.27 14.35
CA TRP A 22 4.43 3.34 14.30
C TRP A 22 4.96 4.41 15.25
N GLU A 23 4.48 5.63 15.08
CA GLU A 23 4.91 6.75 15.92
C GLU A 23 5.01 6.31 17.38
N ILE A 24 4.20 5.33 17.76
CA ILE A 24 4.20 4.83 19.13
C ILE A 24 5.37 3.88 19.36
N GLN A 25 5.53 2.92 18.46
CA GLN A 25 6.61 1.95 18.56
C GLN A 25 7.95 2.64 18.78
N GLY A 26 8.20 3.70 18.02
CA GLY A 26 9.44 4.44 18.15
C GLY A 26 9.97 4.91 16.82
N SER A 27 9.98 4.02 15.83
CA SER A 27 10.47 4.35 14.50
C SER A 27 9.39 5.03 13.67
N SER A 28 9.55 6.33 13.43
CA SER A 28 8.59 7.10 12.66
C SER A 28 8.28 6.40 11.34
N LEU A 29 7.17 6.79 10.73
CA LEU A 29 6.75 6.21 9.45
C LEU A 29 7.40 6.93 8.28
N LYS A 30 8.46 6.35 7.73
CA LYS A 30 9.17 6.94 6.60
C LYS A 30 8.80 6.24 5.31
N ILE A 31 8.00 6.92 4.48
CA ILE A 31 7.57 6.36 3.21
C ILE A 31 8.74 6.28 2.23
N PRO A 32 8.98 5.07 1.70
CA PRO A 32 10.06 4.82 0.74
C PRO A 32 9.80 5.47 -0.61
N ASN A 33 10.88 5.82 -1.31
CA ASN A 33 10.76 6.45 -2.62
C ASN A 33 11.00 5.44 -3.75
N VAL A 34 9.95 5.12 -4.48
CA VAL A 34 10.05 4.16 -5.58
C VAL A 34 9.67 4.81 -6.90
N GLU A 35 10.44 4.51 -7.94
CA GLU A 35 10.18 5.05 -9.27
C GLU A 35 10.24 6.58 -9.24
N ARG A 36 11.35 7.12 -8.76
CA ARG A 36 11.52 8.57 -8.67
C ARG A 36 10.21 9.25 -8.34
N LYS A 37 9.46 8.68 -7.39
CA LYS A 37 8.18 9.23 -6.99
C LYS A 37 7.68 8.56 -5.71
N ILE A 38 6.93 9.31 -4.92
CA ILE A 38 6.38 8.79 -3.67
C ILE A 38 5.53 7.54 -3.92
N LEU A 39 5.59 6.60 -2.98
CA LEU A 39 4.83 5.35 -3.10
C LEU A 39 3.49 5.48 -2.39
N ASP A 40 2.50 4.74 -2.88
CA ASP A 40 1.17 4.76 -2.29
C ASP A 40 0.89 3.46 -1.54
N LEU A 41 0.58 3.58 -0.25
CA LEU A 41 0.29 2.42 0.57
C LEU A 41 -1.21 2.22 0.72
N TYR A 42 -1.96 3.31 0.63
CA TYR A 42 -3.42 3.25 0.75
C TYR A 42 -4.03 2.50 -0.43
N SER A 43 -3.84 3.04 -1.62
CA SER A 43 -4.37 2.43 -2.83
C SER A 43 -3.99 0.95 -2.92
N LEU A 44 -2.70 0.68 -2.91
CA LEU A 44 -2.19 -0.70 -2.97
C LEU A 44 -3.08 -1.63 -2.16
N SER A 45 -3.14 -1.40 -0.85
CA SER A 45 -3.95 -2.23 0.04
C SER A 45 -5.37 -2.36 -0.50
N LYS A 46 -6.00 -1.23 -0.77
CA LYS A 46 -7.36 -1.23 -1.29
C LYS A 46 -7.49 -2.15 -2.50
N ILE A 47 -6.52 -2.08 -3.39
CA ILE A 47 -6.52 -2.91 -4.59
C ILE A 47 -6.46 -4.40 -4.23
N VAL A 48 -5.53 -4.75 -3.35
CA VAL A 48 -5.37 -6.14 -2.92
C VAL A 48 -6.65 -6.67 -2.29
N ILE A 49 -7.11 -6.00 -1.24
CA ILE A 49 -8.33 -6.41 -0.54
C ILE A 49 -9.47 -6.62 -1.54
N GLU A 50 -9.63 -5.69 -2.46
CA GLU A 50 -10.68 -5.77 -3.46
C GLU A 50 -10.49 -6.99 -4.35
N GLU A 51 -9.34 -7.07 -5.01
CA GLU A 51 -9.03 -8.17 -5.90
C GLU A 51 -9.56 -9.49 -5.31
N GLY A 52 -9.17 -9.79 -4.08
CA GLY A 52 -9.62 -11.00 -3.44
C GLY A 52 -8.70 -11.44 -2.31
N GLY A 53 -8.18 -10.47 -1.57
CA GLY A 53 -7.29 -10.76 -0.47
C GLY A 53 -5.83 -10.81 -0.90
N TYR A 54 -4.96 -11.21 0.02
CA TYR A 54 -3.53 -11.29 -0.27
C TYR A 54 -3.17 -12.66 -0.83
N GLU A 55 -3.49 -13.70 -0.08
CA GLU A 55 -3.19 -15.07 -0.51
C GLU A 55 -3.70 -15.32 -1.93
N ALA A 56 -4.84 -14.70 -2.25
CA ALA A 56 -5.43 -14.86 -3.57
C ALA A 56 -4.56 -14.22 -4.65
N ILE A 57 -4.53 -12.88 -4.66
CA ILE A 57 -3.73 -12.15 -5.63
C ILE A 57 -2.29 -12.65 -5.66
N CYS A 58 -1.81 -13.10 -4.52
CA CYS A 58 -0.44 -13.62 -4.40
C CYS A 58 -0.30 -14.94 -5.14
N LYS A 59 -1.35 -15.76 -5.08
CA LYS A 59 -1.34 -17.06 -5.74
C LYS A 59 -1.40 -16.90 -7.26
N ASP A 60 -2.28 -15.99 -7.71
CA ASP A 60 -2.44 -15.74 -9.13
C ASP A 60 -1.41 -14.74 -9.63
N ARG A 61 -0.30 -14.62 -8.91
CA ARG A 61 0.76 -13.69 -9.27
C ARG A 61 0.17 -12.41 -9.90
N ARG A 62 -0.96 -11.96 -9.36
CA ARG A 62 -1.62 -10.77 -9.86
C ARG A 62 -0.75 -9.53 -9.62
N TRP A 63 0.19 -9.65 -8.70
CA TRP A 63 1.09 -8.53 -8.37
C TRP A 63 1.41 -7.72 -9.61
N ALA A 64 1.57 -8.40 -10.74
CA ALA A 64 1.89 -7.74 -11.99
C ALA A 64 0.82 -6.71 -12.36
N ARG A 65 -0.42 -7.17 -12.45
CA ARG A 65 -1.54 -6.30 -12.80
C ARG A 65 -1.69 -5.17 -11.78
N VAL A 66 -1.59 -5.53 -10.50
CA VAL A 66 -1.70 -4.57 -9.41
C VAL A 66 -0.67 -3.46 -9.54
N ALA A 67 0.51 -3.81 -10.05
CA ALA A 67 1.59 -2.85 -10.23
C ALA A 67 1.25 -1.85 -11.33
N GLN A 68 1.01 -2.35 -12.53
CA GLN A 68 0.67 -1.50 -13.66
C GLN A 68 -0.51 -0.59 -13.33
N ARG A 69 -1.41 -1.09 -12.48
CA ARG A 69 -2.59 -0.33 -12.08
C ARG A 69 -2.19 1.04 -11.54
N LEU A 70 -1.09 1.09 -10.79
CA LEU A 70 -0.60 2.33 -10.21
C LEU A 70 0.27 3.09 -11.22
N HIS A 71 0.11 2.77 -12.50
CA HIS A 71 0.87 3.42 -13.55
C HIS A 71 2.36 3.12 -13.41
N TYR A 72 2.67 1.87 -13.08
CA TYR A 72 4.05 1.44 -12.90
C TYR A 72 4.63 0.93 -14.22
N PRO A 73 5.96 1.03 -14.36
CA PRO A 73 6.66 0.58 -15.57
C PRO A 73 6.67 -0.94 -15.70
N PRO A 74 5.99 -1.44 -16.74
CA PRO A 74 5.90 -2.88 -17.02
C PRO A 74 7.22 -3.47 -17.48
N GLY A 75 8.02 -3.93 -16.53
CA GLY A 75 9.31 -4.51 -16.86
C GLY A 75 10.15 -4.81 -15.62
N LYS A 76 10.69 -3.75 -15.02
CA LYS A 76 11.53 -3.90 -13.83
C LYS A 76 10.82 -4.76 -12.78
N ASN A 77 11.61 -5.42 -11.94
CA ASN A 77 11.06 -6.28 -10.88
C ASN A 77 10.32 -5.44 -9.84
N ILE A 78 9.08 -5.09 -10.14
CA ILE A 78 8.26 -4.30 -9.23
C ILE A 78 7.42 -5.19 -8.34
N GLY A 79 6.65 -6.09 -8.96
CA GLY A 79 5.80 -6.99 -8.20
C GLY A 79 6.44 -7.43 -6.90
N SER A 80 7.69 -7.87 -6.98
CA SER A 80 8.43 -8.33 -5.80
C SER A 80 8.56 -7.21 -4.79
N LEU A 81 9.10 -6.08 -5.23
CA LEU A 81 9.29 -4.93 -4.35
C LEU A 81 8.02 -4.65 -3.53
N LEU A 82 6.89 -4.57 -4.21
CA LEU A 82 5.62 -4.31 -3.55
C LEU A 82 5.36 -5.33 -2.46
N ARG A 83 5.18 -6.59 -2.85
CA ARG A 83 4.92 -7.66 -1.89
C ARG A 83 5.73 -7.44 -0.61
N SER A 84 7.00 -7.10 -0.77
CA SER A 84 7.88 -6.87 0.37
C SER A 84 7.34 -5.75 1.26
N HIS A 85 7.31 -4.54 0.71
CA HIS A 85 6.82 -3.38 1.45
C HIS A 85 5.60 -3.74 2.28
N TYR A 86 4.63 -4.41 1.65
CA TYR A 86 3.41 -4.81 2.33
C TYR A 86 3.73 -5.59 3.60
N GLU A 87 4.29 -6.78 3.44
CA GLU A 87 4.64 -7.62 4.57
C GLU A 87 5.68 -6.94 5.45
N ARG A 88 6.21 -5.83 4.97
CA ARG A 88 7.23 -5.08 5.71
C ARG A 88 6.58 -4.12 6.71
N ILE A 89 5.68 -3.29 6.21
CA ILE A 89 4.98 -2.33 7.07
C ILE A 89 3.49 -2.66 7.18
N ILE A 90 2.87 -2.94 6.04
CA ILE A 90 1.46 -3.29 6.01
C ILE A 90 1.17 -4.54 6.82
N TYR A 91 2.23 -5.27 7.16
CA TYR A 91 2.09 -6.49 7.94
C TYR A 91 1.85 -6.18 9.42
N PRO A 92 2.83 -5.53 10.06
CA PRO A 92 2.75 -5.15 11.47
C PRO A 92 1.72 -4.05 11.72
N TYR A 93 1.44 -3.27 10.67
CA TYR A 93 0.48 -2.17 10.77
C TYR A 93 -0.94 -2.71 10.83
N GLU A 94 -1.26 -3.64 9.94
CA GLU A 94 -2.60 -4.23 9.88
C GLU A 94 -2.85 -5.11 11.10
N MET A 95 -1.90 -6.00 11.40
CA MET A 95 -2.03 -6.89 12.54
C MET A 95 -2.12 -6.10 13.84
N PHE A 96 -1.35 -5.01 13.93
CA PHE A 96 -1.35 -4.18 15.12
C PHE A 96 -2.73 -3.57 15.37
N GLN A 97 -3.29 -2.96 14.33
CA GLN A 97 -4.62 -2.34 14.43
C GLN A 97 -5.68 -3.39 14.73
N SER A 98 -5.40 -4.63 14.36
CA SER A 98 -6.35 -5.72 14.57
C SER A 98 -6.45 -6.07 16.06
N GLY A 99 -5.32 -6.44 16.65
CA GLY A 99 -5.30 -6.79 18.06
C GLY A 99 -4.79 -8.20 18.31
N ALA A 100 -3.47 -8.32 18.47
CA ALA A 100 -2.86 -9.62 18.71
C ALA A 100 -2.53 -9.79 20.19
N GLY A 1 -6.78 23.93 0.47
CA GLY A 1 -7.29 22.69 -0.09
C GLY A 1 -8.47 22.93 -1.01
N SER A 2 -9.45 22.04 -0.96
CA SER A 2 -10.64 22.15 -1.80
C SER A 2 -11.88 21.66 -1.06
N SER A 3 -13.04 21.88 -1.65
CA SER A 3 -14.31 21.46 -1.05
C SER A 3 -15.35 21.16 -2.13
N GLY A 4 -15.90 19.95 -2.09
CA GLY A 4 -16.90 19.56 -3.06
C GLY A 4 -16.95 18.07 -3.27
N SER A 5 -16.21 17.58 -4.26
CA SER A 5 -16.17 16.15 -4.57
C SER A 5 -15.17 15.43 -3.68
N SER A 6 -15.10 14.11 -3.83
CA SER A 6 -14.19 13.30 -3.03
C SER A 6 -12.74 13.65 -3.33
N GLY A 7 -11.93 13.75 -2.27
CA GLY A 7 -10.53 14.09 -2.45
C GLY A 7 -9.63 13.28 -1.53
N THR A 8 -8.79 13.98 -0.75
CA THR A 8 -7.88 13.33 0.18
C THR A 8 -8.52 13.14 1.54
N ARG A 9 -9.79 12.75 1.54
CA ARG A 9 -10.52 12.53 2.79
C ARG A 9 -10.08 11.23 3.45
N VAL A 10 -10.22 10.13 2.73
CA VAL A 10 -9.84 8.82 3.24
C VAL A 10 -8.34 8.58 3.08
N LYS A 11 -7.80 9.01 1.95
CA LYS A 11 -6.37 8.84 1.66
C LYS A 11 -5.53 9.24 2.87
N LEU A 12 -6.08 10.11 3.71
CA LEU A 12 -5.38 10.58 4.90
C LEU A 12 -5.57 9.60 6.06
N ASN A 13 -6.80 9.16 6.26
CA ASN A 13 -7.11 8.21 7.33
C ASN A 13 -6.11 7.07 7.37
N TYR A 14 -5.90 6.45 6.21
CA TYR A 14 -4.96 5.33 6.11
C TYR A 14 -3.57 5.74 6.60
N LEU A 15 -3.22 7.00 6.38
CA LEU A 15 -1.92 7.52 6.80
C LEU A 15 -1.89 7.72 8.31
N ASP A 16 -2.72 8.62 8.80
CA ASP A 16 -2.79 8.91 10.23
C ASP A 16 -2.99 7.63 11.03
N GLN A 17 -3.71 6.67 10.44
CA GLN A 17 -3.98 5.40 11.10
C GLN A 17 -2.69 4.60 11.27
N ILE A 18 -2.15 4.12 10.16
CA ILE A 18 -0.92 3.33 10.19
C ILE A 18 0.17 4.04 10.99
N ALA A 19 0.24 5.36 10.82
CA ALA A 19 1.24 6.15 11.53
C ALA A 19 0.99 6.13 13.04
N LYS A 20 -0.28 6.22 13.43
CA LYS A 20 -0.65 6.20 14.83
C LYS A 20 -0.20 4.92 15.51
N PHE A 21 -0.02 3.87 14.71
CA PHE A 21 0.43 2.58 15.23
C PHE A 21 1.94 2.53 15.36
N TRP A 22 2.63 3.15 14.40
CA TRP A 22 4.08 3.18 14.40
C TRP A 22 4.61 4.19 15.40
N GLU A 23 4.19 5.45 15.24
CA GLU A 23 4.63 6.52 16.13
C GLU A 23 4.69 6.03 17.58
N ILE A 24 3.91 5.01 17.88
CA ILE A 24 3.88 4.45 19.23
C ILE A 24 5.03 3.47 19.45
N GLN A 25 5.18 2.54 18.52
CA GLN A 25 6.25 1.54 18.60
C GLN A 25 7.59 2.21 18.87
N GLY A 26 7.77 3.40 18.33
CA GLY A 26 9.02 4.14 18.53
C GLY A 26 9.61 4.64 17.22
N SER A 27 9.27 3.97 16.12
CA SER A 27 9.77 4.36 14.81
C SER A 27 8.70 5.09 14.01
N SER A 28 8.94 6.36 13.72
CA SER A 28 7.99 7.16 12.95
C SER A 28 7.63 6.48 11.64
N LEU A 29 6.59 6.99 10.99
CA LEU A 29 6.13 6.42 9.72
C LEU A 29 6.93 7.01 8.55
N LYS A 30 7.53 6.14 7.76
CA LYS A 30 8.31 6.56 6.60
C LYS A 30 7.83 5.87 5.33
N ILE A 31 7.67 6.64 4.26
CA ILE A 31 7.22 6.10 2.99
C ILE A 31 8.36 6.04 1.98
N PRO A 32 8.54 4.87 1.35
CA PRO A 32 9.59 4.65 0.35
C PRO A 32 9.33 5.42 -0.94
N ASN A 33 10.28 5.36 -1.86
CA ASN A 33 10.16 6.05 -3.13
C ASN A 33 10.35 5.07 -4.30
N VAL A 34 9.27 4.83 -5.03
CA VAL A 34 9.32 3.91 -6.18
C VAL A 34 9.05 4.66 -7.48
N GLU A 35 9.88 4.40 -8.48
CA GLU A 35 9.73 5.04 -9.79
C GLU A 35 9.84 6.56 -9.66
N ARG A 36 10.95 7.01 -9.08
CA ARG A 36 11.18 8.44 -8.89
C ARG A 36 9.88 9.16 -8.52
N LYS A 37 9.04 8.49 -7.73
CA LYS A 37 7.78 9.07 -7.30
C LYS A 37 7.29 8.42 -6.02
N ILE A 38 6.49 9.17 -5.25
CA ILE A 38 5.96 8.66 -3.99
C ILE A 38 5.11 7.41 -4.22
N LEU A 39 5.28 6.42 -3.35
CA LEU A 39 4.53 5.17 -3.45
C LEU A 39 3.12 5.35 -2.90
N ASP A 40 2.15 4.74 -3.57
CA ASP A 40 0.76 4.82 -3.15
C ASP A 40 0.42 3.68 -2.19
N LEU A 41 0.86 3.80 -0.94
CA LEU A 41 0.60 2.78 0.07
C LEU A 41 -0.90 2.63 0.31
N TYR A 42 -1.66 3.66 -0.01
CA TYR A 42 -3.10 3.65 0.17
C TYR A 42 -3.76 2.71 -0.84
N SER A 43 -3.68 3.08 -2.12
CA SER A 43 -4.28 2.29 -3.18
C SER A 43 -3.78 0.85 -3.13
N LEU A 44 -2.47 0.68 -3.13
CA LEU A 44 -1.86 -0.64 -3.09
C LEU A 44 -2.69 -1.58 -2.22
N SER A 45 -2.75 -1.28 -0.92
CA SER A 45 -3.50 -2.11 0.02
C SER A 45 -4.94 -2.30 -0.46
N LYS A 46 -5.60 -1.20 -0.77
CA LYS A 46 -6.98 -1.25 -1.24
C LYS A 46 -7.16 -2.31 -2.32
N ILE A 47 -6.34 -2.23 -3.36
CA ILE A 47 -6.39 -3.18 -4.46
C ILE A 47 -6.22 -4.61 -3.96
N VAL A 48 -5.21 -4.81 -3.10
CA VAL A 48 -4.94 -6.13 -2.54
C VAL A 48 -6.16 -6.68 -1.81
N ILE A 49 -6.59 -5.99 -0.78
CA ILE A 49 -7.75 -6.41 0.00
C ILE A 49 -8.98 -6.55 -0.89
N GLU A 50 -9.15 -5.62 -1.82
CA GLU A 50 -10.28 -5.64 -2.73
C GLU A 50 -10.29 -6.92 -3.56
N GLU A 51 -9.20 -7.16 -4.29
CA GLU A 51 -9.09 -8.34 -5.13
C GLU A 51 -9.55 -9.58 -4.37
N GLY A 52 -9.11 -9.71 -3.12
CA GLY A 52 -9.49 -10.86 -2.32
C GLY A 52 -8.44 -11.19 -1.27
N GLY A 53 -7.85 -10.16 -0.67
CA GLY A 53 -6.84 -10.37 0.34
C GLY A 53 -5.44 -10.41 -0.23
N TYR A 54 -4.47 -10.80 0.60
CA TYR A 54 -3.08 -10.87 0.17
C TYR A 54 -2.77 -12.25 -0.42
N GLU A 55 -3.26 -13.30 0.24
CA GLU A 55 -3.03 -14.66 -0.22
C GLU A 55 -3.70 -14.89 -1.57
N ALA A 56 -4.89 -14.34 -1.74
CA ALA A 56 -5.63 -14.49 -2.99
C ALA A 56 -4.83 -13.96 -4.17
N ILE A 57 -4.65 -12.64 -4.21
CA ILE A 57 -3.89 -12.01 -5.29
C ILE A 57 -2.54 -12.68 -5.47
N CYS A 58 -1.94 -13.12 -4.38
CA CYS A 58 -0.64 -13.78 -4.42
C CYS A 58 -0.74 -15.12 -5.12
N LYS A 59 -1.87 -15.80 -4.95
CA LYS A 59 -2.10 -17.10 -5.56
C LYS A 59 -2.20 -16.98 -7.08
N ASP A 60 -2.99 -16.02 -7.53
CA ASP A 60 -3.19 -15.78 -8.96
C ASP A 60 -2.07 -14.90 -9.52
N ARG A 61 -1.03 -14.70 -8.73
CA ARG A 61 0.10 -13.88 -9.15
C ARG A 61 -0.38 -12.59 -9.81
N ARG A 62 -1.22 -11.86 -9.09
CA ARG A 62 -1.76 -10.60 -9.60
C ARG A 62 -0.77 -9.47 -9.42
N TRP A 63 0.20 -9.67 -8.53
CA TRP A 63 1.23 -8.66 -8.27
C TRP A 63 1.57 -7.90 -9.54
N ALA A 64 1.74 -8.62 -10.64
CA ALA A 64 2.07 -8.01 -11.92
C ALA A 64 1.04 -6.97 -12.31
N ARG A 65 -0.23 -7.38 -12.30
CA ARG A 65 -1.33 -6.48 -12.67
C ARG A 65 -1.51 -5.39 -11.62
N VAL A 66 -1.61 -5.80 -10.35
CA VAL A 66 -1.78 -4.85 -9.25
C VAL A 66 -0.84 -3.66 -9.40
N ALA A 67 0.42 -3.94 -9.74
CA ALA A 67 1.41 -2.89 -9.91
C ALA A 67 1.11 -2.05 -11.14
N GLN A 68 0.94 -2.71 -12.29
CA GLN A 68 0.64 -2.01 -13.53
C GLN A 68 -0.60 -1.13 -13.39
N ARG A 69 -1.47 -1.50 -12.46
CA ARG A 69 -2.70 -0.76 -12.22
C ARG A 69 -2.40 0.65 -11.72
N LEU A 70 -1.24 0.79 -11.06
CA LEU A 70 -0.83 2.08 -10.53
C LEU A 70 -0.03 2.87 -11.55
N HIS A 71 -0.15 2.49 -12.82
CA HIS A 71 0.55 3.16 -13.90
C HIS A 71 2.06 2.98 -13.75
N TYR A 72 2.49 1.76 -13.49
CA TYR A 72 3.91 1.47 -13.32
C TYR A 72 4.53 0.97 -14.63
N PRO A 73 5.84 1.20 -14.78
CA PRO A 73 6.57 0.78 -15.98
C PRO A 73 6.73 -0.74 -16.07
N PRO A 74 6.20 -1.32 -17.15
CA PRO A 74 6.26 -2.77 -17.37
C PRO A 74 7.68 -3.24 -17.69
N GLY A 75 8.24 -4.06 -16.81
CA GLY A 75 9.58 -4.57 -17.02
C GLY A 75 10.33 -4.76 -15.72
N LYS A 76 10.59 -3.68 -15.01
CA LYS A 76 11.30 -3.73 -13.75
C LYS A 76 10.65 -4.73 -12.79
N ASN A 77 11.40 -5.17 -11.79
CA ASN A 77 10.90 -6.14 -10.82
C ASN A 77 10.06 -5.43 -9.76
N ILE A 78 9.08 -4.66 -10.19
CA ILE A 78 8.21 -3.93 -9.28
C ILE A 78 7.41 -4.89 -8.41
N GLY A 79 6.77 -5.87 -9.05
CA GLY A 79 5.98 -6.84 -8.32
C GLY A 79 6.59 -7.20 -6.97
N SER A 80 7.83 -7.67 -7.00
CA SER A 80 8.53 -8.05 -5.78
C SER A 80 8.61 -6.88 -4.80
N LEU A 81 9.25 -5.81 -5.23
CA LEU A 81 9.38 -4.62 -4.39
C LEU A 81 8.11 -4.36 -3.60
N LEU A 82 6.99 -4.24 -4.32
CA LEU A 82 5.70 -4.00 -3.69
C LEU A 82 5.43 -5.00 -2.57
N ARG A 83 5.28 -6.27 -2.94
CA ARG A 83 5.03 -7.33 -1.97
C ARG A 83 5.88 -7.14 -0.72
N SER A 84 7.17 -6.86 -0.92
CA SER A 84 8.10 -6.65 0.18
C SER A 84 7.63 -5.51 1.07
N HIS A 85 7.62 -4.30 0.50
CA HIS A 85 7.19 -3.12 1.25
C HIS A 85 5.97 -3.41 2.10
N TYR A 86 4.93 -3.94 1.46
CA TYR A 86 3.69 -4.28 2.16
C TYR A 86 3.98 -5.11 3.41
N GLU A 87 4.48 -6.32 3.19
CA GLU A 87 4.80 -7.22 4.30
C GLU A 87 5.90 -6.65 5.18
N ARG A 88 6.51 -5.56 4.71
CA ARG A 88 7.58 -4.91 5.45
C ARG A 88 7.02 -3.94 6.49
N ILE A 89 6.11 -3.07 6.05
CA ILE A 89 5.50 -2.09 6.93
C ILE A 89 4.01 -2.39 7.12
N ILE A 90 3.35 -2.77 6.03
CA ILE A 90 1.92 -3.09 6.08
C ILE A 90 1.68 -4.45 6.72
N TYR A 91 2.76 -5.11 7.12
CA TYR A 91 2.66 -6.42 7.75
C TYR A 91 2.13 -6.31 9.17
N PRO A 92 2.85 -5.58 10.03
CA PRO A 92 2.48 -5.38 11.43
C PRO A 92 1.25 -4.48 11.57
N TYR A 93 1.12 -3.52 10.65
CA TYR A 93 -0.01 -2.59 10.67
C TYR A 93 -1.32 -3.33 10.41
N GLU A 94 -1.28 -4.29 9.49
CA GLU A 94 -2.47 -5.06 9.15
C GLU A 94 -2.84 -6.02 10.27
N MET A 95 -1.87 -6.84 10.69
CA MET A 95 -2.09 -7.80 11.76
C MET A 95 -2.42 -7.10 13.07
N PHE A 96 -1.71 -6.01 13.35
CA PHE A 96 -1.93 -5.25 14.57
C PHE A 96 -3.35 -4.73 14.64
N GLN A 97 -3.79 -4.05 13.58
CA GLN A 97 -5.14 -3.50 13.51
C GLN A 97 -6.07 -4.44 12.77
N SER A 98 -5.94 -5.74 13.04
CA SER A 98 -6.78 -6.73 12.39
C SER A 98 -8.19 -6.73 12.97
N GLY A 99 -8.29 -6.93 14.28
CA GLY A 99 -9.57 -6.94 14.93
C GLY A 99 -9.49 -7.40 16.37
N ALA A 100 -8.93 -8.59 16.58
CA ALA A 100 -8.79 -9.15 17.92
C ALA A 100 -7.36 -9.59 18.18
#